data_5NOG
#
_entry.id   5NOG
#
_cell.length_a   1
_cell.length_b   1
_cell.length_c   1
_cell.angle_alpha   90
_cell.angle_beta   90
_cell.angle_gamma   90
#
_symmetry.space_group_name_H-M   'P 1'
#
loop_
_entity.id
_entity.type
_entity.pdbx_description
1 polymer 'Cardiac muscle alpha actin 1'
2 polymer 'cardiac alpha tropomyosin'
3 non-polymer "ADENOSINE-5'-DIPHOSPHATE"
4 non-polymer 'MAGNESIUM ION'
#
loop_
_entity_poly.entity_id
_entity_poly.type
_entity_poly.pdbx_seq_one_letter_code
_entity_poly.pdbx_strand_id
1 'polypeptide(L)'
;TTALVCDNGSGLVKAGFAGDDAPRAVFPSIVGRPRHQGVMVGMGQKDSYVGDEAQSKRGILTLKYPIE(HIC)GIITNWD
DMEKIWHHTFYNELRVAPEEHPTLLTEAPLNPKANREKMTQIMFETFNVPAMYVAIQAVLSLYASGRTTGIVLDSGDGVT
HNVPIYEGYALPHAIMRLDLAGRDLTDYLMKILTERGYSFVTTAEREIVRDIKEKLCYVALDFENEMATAASSSSLEKSY
ELPDGQVITIGNERFRCPETLFQPSFIGMESAGIHETTYNSIMKCDIDIRKDLYANNVLSGGTTMYPGIADRMQKEITAL
APSTMKIKIIAPPERKYSVWIGGSILASLSTFQQMWISKQEYDEAGPSIVH
;
A,B,C,D,E
2 'polypeptide(L)'
;(UNK)(UNK)(UNK)(UNK)(UNK)(UNK)(UNK)(UNK)(UNK)(UNK)(UNK)(UNK)(UNK)(UNK)(UNK)(UNK)
(UNK)(UNK)(UNK)(UNK)(UNK)(UNK)(UNK)(UNK)(UNK)(UNK)(UNK)(UNK)(UNK)(UNK)(UNK)(UNK)
(UNK)(UNK)(UNK)(UNK)(UNK)(UNK)(UNK)(UNK)(UNK)(UNK)(UNK)(UNK)(UNK)(UNK)(UNK)(UNK)
(UNK)(UNK)(UNK)(UNK)(UNK)(UNK)(UNK)(UNK)(UNK)(UNK)(UNK)(UNK)(UNK)(UNK)(UNK)(UNK)
(UNK)(UNK)(UNK)(UNK)(UNK)(UNK)(UNK)(UNK)(UNK)(UNK)(UNK)(UNK)(UNK)(UNK)(UNK)(UNK)
(UNK)(UNK)(UNK)(UNK)(UNK)(UNK)(UNK)(UNK)(UNK)(UNK)(UNK)(UNK)(UNK)(UNK)(UNK)(UNK)
(UNK)(UNK)(UNK)(UNK)(UNK)(UNK)(UNK)(UNK)(UNK)(UNK)(UNK)(UNK)(UNK)(UNK)(UNK)(UNK)
(UNK)(UNK)(UNK)(UNK)(UNK)(UNK)(UNK)(UNK)(UNK)(UNK)(UNK)(UNK)(UNK)(UNK)(UNK)(UNK)
(UNK)(UNK)(UNK)(UNK)(UNK)(UNK)(UNK)
;
F,G
#
loop_
_chem_comp.id
_chem_comp.type
_chem_comp.name
_chem_comp.formula
ADP non-polymer ADENOSINE-5'-DIPHOSPHATE 'C10 H15 N5 O10 P2'
MG non-polymer 'MAGNESIUM ION' 'Mg 2'
#
# COMPACT_ATOMS: atom_id res chain seq x y z
N THR A 1 24.08 2.82 -31.18
CA THR A 1 23.97 2.46 -29.77
C THR A 1 22.56 2.75 -29.24
N THR A 2 21.97 1.77 -28.58
CA THR A 2 20.64 1.91 -28.02
C THR A 2 20.72 2.53 -26.63
N ALA A 3 19.59 2.60 -25.93
CA ALA A 3 19.52 3.17 -24.60
C ALA A 3 19.03 2.13 -23.60
N LEU A 4 19.28 2.40 -22.32
CA LEU A 4 18.88 1.51 -21.24
C LEU A 4 17.64 2.07 -20.57
N VAL A 5 16.53 1.34 -20.65
CA VAL A 5 15.26 1.75 -20.07
C VAL A 5 15.07 0.96 -18.78
N CYS A 6 15.18 1.64 -17.64
CA CYS A 6 15.02 1.03 -16.34
C CYS A 6 13.89 1.71 -15.58
N ASP A 7 13.25 0.94 -14.70
CA ASP A 7 12.13 1.43 -13.88
C ASP A 7 12.45 1.09 -12.42
N ASN A 8 12.87 2.10 -11.66
CA ASN A 8 13.20 1.92 -10.25
C ASN A 8 11.98 2.22 -9.39
N GLY A 9 11.00 1.31 -9.48
CA GLY A 9 9.77 1.45 -8.73
C GLY A 9 9.59 0.38 -7.67
N SER A 10 8.64 0.58 -6.77
CA SER A 10 8.40 -0.39 -5.72
C SER A 10 7.66 -1.61 -6.27
N GLY A 11 7.97 -2.77 -5.73
CA GLY A 11 7.34 -4.01 -6.17
C GLY A 11 8.25 -4.86 -7.05
N LEU A 12 8.30 -4.51 -8.33
CA LEU A 12 9.11 -5.24 -9.31
C LEU A 12 10.03 -4.25 -10.03
N VAL A 13 11.01 -4.80 -10.73
CA VAL A 13 11.99 -4.03 -11.49
C VAL A 13 11.87 -4.41 -12.95
N LYS A 14 11.68 -3.41 -13.82
CA LYS A 14 11.56 -3.61 -15.26
C LYS A 14 12.71 -2.89 -15.94
N ALA A 15 13.71 -3.65 -16.37
CA ALA A 15 14.88 -3.11 -17.04
C ALA A 15 15.09 -3.83 -18.36
N GLY A 16 15.91 -3.22 -19.21
CA GLY A 16 16.21 -3.79 -20.51
C GLY A 16 16.59 -2.71 -21.50
N PHE A 17 17.00 -3.17 -22.68
CA PHE A 17 17.40 -2.26 -23.74
C PHE A 17 16.19 -1.62 -24.39
N ALA A 18 16.42 -0.49 -25.07
CA ALA A 18 15.36 0.23 -25.75
C ALA A 18 15.06 -0.40 -27.10
N GLY A 19 13.84 -0.18 -27.57
CA GLY A 19 13.41 -0.72 -28.85
C GLY A 19 12.81 -2.11 -28.80
N ASP A 20 12.79 -2.74 -27.63
CA ASP A 20 12.25 -4.08 -27.49
C ASP A 20 10.75 -4.01 -27.20
N ASP A 21 10.13 -5.16 -26.90
CA ASP A 21 8.71 -5.22 -26.61
C ASP A 21 8.38 -5.83 -25.26
N ALA A 22 9.34 -6.46 -24.59
CA ALA A 22 9.10 -7.08 -23.29
C ALA A 22 10.42 -7.19 -22.53
N PRO A 23 10.44 -6.84 -21.25
CA PRO A 23 11.68 -6.95 -20.48
C PRO A 23 12.13 -8.40 -20.35
N ARG A 24 13.44 -8.61 -20.38
CA ARG A 24 14.03 -9.93 -20.26
C ARG A 24 14.69 -10.17 -18.90
N ALA A 25 14.46 -9.27 -17.94
CA ALA A 25 15.06 -9.41 -16.62
C ALA A 25 14.16 -8.69 -15.61
N VAL A 26 13.41 -9.46 -14.83
CA VAL A 26 12.52 -8.92 -13.81
C VAL A 26 12.85 -9.59 -12.48
N PHE A 27 12.75 -8.82 -11.40
CA PHE A 27 13.04 -9.32 -10.07
C PHE A 27 12.43 -8.37 -9.05
N PRO A 28 11.95 -8.87 -7.91
CA PRO A 28 11.38 -7.98 -6.90
C PRO A 28 12.46 -7.17 -6.20
N SER A 29 12.04 -6.04 -5.63
CA SER A 29 12.94 -5.13 -4.92
C SER A 29 13.00 -5.56 -3.45
N ILE A 30 13.76 -6.63 -3.20
CA ILE A 30 13.93 -7.18 -1.87
C ILE A 30 15.42 -7.35 -1.59
N VAL A 31 15.78 -7.24 -0.31
CA VAL A 31 17.16 -7.39 0.13
C VAL A 31 17.23 -8.57 1.08
N GLY A 32 18.17 -9.47 0.84
CA GLY A 32 18.32 -10.66 1.66
C GLY A 32 19.34 -10.51 2.77
N ARG A 33 18.90 -10.61 4.02
CA ARG A 33 19.77 -10.52 5.17
C ARG A 33 19.59 -11.74 6.05
N PRO A 34 20.68 -12.31 6.58
CA PRO A 34 20.55 -13.51 7.41
C PRO A 34 19.89 -13.20 8.75
N ARG A 35 19.04 -14.12 9.19
CA ARG A 35 18.33 -13.97 10.46
C ARG A 35 19.17 -14.53 11.61
N HIS A 36 19.31 -15.85 11.65
CA HIS A 36 20.09 -16.51 12.70
C HIS A 36 21.56 -16.56 12.29
N GLN A 37 22.36 -17.32 13.03
CA GLN A 37 23.79 -17.46 12.76
C GLN A 37 24.11 -18.96 12.66
N GLY A 38 24.10 -19.49 11.44
CA GLY A 38 24.39 -20.89 11.24
C GLY A 38 25.87 -21.20 11.41
N VAL A 39 26.14 -22.41 11.89
CA VAL A 39 27.51 -22.85 12.13
C VAL A 39 27.89 -23.89 11.07
N MET A 40 28.49 -23.42 9.97
CA MET A 40 28.92 -24.29 8.90
C MET A 40 30.31 -23.84 8.45
N VAL A 41 30.90 -24.61 7.53
CA VAL A 41 32.22 -24.33 6.99
C VAL A 41 32.10 -24.25 5.47
N GLY A 42 32.31 -23.06 4.92
CA GLY A 42 32.21 -22.87 3.48
C GLY A 42 30.81 -22.63 2.97
N MET A 43 29.95 -22.02 3.77
CA MET A 43 28.58 -21.74 3.38
C MET A 43 28.48 -20.33 2.81
N GLY A 44 27.50 -20.14 1.92
CA GLY A 44 27.25 -18.83 1.33
C GLY A 44 28.38 -18.33 0.44
N GLN A 45 28.94 -17.18 0.79
CA GLN A 45 28.50 -16.41 1.96
C GLN A 45 27.36 -15.45 1.61
N LYS A 46 27.71 -14.38 0.88
CA LYS A 46 26.75 -13.37 0.47
C LYS A 46 26.04 -12.74 1.67
N ASP A 47 26.63 -11.68 2.22
CA ASP A 47 26.02 -11.04 3.39
C ASP A 47 24.70 -10.38 3.03
N SER A 48 24.64 -9.69 1.90
CA SER A 48 23.44 -8.99 1.44
C SER A 48 23.04 -9.53 0.08
N TYR A 49 22.00 -10.35 0.04
CA TYR A 49 21.52 -10.90 -1.22
C TYR A 49 20.77 -9.84 -2.02
N VAL A 50 20.68 -10.06 -3.32
CA VAL A 50 20.00 -9.14 -4.23
C VAL A 50 19.58 -9.89 -5.48
N GLY A 51 18.35 -9.67 -5.90
CA GLY A 51 17.81 -10.31 -7.09
C GLY A 51 16.70 -11.29 -6.77
N ASP A 52 16.49 -12.21 -7.70
CA ASP A 52 15.46 -13.23 -7.55
C ASP A 52 15.93 -14.44 -6.74
N GLU A 53 17.14 -14.40 -6.19
CA GLU A 53 17.64 -15.52 -5.41
C GLU A 53 16.96 -15.59 -4.03
N ALA A 54 16.54 -14.44 -3.49
CA ALA A 54 15.91 -14.42 -2.18
C ALA A 54 14.51 -15.03 -2.19
N GLN A 55 13.92 -15.26 -3.36
CA GLN A 55 12.60 -15.89 -3.41
C GLN A 55 12.65 -17.34 -2.99
N SER A 56 13.79 -18.01 -3.16
CA SER A 56 13.93 -19.40 -2.73
C SER A 56 14.26 -19.52 -1.25
N LYS A 57 14.68 -18.43 -0.61
CA LYS A 57 15.03 -18.42 0.81
C LYS A 57 14.31 -17.27 1.52
N ARG A 58 12.99 -17.21 1.35
CA ARG A 58 12.23 -16.14 1.98
C ARG A 58 12.14 -16.31 3.48
N GLY A 59 12.19 -17.55 3.98
CA GLY A 59 12.10 -17.77 5.40
C GLY A 59 13.37 -17.41 6.13
N ILE A 60 14.52 -17.82 5.59
CA ILE A 60 15.80 -17.53 6.23
C ILE A 60 16.14 -16.05 6.10
N LEU A 61 16.07 -15.51 4.89
CA LEU A 61 16.41 -14.13 4.65
C LEU A 61 15.30 -13.19 5.12
N THR A 62 15.71 -12.04 5.65
CA THR A 62 14.77 -11.04 6.15
C THR A 62 14.40 -10.11 5.01
N LEU A 63 13.17 -10.22 4.52
CA LEU A 63 12.72 -9.39 3.41
C LEU A 63 12.43 -7.98 3.90
N LYS A 64 12.86 -6.99 3.10
CA LYS A 64 12.65 -5.59 3.44
C LYS A 64 12.66 -4.77 2.17
N TYR A 65 11.65 -3.93 1.99
CA TYR A 65 11.56 -3.10 0.80
C TYR A 65 12.39 -1.83 0.99
N PRO A 66 13.38 -1.56 0.13
CA PRO A 66 14.17 -0.34 0.30
C PRO A 66 13.41 0.92 -0.05
N ILE A 67 12.43 0.83 -0.95
CA ILE A 67 11.62 1.98 -1.36
C ILE A 67 10.25 1.84 -0.73
N GLU A 68 9.77 2.91 -0.10
CA GLU A 68 8.47 2.90 0.57
C GLU A 68 7.56 4.01 0.04
N HIC A 69 6.53 3.61 -0.69
CA HIC A 69 5.55 4.53 -1.24
C HIC A 69 6.21 5.57 -2.13
O HIC A 69 5.93 6.77 -2.11
CB HIC A 69 4.74 5.28 -0.17
CG HIC A 69 4.25 4.42 0.92
ND1 HIC A 69 3.82 3.09 0.76
CD2 HIC A 69 4.15 4.78 2.29
CE1 HIC A 69 3.46 2.66 1.98
NE2 HIC A 69 3.65 3.66 2.96
CZ HIC A 69 3.39 3.56 4.35
N GLY A 70 7.13 5.07 -2.96
CA GLY A 70 7.83 5.92 -3.89
C GLY A 70 9.05 6.62 -3.30
N ILE A 71 8.92 7.08 -2.06
CA ILE A 71 10.01 7.76 -1.38
C ILE A 71 11.10 6.75 -1.04
N ILE A 72 12.33 7.06 -1.46
CA ILE A 72 13.47 6.17 -1.20
C ILE A 72 13.83 6.28 0.28
N THR A 73 13.42 5.29 1.06
CA THR A 73 13.72 5.30 2.49
C THR A 73 15.19 4.99 2.76
N ASN A 74 15.63 3.80 2.35
CA ASN A 74 17.01 3.37 2.55
C ASN A 74 17.81 3.59 1.27
N TRP A 75 19.06 3.99 1.43
CA TRP A 75 19.92 4.34 0.30
C TRP A 75 21.03 3.34 0.04
N ASP A 76 21.61 2.74 1.08
CA ASP A 76 22.69 1.79 0.89
C ASP A 76 22.20 0.49 0.25
N ASP A 77 20.92 0.16 0.44
CA ASP A 77 20.35 -1.03 -0.19
C ASP A 77 19.78 -0.75 -1.57
N MET A 78 19.53 0.51 -1.91
CA MET A 78 19.00 0.84 -3.23
C MET A 78 20.07 0.66 -4.31
N GLU A 79 21.35 0.87 -3.96
CA GLU A 79 22.42 0.69 -4.92
C GLU A 79 22.67 -0.78 -5.23
N LYS A 80 22.28 -1.69 -4.33
CA LYS A 80 22.53 -3.11 -4.55
C LYS A 80 21.78 -3.63 -5.76
N ILE A 81 20.51 -3.21 -5.93
CA ILE A 81 19.72 -3.67 -7.07
C ILE A 81 20.12 -2.99 -8.37
N TRP A 82 20.91 -1.92 -8.31
CA TRP A 82 21.38 -1.25 -9.51
C TRP A 82 22.67 -1.83 -10.06
N HIS A 83 23.55 -2.32 -9.18
CA HIS A 83 24.81 -2.90 -9.64
C HIS A 83 24.64 -4.37 -10.01
N HIS A 84 23.72 -5.08 -9.36
CA HIS A 84 23.49 -6.48 -9.66
C HIS A 84 22.79 -6.70 -11.00
N THR A 85 22.07 -5.71 -11.50
CA THR A 85 21.35 -5.86 -12.75
C THR A 85 22.27 -5.65 -13.96
N PHE A 86 23.14 -4.64 -13.90
CA PHE A 86 24.00 -4.29 -15.01
C PHE A 86 25.24 -5.18 -15.12
N TYR A 87 25.34 -6.22 -14.29
CA TYR A 87 26.51 -7.10 -14.34
C TYR A 87 26.16 -8.57 -14.18
N ASN A 88 24.88 -8.94 -14.29
CA ASN A 88 24.48 -10.35 -14.15
C ASN A 88 23.40 -10.70 -15.17
N GLU A 89 22.30 -9.94 -15.18
CA GLU A 89 21.20 -10.19 -16.09
C GLU A 89 21.41 -9.47 -17.42
N LEU A 90 21.55 -8.14 -17.38
CA LEU A 90 21.74 -7.38 -18.61
C LEU A 90 23.17 -7.55 -19.14
N ARG A 91 24.16 -7.52 -18.25
CA ARG A 91 25.57 -7.67 -18.62
C ARG A 91 25.99 -6.63 -19.65
N VAL A 92 25.57 -5.39 -19.41
CA VAL A 92 25.89 -4.26 -20.29
C VAL A 92 26.65 -3.22 -19.49
N ALA A 93 27.66 -2.61 -20.12
CA ALA A 93 28.46 -1.61 -19.45
C ALA A 93 27.73 -0.26 -19.48
N PRO A 94 27.60 0.42 -18.33
CA PRO A 94 26.91 1.72 -18.32
C PRO A 94 27.64 2.80 -19.11
N GLU A 95 28.93 2.61 -19.41
CA GLU A 95 29.71 3.61 -20.15
C GLU A 95 29.53 3.50 -21.66
N GLU A 96 28.56 2.72 -22.12
CA GLU A 96 28.33 2.55 -23.55
C GLU A 96 26.93 2.92 -24.00
N HIS A 97 25.94 2.84 -23.12
CA HIS A 97 24.57 3.17 -23.47
C HIS A 97 23.95 4.07 -22.41
N PRO A 98 23.16 5.05 -22.81
CA PRO A 98 22.51 5.93 -21.82
C PRO A 98 21.43 5.21 -21.05
N THR A 99 21.31 5.56 -19.78
CA THR A 99 20.33 4.95 -18.88
C THR A 99 19.14 5.89 -18.71
N LEU A 100 17.95 5.38 -19.00
CA LEU A 100 16.70 6.14 -18.88
C LEU A 100 15.95 5.61 -17.67
N LEU A 101 16.01 6.36 -16.57
CA LEU A 101 15.33 5.95 -15.35
C LEU A 101 13.87 6.40 -15.38
N THR A 102 13.10 5.89 -14.41
CA THR A 102 11.68 6.21 -14.31
C THR A 102 11.33 6.37 -12.83
N GLU A 103 10.71 7.49 -12.49
CA GLU A 103 10.30 7.78 -11.13
C GLU A 103 8.81 8.12 -11.10
N ALA A 104 8.21 7.96 -9.92
CA ALA A 104 6.80 8.26 -9.73
C ALA A 104 6.56 9.77 -9.74
N PRO A 105 5.42 10.22 -10.25
CA PRO A 105 5.11 11.65 -10.22
C PRO A 105 4.85 12.15 -8.81
N LEU A 106 5.10 13.44 -8.62
CA LEU A 106 4.94 14.10 -7.32
C LEU A 106 5.77 13.39 -6.24
N ASN A 107 7.09 13.49 -6.41
CA ASN A 107 8.06 12.90 -5.49
C ASN A 107 8.84 14.00 -4.76
N PRO A 108 9.33 13.71 -3.55
CA PRO A 108 10.10 14.73 -2.82
C PRO A 108 11.41 15.06 -3.53
N LYS A 109 11.90 16.27 -3.25
CA LYS A 109 13.13 16.74 -3.87
C LYS A 109 14.36 15.99 -3.39
N ALA A 110 14.26 15.29 -2.25
CA ALA A 110 15.39 14.55 -1.72
C ALA A 110 15.75 13.33 -2.55
N ASN A 111 14.83 12.85 -3.40
CA ASN A 111 15.09 11.68 -4.23
C ASN A 111 15.72 12.05 -5.57
N ARG A 112 15.29 13.16 -6.17
CA ARG A 112 15.84 13.58 -7.46
C ARG A 112 17.26 14.11 -7.34
N GLU A 113 17.66 14.62 -6.18
CA GLU A 113 19.00 15.12 -5.97
C GLU A 113 20.00 14.04 -5.61
N LYS A 114 19.53 12.86 -5.21
CA LYS A 114 20.41 11.76 -4.84
C LYS A 114 20.42 10.62 -5.84
N MET A 115 19.34 10.44 -6.61
CA MET A 115 19.31 9.38 -7.61
C MET A 115 20.25 9.69 -8.77
N THR A 116 20.30 10.96 -9.20
CA THR A 116 21.19 11.34 -10.28
C THR A 116 22.65 11.35 -9.82
N GLN A 117 22.89 11.54 -8.52
CA GLN A 117 24.25 11.55 -8.02
C GLN A 117 24.88 10.16 -8.07
N ILE A 118 24.08 9.12 -7.84
CA ILE A 118 24.59 7.76 -7.90
C ILE A 118 24.90 7.37 -9.34
N MET A 119 24.09 7.85 -10.29
CA MET A 119 24.29 7.55 -11.70
C MET A 119 25.35 8.43 -12.35
N PHE A 120 26.09 9.21 -11.58
CA PHE A 120 27.15 10.06 -12.11
C PHE A 120 28.48 9.79 -11.43
N GLU A 121 28.48 9.76 -10.10
CA GLU A 121 29.71 9.54 -9.36
C GLU A 121 30.12 8.07 -9.41
N THR A 122 29.27 7.18 -8.90
CA THR A 122 29.56 5.75 -8.89
C THR A 122 29.48 5.17 -10.29
N PHE A 123 28.26 4.93 -10.78
CA PHE A 123 28.07 4.39 -12.12
C PHE A 123 28.34 5.48 -13.14
N ASN A 124 29.41 5.32 -13.92
CA ASN A 124 29.78 6.29 -14.95
C ASN A 124 28.81 6.17 -16.12
N VAL A 125 27.87 7.09 -16.19
CA VAL A 125 26.85 7.12 -17.26
C VAL A 125 27.09 8.37 -18.09
N PRO A 126 27.20 8.25 -19.42
CA PRO A 126 27.42 9.46 -20.23
C PRO A 126 26.26 10.44 -20.19
N ALA A 127 25.03 9.94 -20.28
CA ALA A 127 23.86 10.79 -20.27
C ALA A 127 22.68 10.02 -19.68
N MET A 128 21.87 10.72 -18.87
CA MET A 128 20.70 10.14 -18.25
C MET A 128 19.53 11.09 -18.39
N TYR A 129 18.34 10.60 -18.04
CA TYR A 129 17.12 11.40 -18.11
C TYR A 129 16.08 10.79 -17.20
N VAL A 130 15.34 11.63 -16.49
CA VAL A 130 14.30 11.20 -15.58
C VAL A 130 12.97 11.80 -16.03
N ALA A 131 11.89 11.09 -15.73
CA ALA A 131 10.55 11.55 -16.09
C ALA A 131 9.55 10.90 -15.14
N ILE A 132 8.30 11.35 -15.24
CA ILE A 132 7.23 10.84 -14.39
C ILE A 132 6.55 9.67 -15.10
N GLN A 133 5.74 8.92 -14.35
CA GLN A 133 5.17 7.67 -14.85
C GLN A 133 4.08 7.88 -15.89
N ALA A 134 3.26 8.93 -15.75
CA ALA A 134 2.14 9.14 -16.67
C ALA A 134 2.60 9.48 -18.08
N VAL A 135 3.85 9.93 -18.25
CA VAL A 135 4.34 10.23 -19.60
C VAL A 135 4.77 8.95 -20.31
N LEU A 136 5.57 8.12 -19.63
CA LEU A 136 6.05 6.89 -20.26
C LEU A 136 4.93 5.88 -20.43
N SER A 137 3.94 5.87 -19.53
CA SER A 137 2.82 4.94 -19.64
C SER A 137 1.78 5.38 -20.67
N LEU A 138 2.00 6.51 -21.35
CA LEU A 138 1.07 6.99 -22.36
C LEU A 138 1.45 6.56 -23.76
N TYR A 139 2.75 6.45 -24.05
CA TYR A 139 3.21 6.06 -25.38
C TYR A 139 2.91 4.60 -25.69
N ALA A 140 2.58 3.78 -24.69
CA ALA A 140 2.28 2.38 -24.93
C ALA A 140 0.96 2.19 -25.66
N SER A 141 0.06 3.16 -25.58
CA SER A 141 -1.23 3.05 -26.26
C SER A 141 -1.25 3.78 -27.60
N GLY A 142 -0.29 4.67 -27.85
CA GLY A 142 -0.26 5.39 -29.11
C GLY A 142 -1.28 6.49 -29.23
N ARG A 143 -1.60 7.18 -28.14
CA ARG A 143 -2.58 8.26 -28.13
C ARG A 143 -1.90 9.55 -27.66
N THR A 144 -2.69 10.62 -27.60
CA THR A 144 -2.19 11.91 -27.17
C THR A 144 -2.97 12.42 -25.96
N THR A 145 -4.27 12.62 -26.13
CA THR A 145 -5.14 13.12 -25.08
C THR A 145 -5.74 11.95 -24.33
N GLY A 146 -5.59 11.94 -23.01
CA GLY A 146 -6.13 10.88 -22.18
C GLY A 146 -5.56 10.84 -20.79
N ILE A 147 -6.42 10.89 -19.77
CA ILE A 147 -5.95 10.84 -18.39
C ILE A 147 -5.43 9.45 -18.07
N VAL A 148 -4.26 9.40 -17.45
CA VAL A 148 -3.60 8.14 -17.10
C VAL A 148 -3.83 7.87 -15.62
N LEU A 149 -4.30 6.67 -15.31
CA LEU A 149 -4.54 6.22 -13.93
C LEU A 149 -3.52 5.13 -13.63
N ASP A 150 -2.36 5.54 -13.14
CA ASP A 150 -1.27 4.61 -12.84
C ASP A 150 -1.40 4.13 -11.40
N SER A 151 -1.36 2.81 -11.22
CA SER A 151 -1.46 2.18 -9.90
C SER A 151 -0.52 0.98 -9.90
N GLY A 152 0.74 1.21 -9.55
CA GLY A 152 1.73 0.16 -9.53
C GLY A 152 1.77 -0.62 -8.24
N ASP A 153 2.40 -0.04 -7.21
CA ASP A 153 2.52 -0.71 -5.92
C ASP A 153 2.58 0.22 -4.72
N GLY A 154 3.22 1.39 -4.85
CA GLY A 154 3.34 2.30 -3.73
C GLY A 154 2.21 3.31 -3.64
N VAL A 155 2.27 4.34 -4.47
CA VAL A 155 1.29 5.42 -4.47
C VAL A 155 0.58 5.44 -5.82
N THR A 156 -0.75 5.52 -5.78
CA THR A 156 -1.56 5.61 -6.99
C THR A 156 -1.69 7.08 -7.38
N HIS A 157 -1.29 7.42 -8.59
CA HIS A 157 -1.33 8.79 -9.07
C HIS A 157 -2.34 8.94 -10.20
N ASN A 158 -2.92 10.14 -10.29
CA ASN A 158 -3.90 10.49 -11.32
C ASN A 158 -3.45 11.79 -11.97
N VAL A 159 -2.63 11.69 -13.01
CA VAL A 159 -2.10 12.86 -13.70
C VAL A 159 -2.72 12.95 -15.09
N PRO A 160 -3.73 13.81 -15.29
CA PRO A 160 -4.33 13.95 -16.60
C PRO A 160 -3.45 14.76 -17.55
N ILE A 161 -3.78 14.70 -18.83
CA ILE A 161 -3.02 15.40 -19.86
C ILE A 161 -3.93 15.59 -21.06
N TYR A 162 -3.91 16.79 -21.62
CA TYR A 162 -4.75 17.16 -22.76
C TYR A 162 -3.85 17.58 -23.92
N GLU A 163 -3.62 16.66 -24.85
CA GLU A 163 -2.83 16.93 -26.05
C GLU A 163 -1.43 17.43 -25.71
N GLY A 164 -0.69 16.61 -24.95
CA GLY A 164 0.67 16.93 -24.60
C GLY A 164 0.80 17.88 -23.42
N TYR A 165 -0.01 18.94 -23.40
CA TYR A 165 0.05 19.94 -22.34
C TYR A 165 -0.43 19.31 -21.04
N ALA A 166 0.52 18.94 -20.17
CA ALA A 166 0.18 18.35 -18.90
C ALA A 166 -0.31 19.42 -17.93
N LEU A 167 -0.95 18.97 -16.85
CA LEU A 167 -1.50 19.86 -15.83
C LEU A 167 -0.96 19.44 -14.47
N PRO A 168 0.11 20.10 -13.99
CA PRO A 168 0.66 19.75 -12.67
C PRO A 168 -0.29 20.06 -11.52
N HIS A 169 -1.23 20.99 -11.70
CA HIS A 169 -2.14 21.34 -10.61
C HIS A 169 -3.19 20.26 -10.37
N ALA A 170 -3.51 19.45 -11.38
CA ALA A 170 -4.50 18.40 -11.28
C ALA A 170 -3.91 17.07 -10.81
N ILE A 171 -2.69 17.09 -10.28
CA ILE A 171 -2.04 15.88 -9.80
C ILE A 171 -2.51 15.61 -8.38
N MET A 172 -3.24 14.51 -8.19
CA MET A 172 -3.77 14.12 -6.88
C MET A 172 -3.27 12.72 -6.57
N ARG A 173 -2.34 12.62 -5.62
CA ARG A 173 -1.79 11.35 -5.22
C ARG A 173 -2.70 10.65 -4.21
N LEU A 174 -2.61 9.32 -4.17
CA LEU A 174 -3.41 8.52 -3.27
C LEU A 174 -2.58 7.32 -2.81
N ASP A 175 -2.47 7.14 -1.49
CA ASP A 175 -1.69 6.04 -0.93
C ASP A 175 -2.55 4.77 -0.84
N LEU A 176 -3.06 4.36 -2.00
CA LEU A 176 -3.88 3.16 -2.13
C LEU A 176 -3.49 2.47 -3.44
N ALA A 177 -2.53 1.56 -3.36
CA ALA A 177 -2.04 0.86 -4.55
C ALA A 177 -1.96 -0.65 -4.30
N GLY A 178 -0.75 -1.20 -4.39
CA GLY A 178 -0.56 -2.62 -4.21
C GLY A 178 -0.10 -3.00 -2.82
N ARG A 179 0.75 -2.17 -2.22
CA ARG A 179 1.26 -2.47 -0.88
C ARG A 179 0.18 -2.27 0.18
N ASP A 180 -0.78 -1.38 -0.07
CA ASP A 180 -1.84 -1.14 0.90
C ASP A 180 -2.90 -2.24 0.92
N LEU A 181 -2.94 -3.09 -0.10
CA LEU A 181 -3.91 -4.17 -0.15
C LEU A 181 -3.41 -5.43 0.55
N THR A 182 -2.12 -5.74 0.44
CA THR A 182 -1.57 -6.90 1.12
C THR A 182 -1.48 -6.70 2.63
N ASP A 183 -1.50 -5.45 3.10
CA ASP A 183 -1.49 -5.20 4.53
C ASP A 183 -2.88 -5.40 5.15
N TYR A 184 -3.92 -4.93 4.46
CA TYR A 184 -5.27 -5.15 4.94
C TYR A 184 -5.68 -6.62 4.82
N LEU A 185 -5.13 -7.32 3.82
CA LEU A 185 -5.41 -8.75 3.69
C LEU A 185 -4.77 -9.55 4.82
N MET A 186 -3.67 -9.06 5.37
CA MET A 186 -3.01 -9.76 6.47
C MET A 186 -3.86 -9.75 7.73
N LYS A 187 -4.66 -8.69 7.92
CA LYS A 187 -5.51 -8.60 9.10
C LYS A 187 -6.85 -9.32 8.91
N ILE A 188 -7.34 -9.37 7.67
CA ILE A 188 -8.63 -10.02 7.40
C ILE A 188 -8.48 -11.51 7.16
N LEU A 189 -7.26 -12.03 7.02
CA LEU A 189 -7.08 -13.45 6.78
C LEU A 189 -7.07 -14.26 8.07
N THR A 190 -6.68 -13.65 9.20
CA THR A 190 -6.58 -14.35 10.46
C THR A 190 -7.93 -14.59 11.12
N GLU A 191 -9.04 -14.21 10.48
CA GLU A 191 -10.36 -14.43 11.04
C GLU A 191 -10.89 -15.84 10.79
N ARG A 192 -10.09 -16.71 10.15
CA ARG A 192 -10.50 -18.08 9.88
C ARG A 192 -9.53 -19.10 10.46
N GLY A 193 -8.69 -18.69 11.41
CA GLY A 193 -7.73 -19.60 12.01
C GLY A 193 -6.39 -19.69 11.32
N TYR A 194 -6.08 -18.77 10.41
CA TYR A 194 -4.82 -18.76 9.67
C TYR A 194 -4.02 -17.55 10.13
N SER A 195 -3.18 -17.75 11.14
CA SER A 195 -2.39 -16.66 11.72
C SER A 195 -1.09 -16.48 10.95
N PHE A 196 -0.79 -15.23 10.61
CA PHE A 196 0.44 -14.88 9.92
C PHE A 196 0.95 -13.55 10.47
N VAL A 197 2.24 -13.49 10.79
CA VAL A 197 2.84 -12.28 11.35
C VAL A 197 4.26 -12.13 10.83
N THR A 198 4.85 -13.25 10.40
CA THR A 198 6.22 -13.23 9.90
C THR A 198 6.27 -12.62 8.51
N THR A 199 7.34 -11.85 8.24
CA THR A 199 7.50 -11.19 6.95
C THR A 199 7.66 -12.19 5.81
N ALA A 200 8.14 -13.41 6.11
CA ALA A 200 8.35 -14.39 5.05
C ALA A 200 7.04 -14.82 4.38
N GLU A 201 5.93 -14.74 5.10
CA GLU A 201 4.63 -15.12 4.57
C GLU A 201 3.86 -13.95 3.98
N ARG A 202 4.49 -12.79 3.83
CA ARG A 202 3.80 -11.65 3.23
C ARG A 202 3.71 -11.81 1.71
N GLU A 203 4.74 -12.39 1.10
CA GLU A 203 4.73 -12.62 -0.34
C GLU A 203 4.00 -13.90 -0.72
N ILE A 204 3.77 -14.80 0.24
CA ILE A 204 3.04 -16.03 -0.06
C ILE A 204 1.57 -15.74 -0.29
N VAL A 205 0.96 -14.94 0.59
CA VAL A 205 -0.45 -14.56 0.43
C VAL A 205 -0.65 -13.52 -0.66
N ARG A 206 0.42 -12.88 -1.13
CA ARG A 206 0.28 -11.90 -2.20
C ARG A 206 -0.01 -12.58 -3.54
N ASP A 207 0.58 -13.76 -3.77
CA ASP A 207 0.34 -14.46 -5.02
C ASP A 207 -1.10 -14.97 -5.11
N ILE A 208 -1.74 -15.24 -3.97
CA ILE A 208 -3.13 -15.68 -3.99
C ILE A 208 -4.04 -14.54 -4.41
N LYS A 209 -3.72 -13.31 -4.01
CA LYS A 209 -4.54 -12.16 -4.38
C LYS A 209 -4.42 -11.84 -5.86
N GLU A 210 -3.27 -12.14 -6.48
CA GLU A 210 -3.04 -11.81 -7.88
C GLU A 210 -3.81 -12.71 -8.84
N LYS A 211 -4.49 -13.75 -8.34
CA LYS A 211 -5.21 -14.66 -9.22
C LYS A 211 -6.65 -14.86 -8.76
N LEU A 212 -6.83 -15.27 -7.50
CA LEU A 212 -8.17 -15.57 -7.02
C LEU A 212 -8.96 -14.29 -6.73
N CYS A 213 -8.33 -13.33 -6.05
CA CYS A 213 -9.03 -12.10 -5.69
C CYS A 213 -9.27 -11.24 -6.93
N TYR A 214 -10.45 -10.62 -6.97
CA TYR A 214 -10.81 -9.75 -8.08
C TYR A 214 -11.80 -8.70 -7.58
N VAL A 215 -12.11 -7.74 -8.45
CA VAL A 215 -13.05 -6.68 -8.14
C VAL A 215 -14.42 -7.09 -8.65
N ALA A 216 -15.39 -7.16 -7.75
CA ALA A 216 -16.75 -7.54 -8.11
C ALA A 216 -17.51 -6.34 -8.65
N LEU A 217 -18.78 -6.56 -9.01
CA LEU A 217 -19.60 -5.48 -9.53
C LEU A 217 -20.20 -4.64 -8.41
N ASP A 218 -20.70 -5.27 -7.36
CA ASP A 218 -21.30 -4.58 -6.23
C ASP A 218 -20.64 -5.07 -4.94
N PHE A 219 -20.98 -4.39 -3.83
CA PHE A 219 -20.42 -4.69 -2.53
C PHE A 219 -21.43 -5.33 -1.58
N GLU A 220 -22.64 -4.77 -1.50
CA GLU A 220 -23.66 -5.28 -0.59
C GLU A 220 -24.53 -6.36 -1.20
N ASN A 221 -24.37 -6.65 -2.49
CA ASN A 221 -25.17 -7.69 -3.14
C ASN A 221 -24.55 -9.07 -2.99
N GLU A 222 -23.25 -9.19 -3.25
CA GLU A 222 -22.57 -10.48 -3.13
C GLU A 222 -22.27 -10.86 -1.68
N MET A 223 -22.18 -9.88 -0.78
CA MET A 223 -21.89 -10.18 0.62
C MET A 223 -23.11 -10.74 1.34
N ALA A 224 -24.31 -10.25 1.00
CA ALA A 224 -25.51 -10.75 1.67
C ALA A 224 -25.81 -12.19 1.29
N THR A 225 -25.38 -12.63 0.11
CA THR A 225 -25.60 -13.99 -0.34
C THR A 225 -24.35 -14.86 -0.18
N ALA A 226 -23.34 -14.38 0.53
CA ALA A 226 -22.11 -15.12 0.75
C ALA A 226 -22.19 -16.06 1.94
N ALA A 227 -23.36 -16.19 2.57
CA ALA A 227 -23.50 -17.07 3.72
C ALA A 227 -23.50 -18.54 3.31
N SER A 228 -23.89 -18.86 2.08
CA SER A 228 -23.91 -20.23 1.59
C SER A 228 -22.67 -20.49 0.74
N SER A 229 -21.96 -21.57 1.07
CA SER A 229 -20.74 -21.93 0.35
C SER A 229 -21.12 -22.51 -1.00
N SER A 230 -21.00 -21.69 -2.05
CA SER A 230 -21.33 -22.13 -3.40
C SER A 230 -20.12 -22.02 -4.32
N SER A 231 -20.12 -21.03 -5.21
CA SER A 231 -19.03 -20.81 -6.15
C SER A 231 -18.13 -19.65 -5.75
N LEU A 232 -18.25 -19.15 -4.52
CA LEU A 232 -17.44 -18.05 -4.03
C LEU A 232 -16.24 -18.51 -3.22
N GLU A 233 -15.94 -19.81 -3.23
CA GLU A 233 -14.81 -20.36 -2.50
C GLU A 233 -13.98 -21.23 -3.42
N LYS A 234 -12.67 -21.26 -3.16
CA LYS A 234 -11.75 -22.07 -3.95
C LYS A 234 -10.51 -22.33 -3.12
N SER A 235 -10.07 -23.59 -3.09
CA SER A 235 -8.89 -23.97 -2.31
C SER A 235 -7.61 -23.68 -3.10
N TYR A 236 -6.64 -23.10 -2.41
CA TYR A 236 -5.34 -22.78 -2.99
C TYR A 236 -4.29 -23.75 -2.49
N GLU A 237 -3.33 -24.08 -3.35
CA GLU A 237 -2.28 -25.04 -3.03
C GLU A 237 -1.05 -24.27 -2.54
N LEU A 238 -0.80 -24.32 -1.24
CA LEU A 238 0.37 -23.69 -0.66
C LEU A 238 1.62 -24.52 -0.93
N PRO A 239 2.80 -23.89 -0.96
CA PRO A 239 4.03 -24.67 -1.18
C PRO A 239 4.33 -25.65 -0.06
N ASP A 240 3.76 -25.47 1.13
CA ASP A 240 3.97 -26.41 2.21
C ASP A 240 3.10 -27.65 2.05
N GLY A 241 1.83 -27.47 1.75
CA GLY A 241 0.92 -28.59 1.56
C GLY A 241 -0.41 -28.41 2.27
N GLN A 242 -0.54 -27.32 3.03
CA GLN A 242 -1.76 -27.06 3.77
C GLN A 242 -2.89 -26.66 2.82
N VAL A 243 -4.12 -26.88 3.26
CA VAL A 243 -5.31 -26.56 2.49
C VAL A 243 -5.90 -25.26 3.03
N ILE A 244 -5.87 -24.22 2.21
CA ILE A 244 -6.38 -22.90 2.59
C ILE A 244 -7.55 -22.58 1.66
N THR A 245 -8.71 -22.32 2.25
CA THR A 245 -9.92 -22.00 1.50
C THR A 245 -10.56 -20.77 2.12
N ILE A 246 -10.74 -19.73 1.31
CA ILE A 246 -11.34 -18.48 1.77
C ILE A 246 -12.78 -18.42 1.27
N GLY A 247 -13.59 -17.63 1.96
CA GLY A 247 -14.99 -17.47 1.60
C GLY A 247 -15.30 -16.12 0.99
N ASN A 248 -15.68 -15.16 1.83
CA ASN A 248 -16.01 -13.82 1.37
C ASN A 248 -14.80 -12.88 1.37
N GLU A 249 -13.60 -13.42 1.59
CA GLU A 249 -12.38 -12.62 1.60
C GLU A 249 -11.76 -12.47 0.21
N ARG A 250 -12.53 -12.70 -0.85
CA ARG A 250 -12.05 -12.62 -2.22
C ARG A 250 -12.31 -11.26 -2.86
N PHE A 251 -13.49 -10.69 -2.65
CA PHE A 251 -13.83 -9.41 -3.25
C PHE A 251 -13.77 -8.24 -2.26
N ARG A 252 -13.69 -8.51 -0.96
CA ARG A 252 -13.63 -7.44 0.02
C ARG A 252 -12.24 -6.83 0.17
N CYS A 253 -11.20 -7.56 -0.26
CA CYS A 253 -9.84 -7.05 -0.18
C CYS A 253 -9.56 -6.03 -1.28
N PRO A 254 -9.91 -6.28 -2.55
CA PRO A 254 -9.73 -5.23 -3.57
C PRO A 254 -10.66 -4.04 -3.39
N GLU A 255 -11.69 -4.15 -2.56
CA GLU A 255 -12.62 -3.04 -2.35
C GLU A 255 -11.99 -1.91 -1.55
N THR A 256 -10.83 -2.13 -0.92
CA THR A 256 -10.18 -1.07 -0.16
C THR A 256 -9.77 0.09 -1.06
N LEU A 257 -9.43 -0.19 -2.31
CA LEU A 257 -9.08 0.89 -3.24
C LEU A 257 -10.26 1.79 -3.52
N PHE A 258 -11.48 1.25 -3.51
CA PHE A 258 -12.68 2.05 -3.74
C PHE A 258 -13.23 2.64 -2.45
N GLN A 259 -13.14 1.92 -1.34
CA GLN A 259 -13.62 2.38 -0.03
C GLN A 259 -12.45 2.51 0.92
N PRO A 260 -11.86 3.70 1.06
CA PRO A 260 -10.73 3.87 1.98
C PRO A 260 -11.11 3.78 3.45
N SER A 261 -12.38 3.56 3.78
CA SER A 261 -12.80 3.47 5.18
C SER A 261 -12.34 2.19 5.85
N PHE A 262 -11.82 1.21 5.10
CA PHE A 262 -11.36 -0.02 5.71
C PHE A 262 -10.06 0.20 6.48
N ILE A 263 -9.17 1.04 5.96
CA ILE A 263 -7.91 1.31 6.65
C ILE A 263 -8.11 2.35 7.75
N GLY A 264 -8.81 3.44 7.45
CA GLY A 264 -9.06 4.47 8.44
C GLY A 264 -8.60 5.84 8.00
N MET A 265 -8.70 6.11 6.70
CA MET A 265 -8.31 7.40 6.13
C MET A 265 -9.53 8.08 5.53
N GLU A 266 -9.59 9.40 5.66
CA GLU A 266 -10.69 10.19 5.13
C GLU A 266 -10.50 10.56 3.66
N SER A 267 -9.52 9.96 2.99
CA SER A 267 -9.28 10.24 1.59
C SER A 267 -10.34 9.57 0.72
N ALA A 268 -10.31 9.90 -0.56
CA ALA A 268 -11.27 9.37 -1.52
C ALA A 268 -10.71 8.12 -2.21
N GLY A 269 -11.62 7.31 -2.73
CA GLY A 269 -11.23 6.09 -3.43
C GLY A 269 -10.65 6.37 -4.80
N ILE A 270 -10.29 5.29 -5.48
CA ILE A 270 -9.69 5.41 -6.81
C ILE A 270 -10.70 5.89 -7.85
N HIS A 271 -12.00 5.74 -7.57
CA HIS A 271 -13.03 6.21 -8.49
C HIS A 271 -13.46 7.63 -8.22
N GLU A 272 -13.15 8.17 -7.04
CA GLU A 272 -13.49 9.54 -6.70
C GLU A 272 -12.34 10.52 -6.89
N THR A 273 -11.09 10.07 -6.72
CA THR A 273 -9.95 10.94 -6.95
C THR A 273 -9.79 11.29 -8.41
N THR A 274 -10.16 10.37 -9.32
CA THR A 274 -10.10 10.66 -10.74
C THR A 274 -11.21 11.59 -11.19
N TYR A 275 -12.24 11.81 -10.38
CA TYR A 275 -13.32 12.73 -10.72
C TYR A 275 -13.10 14.12 -10.15
N ASN A 276 -12.47 14.23 -8.98
CA ASN A 276 -12.22 15.54 -8.38
C ASN A 276 -11.12 16.28 -9.12
N SER A 277 -10.17 15.56 -9.72
CA SER A 277 -9.10 16.21 -10.47
C SER A 277 -9.63 16.85 -11.76
N ILE A 278 -10.71 16.30 -12.32
CA ILE A 278 -11.29 16.89 -13.52
C ILE A 278 -12.01 18.18 -13.19
N MET A 279 -12.55 18.31 -11.98
CA MET A 279 -13.25 19.52 -11.59
C MET A 279 -12.31 20.72 -11.49
N LYS A 280 -11.04 20.48 -11.18
CA LYS A 280 -10.06 21.55 -11.07
C LYS A 280 -9.59 22.06 -12.43
N CYS A 281 -9.96 21.41 -13.52
CA CYS A 281 -9.56 21.81 -14.85
C CYS A 281 -10.61 22.70 -15.49
N ASP A 282 -10.28 23.25 -16.66
CA ASP A 282 -11.22 24.09 -17.39
C ASP A 282 -12.34 23.25 -17.98
N ILE A 283 -13.48 23.90 -18.21
CA ILE A 283 -14.66 23.19 -18.71
C ILE A 283 -14.44 22.65 -20.11
N ASP A 284 -13.61 23.32 -20.91
CA ASP A 284 -13.37 22.88 -22.28
C ASP A 284 -12.63 21.54 -22.32
N ILE A 285 -11.80 21.27 -21.31
CA ILE A 285 -11.03 20.03 -21.27
C ILE A 285 -11.64 19.02 -20.30
N ARG A 286 -12.93 19.16 -19.99
CA ARG A 286 -13.63 18.23 -19.12
C ARG A 286 -14.48 17.23 -19.89
N LYS A 287 -14.42 17.25 -21.22
CA LYS A 287 -15.19 16.33 -22.04
C LYS A 287 -14.35 15.26 -22.72
N ASP A 288 -13.01 15.41 -22.72
CA ASP A 288 -12.12 14.43 -23.33
C ASP A 288 -11.32 13.64 -22.30
N LEU A 289 -11.89 13.42 -21.12
CA LEU A 289 -11.23 12.67 -20.06
C LEU A 289 -12.00 11.46 -19.59
N TYR A 290 -13.34 11.48 -19.69
CA TYR A 290 -14.14 10.34 -19.24
C TYR A 290 -14.13 9.22 -20.27
N ALA A 291 -14.26 9.55 -21.55
CA ALA A 291 -14.26 8.57 -22.63
C ALA A 291 -12.85 8.22 -23.11
N ASN A 292 -11.81 8.78 -22.49
CA ASN A 292 -10.44 8.51 -22.89
C ASN A 292 -9.55 8.18 -21.69
N ASN A 293 -10.12 7.64 -20.62
CA ASN A 293 -9.34 7.32 -19.44
C ASN A 293 -8.57 6.02 -19.64
N VAL A 294 -7.31 6.02 -19.24
CA VAL A 294 -6.42 4.86 -19.35
C VAL A 294 -5.93 4.49 -17.96
N LEU A 295 -6.10 3.22 -17.59
CA LEU A 295 -5.68 2.71 -16.30
C LEU A 295 -4.55 1.71 -16.51
N SER A 296 -3.41 1.97 -15.87
CA SER A 296 -2.25 1.09 -16.00
C SER A 296 -1.72 0.69 -14.62
N GLY A 297 -0.50 0.14 -14.59
CA GLY A 297 0.11 -0.28 -13.34
C GLY A 297 0.02 -1.78 -13.14
N GLY A 298 0.63 -2.23 -12.05
CA GLY A 298 0.65 -3.63 -11.71
C GLY A 298 -0.54 -4.05 -10.87
N THR A 299 -1.10 -3.10 -10.11
CA THR A 299 -2.24 -3.41 -9.27
C THR A 299 -3.52 -3.57 -10.08
N THR A 300 -3.70 -2.73 -11.11
CA THR A 300 -4.89 -2.77 -11.95
C THR A 300 -4.82 -4.01 -12.85
N MET A 301 -5.15 -5.16 -12.25
CA MET A 301 -5.15 -6.41 -12.98
C MET A 301 -6.29 -7.34 -12.56
N TYR A 302 -7.20 -6.88 -11.69
CA TYR A 302 -8.29 -7.72 -11.22
C TYR A 302 -9.34 -7.85 -12.31
N PRO A 303 -9.74 -9.07 -12.69
CA PRO A 303 -10.79 -9.23 -13.71
C PRO A 303 -12.13 -8.68 -13.26
N GLY A 304 -12.36 -7.39 -13.47
CA GLY A 304 -13.61 -6.78 -13.07
C GLY A 304 -13.46 -5.30 -12.75
N ILE A 305 -12.31 -4.72 -13.09
CA ILE A 305 -12.08 -3.31 -12.82
C ILE A 305 -12.72 -2.45 -13.90
N ALA A 306 -12.58 -2.85 -15.17
CA ALA A 306 -13.16 -2.06 -16.26
C ALA A 306 -14.69 -2.08 -16.23
N ASP A 307 -15.28 -3.15 -15.69
CA ASP A 307 -16.73 -3.25 -15.59
C ASP A 307 -17.32 -2.41 -14.47
N ARG A 308 -16.49 -1.93 -13.53
CA ARG A 308 -16.96 -1.12 -12.42
C ARG A 308 -16.78 0.38 -12.65
N MET A 309 -15.78 0.77 -13.46
CA MET A 309 -15.55 2.19 -13.72
C MET A 309 -16.67 2.83 -14.52
N GLN A 310 -17.48 2.03 -15.21
CA GLN A 310 -18.59 2.54 -16.02
C GLN A 310 -19.89 2.67 -15.22
N LYS A 311 -19.84 2.48 -13.91
CA LYS A 311 -21.02 2.57 -13.07
C LYS A 311 -20.89 3.62 -11.97
N GLU A 312 -19.79 3.60 -11.22
CA GLU A 312 -19.61 4.58 -10.15
C GLU A 312 -19.31 5.96 -10.71
N ILE A 313 -18.55 6.03 -11.80
CA ILE A 313 -18.25 7.32 -12.42
C ILE A 313 -19.46 7.84 -13.18
N THR A 314 -20.17 6.94 -13.88
CA THR A 314 -21.36 7.36 -14.63
C THR A 314 -22.47 7.85 -13.70
N ALA A 315 -22.54 7.32 -12.48
CA ALA A 315 -23.56 7.76 -11.54
C ALA A 315 -23.28 9.17 -11.03
N LEU A 316 -22.01 9.50 -10.80
CA LEU A 316 -21.66 10.82 -10.33
C LEU A 316 -21.73 11.86 -11.44
N ALA A 317 -21.17 11.54 -12.60
CA ALA A 317 -21.20 12.47 -13.72
C ALA A 317 -22.61 12.52 -14.33
N PRO A 318 -23.00 13.66 -14.89
CA PRO A 318 -24.33 13.75 -15.53
C PRO A 318 -24.44 12.79 -16.70
N SER A 319 -25.46 11.93 -16.65
CA SER A 319 -25.67 10.94 -17.70
C SER A 319 -26.15 11.60 -18.99
N THR A 320 -25.21 12.05 -19.81
CA THR A 320 -25.54 12.68 -21.09
C THR A 320 -24.52 12.33 -22.15
N MET A 321 -23.24 12.46 -21.81
CA MET A 321 -22.16 12.16 -22.75
C MET A 321 -21.85 10.66 -22.69
N LYS A 322 -20.78 10.25 -23.36
CA LYS A 322 -20.38 8.84 -23.40
C LYS A 322 -19.12 8.66 -22.57
N ILE A 323 -19.07 7.55 -21.83
CA ILE A 323 -17.94 7.20 -20.97
C ILE A 323 -17.43 5.84 -21.43
N LYS A 324 -16.24 5.82 -22.01
CA LYS A 324 -15.62 4.58 -22.50
C LYS A 324 -14.24 4.45 -21.88
N ILE A 325 -13.97 3.29 -21.30
CA ILE A 325 -12.68 3.00 -20.67
C ILE A 325 -11.94 1.98 -21.54
N ILE A 326 -10.64 2.23 -21.73
CA ILE A 326 -9.78 1.37 -22.52
C ILE A 326 -8.79 0.69 -21.58
N ALA A 327 -8.66 -0.63 -21.71
CA ALA A 327 -7.75 -1.40 -20.86
C ALA A 327 -7.11 -2.50 -21.71
N PRO A 328 -5.99 -2.20 -22.38
CA PRO A 328 -5.34 -3.21 -23.19
C PRO A 328 -4.64 -4.24 -22.31
N PRO A 329 -4.48 -5.47 -22.79
CA PRO A 329 -3.79 -6.49 -22.00
C PRO A 329 -2.33 -6.15 -21.79
N GLU A 330 -1.74 -6.77 -20.76
CA GLU A 330 -0.34 -6.56 -20.38
C GLU A 330 -0.06 -5.09 -20.10
N ARG A 331 -0.92 -4.48 -19.28
CA ARG A 331 -0.79 -3.08 -18.93
C ARG A 331 0.22 -2.83 -17.83
N LYS A 332 0.79 -3.89 -17.24
CA LYS A 332 1.79 -3.70 -16.19
C LYS A 332 3.11 -3.20 -16.77
N TYR A 333 3.50 -3.73 -17.92
CA TYR A 333 4.75 -3.35 -18.57
C TYR A 333 4.60 -2.14 -19.50
N SER A 334 3.47 -1.43 -19.41
CA SER A 334 3.26 -0.26 -20.27
C SER A 334 4.23 0.86 -19.97
N VAL A 335 4.79 0.91 -18.77
CA VAL A 335 5.76 1.97 -18.45
C VAL A 335 7.09 1.69 -19.12
N TRP A 336 7.48 0.41 -19.19
CA TRP A 336 8.75 0.06 -19.83
C TRP A 336 8.64 0.03 -21.35
N ILE A 337 7.49 -0.37 -21.88
CA ILE A 337 7.31 -0.40 -23.33
C ILE A 337 7.26 1.01 -23.89
N GLY A 338 6.49 1.90 -23.24
CA GLY A 338 6.42 3.28 -23.68
C GLY A 338 7.71 4.04 -23.54
N GLY A 339 8.57 3.65 -22.60
CA GLY A 339 9.86 4.31 -22.45
C GLY A 339 10.89 3.88 -23.47
N SER A 340 10.75 2.67 -24.01
CA SER A 340 11.69 2.21 -25.02
C SER A 340 11.44 2.87 -26.36
N ILE A 341 10.18 3.03 -26.74
CA ILE A 341 9.84 3.68 -28.00
C ILE A 341 10.07 5.20 -27.91
N LEU A 342 10.05 5.76 -26.70
CA LEU A 342 10.28 7.20 -26.55
C LEU A 342 11.73 7.56 -26.86
N ALA A 343 12.66 6.69 -26.49
CA ALA A 343 14.08 6.94 -26.74
C ALA A 343 14.50 6.58 -28.16
N SER A 344 13.57 6.13 -29.00
CA SER A 344 13.89 5.77 -30.38
C SER A 344 13.74 6.94 -31.34
N LEU A 345 12.98 7.97 -30.97
CA LEU A 345 12.79 9.12 -31.85
C LEU A 345 14.02 10.01 -31.85
N SER A 346 14.18 10.78 -32.93
CA SER A 346 15.31 11.69 -33.06
C SER A 346 15.16 12.95 -32.23
N THR A 347 13.92 13.33 -31.89
CA THR A 347 13.70 14.53 -31.09
C THR A 347 13.91 14.31 -29.61
N PHE A 348 14.14 13.07 -29.17
CA PHE A 348 14.37 12.77 -27.76
C PHE A 348 15.85 12.81 -27.39
N GLN A 349 16.75 12.67 -28.35
CA GLN A 349 18.18 12.68 -28.06
C GLN A 349 18.68 14.05 -27.63
N GLN A 350 17.91 15.11 -27.90
CA GLN A 350 18.29 16.47 -27.53
C GLN A 350 17.78 16.87 -26.15
N MET A 351 17.40 15.91 -25.32
CA MET A 351 16.90 16.19 -23.99
C MET A 351 17.67 15.47 -22.89
N TRP A 352 18.70 14.69 -23.23
CA TRP A 352 19.48 14.00 -22.22
C TRP A 352 20.37 14.97 -21.45
N ILE A 353 20.59 14.67 -20.18
CA ILE A 353 21.44 15.48 -19.32
C ILE A 353 22.89 15.09 -19.57
N SER A 354 23.70 16.04 -20.02
CA SER A 354 25.09 15.76 -20.33
C SER A 354 25.90 15.59 -19.05
N LYS A 355 26.92 14.73 -19.12
CA LYS A 355 27.77 14.48 -17.96
C LYS A 355 28.53 15.74 -17.55
N GLN A 356 29.08 16.47 -18.53
CA GLN A 356 29.81 17.69 -18.23
C GLN A 356 28.88 18.83 -17.84
N GLU A 357 27.59 18.73 -18.18
CA GLU A 357 26.64 19.79 -17.83
C GLU A 357 26.25 19.74 -16.36
N TYR A 358 26.11 18.52 -15.81
CA TYR A 358 25.74 18.39 -14.40
C TYR A 358 26.87 18.84 -13.48
N ASP A 359 28.12 18.64 -13.89
CA ASP A 359 29.27 19.04 -13.08
C ASP A 359 29.54 20.53 -13.11
N GLU A 360 28.90 21.27 -14.03
CA GLU A 360 29.10 22.71 -14.14
C GLU A 360 27.85 23.51 -13.80
N ALA A 361 26.75 22.85 -13.44
CA ALA A 361 25.50 23.53 -13.10
C ALA A 361 24.98 23.14 -11.74
N GLY A 362 24.91 21.84 -11.44
CA GLY A 362 24.43 21.38 -10.16
C GLY A 362 23.15 20.57 -10.28
N PRO A 363 22.60 20.15 -9.15
CA PRO A 363 21.35 19.37 -9.17
C PRO A 363 20.10 20.22 -9.37
N SER A 364 20.24 21.47 -9.79
CA SER A 364 19.08 22.33 -9.99
C SER A 364 18.58 22.33 -11.42
N ILE A 365 19.30 21.68 -12.34
CA ILE A 365 18.90 21.62 -13.74
C ILE A 365 18.21 20.29 -14.02
N VAL A 366 18.02 19.48 -12.97
CA VAL A 366 17.36 18.19 -13.14
C VAL A 366 15.87 18.38 -13.37
N HIS A 367 15.24 19.29 -12.62
CA HIS A 367 13.81 19.54 -12.76
C HIS A 367 13.50 20.22 -14.10
N THR B 1 50.50 -31.74 7.80
CA THR B 1 50.14 -32.59 8.94
C THR B 1 48.63 -32.88 8.95
N THR B 2 48.28 -34.08 9.41
CA THR B 2 46.89 -34.50 9.48
C THR B 2 46.28 -34.08 10.81
N ALA B 3 45.02 -34.45 11.02
CA ALA B 3 44.29 -34.15 12.23
C ALA B 3 43.76 -35.43 12.87
N LEU B 4 43.27 -35.30 14.09
CA LEU B 4 42.72 -36.42 14.86
C LEU B 4 41.24 -36.15 15.10
N VAL B 5 40.39 -37.06 14.59
CA VAL B 5 38.95 -36.95 14.74
C VAL B 5 38.52 -38.01 15.75
N CYS B 6 38.02 -37.55 16.91
CA CYS B 6 37.57 -38.43 17.98
C CYS B 6 36.17 -38.02 18.40
N ASP B 7 35.24 -38.95 18.38
CA ASP B 7 33.85 -38.71 18.76
C ASP B 7 33.61 -39.38 20.12
N ASN B 8 33.97 -38.66 21.18
CA ASN B 8 33.81 -39.17 22.54
C ASN B 8 32.35 -39.04 22.94
N GLY B 9 31.56 -40.07 22.61
CA GLY B 9 30.15 -40.09 22.93
C GLY B 9 29.76 -41.37 23.64
N SER B 10 28.48 -41.44 24.00
CA SER B 10 27.97 -42.61 24.69
C SER B 10 27.83 -43.78 23.73
N GLY B 11 28.11 -44.99 24.23
CA GLY B 11 28.01 -46.18 23.41
C GLY B 11 29.35 -46.71 22.95
N LEU B 12 29.84 -46.19 21.82
CA LEU B 12 31.11 -46.59 21.26
C LEU B 12 32.00 -45.37 21.06
N VAL B 13 33.27 -45.63 20.79
CA VAL B 13 34.27 -44.58 20.57
C VAL B 13 34.80 -44.72 19.15
N LYS B 14 34.74 -43.62 18.39
CA LYS B 14 35.21 -43.57 17.02
C LYS B 14 36.40 -42.61 16.95
N ALA B 15 37.60 -43.15 16.81
CA ALA B 15 38.82 -42.35 16.75
C ALA B 15 39.63 -42.77 15.53
N GLY B 16 40.53 -41.89 15.12
CA GLY B 16 41.37 -42.14 13.97
C GLY B 16 41.87 -40.86 13.36
N PHE B 17 42.75 -41.02 12.38
CA PHE B 17 43.31 -39.87 11.68
C PHE B 17 42.30 -39.29 10.70
N ALA B 18 42.48 -38.01 10.38
CA ALA B 18 41.61 -37.33 9.44
C ALA B 18 41.98 -37.66 8.00
N GLY B 19 41.02 -37.47 7.10
CA GLY B 19 41.22 -37.75 5.69
C GLY B 19 41.02 -39.18 5.27
N ASP B 20 40.66 -40.07 6.19
CA ASP B 20 40.45 -41.47 5.88
C ASP B 20 38.97 -41.72 5.60
N ASP B 21 38.59 -42.99 5.47
CA ASP B 21 37.21 -43.37 5.20
C ASP B 21 36.60 -44.31 6.23
N ALA B 22 37.40 -44.95 7.08
CA ALA B 22 36.90 -45.86 8.08
C ALA B 22 37.86 -45.89 9.26
N PRO B 23 37.37 -45.81 10.50
CA PRO B 23 38.26 -45.84 11.65
C PRO B 23 38.84 -47.23 11.88
N ARG B 24 39.96 -47.25 12.59
CA ARG B 24 40.66 -48.50 12.91
C ARG B 24 40.65 -48.82 14.39
N ALA B 25 40.01 -48.01 15.22
CA ALA B 25 39.97 -48.22 16.67
C ALA B 25 38.55 -47.93 17.15
N VAL B 26 37.83 -48.99 17.52
CA VAL B 26 36.47 -48.89 18.04
C VAL B 26 36.38 -49.72 19.31
N PHE B 27 35.80 -49.14 20.36
CA PHE B 27 35.65 -49.81 21.64
C PHE B 27 34.62 -49.09 22.49
N PRO B 28 33.81 -49.83 23.26
CA PRO B 28 32.81 -49.18 24.10
C PRO B 28 33.44 -48.51 25.32
N SER B 29 32.78 -47.46 25.79
CA SER B 29 33.25 -46.70 26.95
C SER B 29 32.87 -47.46 28.21
N ILE B 30 33.71 -48.44 28.55
CA ILE B 30 33.49 -49.28 29.72
C ILE B 30 34.73 -49.22 30.61
N VAL B 31 34.51 -49.36 31.91
CA VAL B 31 35.57 -49.36 32.91
C VAL B 31 35.46 -50.68 33.67
N GLY B 32 36.33 -51.63 33.34
CA GLY B 32 36.30 -52.93 33.98
C GLY B 32 37.00 -52.90 35.33
N ARG B 33 36.28 -53.34 36.37
CA ARG B 33 36.82 -53.41 37.72
C ARG B 33 36.56 -54.79 38.28
N PRO B 34 37.56 -55.45 38.85
CA PRO B 34 37.36 -56.80 39.42
C PRO B 34 36.51 -56.74 40.68
N ARG B 35 35.42 -57.50 40.68
CA ARG B 35 34.51 -57.54 41.83
C ARG B 35 34.77 -58.77 42.70
N HIS B 36 34.87 -59.95 42.09
CA HIS B 36 35.14 -61.19 42.81
C HIS B 36 36.56 -61.65 42.49
N GLN B 37 37.26 -62.10 43.54
CA GLN B 37 38.63 -62.59 43.37
C GLN B 37 38.63 -63.97 42.72
N GLY B 38 39.71 -64.27 42.02
CA GLY B 38 39.85 -65.55 41.35
C GLY B 38 41.30 -65.97 41.18
N VAL B 39 41.73 -66.93 41.98
CA VAL B 39 43.11 -67.43 41.93
C VAL B 39 43.23 -68.42 40.78
N MET B 40 44.27 -68.24 39.95
CA MET B 40 44.50 -69.12 38.81
C MET B 40 45.92 -68.95 38.29
N VAL B 41 46.62 -70.06 38.08
CA VAL B 41 48.00 -70.02 37.59
C VAL B 41 48.00 -69.61 36.12
N GLY B 42 48.28 -68.34 35.85
CA GLY B 42 48.31 -67.84 34.50
C GLY B 42 47.86 -66.39 34.38
N MET B 43 46.69 -66.09 34.94
CA MET B 43 46.14 -64.74 34.89
C MET B 43 46.57 -63.95 36.13
N GLY B 44 46.53 -62.62 35.99
CA GLY B 44 46.90 -61.74 37.07
C GLY B 44 47.98 -60.75 36.70
N GLN B 45 47.81 -59.49 37.09
CA GLN B 45 46.63 -59.06 37.85
C GLN B 45 45.87 -57.98 37.10
N LYS B 46 46.50 -56.81 36.96
CA LYS B 46 45.93 -55.65 36.29
C LYS B 46 44.65 -55.19 36.98
N ASP B 47 44.76 -54.13 37.80
CA ASP B 47 43.62 -53.62 38.55
C ASP B 47 42.56 -53.04 37.62
N SER B 48 42.77 -51.83 37.14
CA SER B 48 41.80 -51.16 36.29
C SER B 48 41.88 -51.69 34.86
N TYR B 49 40.73 -51.72 34.19
CA TYR B 49 40.62 -52.16 32.80
C TYR B 49 40.02 -51.06 31.95
N VAL B 50 40.50 -50.96 30.71
CA VAL B 50 40.02 -49.95 29.78
C VAL B 50 40.27 -50.45 28.37
N GLY B 51 39.26 -50.31 27.52
CA GLY B 51 39.34 -50.73 26.14
C GLY B 51 38.46 -51.94 25.85
N ASP B 52 38.83 -52.66 24.80
CA ASP B 52 38.10 -53.85 24.39
C ASP B 52 38.55 -55.10 25.12
N GLU B 53 39.45 -54.98 26.10
CA GLU B 53 39.90 -56.15 26.83
C GLU B 53 38.86 -56.63 27.84
N ALA B 54 38.05 -55.70 28.38
CA ALA B 54 37.05 -56.08 29.36
C ALA B 54 35.89 -56.85 28.74
N GLN B 55 35.75 -56.81 27.41
CA GLN B 55 34.66 -57.55 26.76
C GLN B 55 34.91 -59.06 26.82
N SER B 56 36.17 -59.48 26.90
CA SER B 56 36.48 -60.90 26.97
C SER B 56 36.26 -61.48 28.35
N LYS B 57 36.32 -60.66 29.40
CA LYS B 57 36.11 -61.09 30.78
C LYS B 57 34.99 -60.25 31.37
N ARG B 58 33.76 -60.72 31.24
CA ARG B 58 32.58 -60.01 31.74
C ARG B 58 32.02 -60.62 33.01
N GLY B 59 32.07 -61.96 33.14
CA GLY B 59 31.52 -62.61 34.33
C GLY B 59 32.30 -62.32 35.60
N ILE B 60 33.56 -61.88 35.47
CA ILE B 60 34.39 -61.57 36.62
C ILE B 60 34.46 -60.07 36.87
N LEU B 61 34.71 -59.29 35.83
CA LEU B 61 34.83 -57.85 35.96
C LEU B 61 33.44 -57.21 36.05
N THR B 62 33.45 -55.91 36.35
CA THR B 62 32.22 -55.13 36.45
C THR B 62 32.37 -53.86 35.61
N LEU B 63 31.47 -53.69 34.64
CA LEU B 63 31.53 -52.55 33.75
C LEU B 63 30.71 -51.38 34.30
N LYS B 64 31.04 -50.18 33.83
CA LYS B 64 30.35 -48.97 34.26
C LYS B 64 30.50 -47.91 33.17
N TYR B 65 29.38 -47.28 32.81
CA TYR B 65 29.39 -46.25 31.78
C TYR B 65 29.68 -44.90 32.42
N PRO B 66 30.79 -44.24 32.07
CA PRO B 66 31.07 -42.93 32.67
C PRO B 66 30.17 -41.81 32.15
N ILE B 67 29.66 -41.93 30.92
CA ILE B 67 28.81 -40.91 30.33
C ILE B 67 27.37 -41.40 30.40
N GLU B 68 26.47 -40.53 30.85
CA GLU B 68 25.06 -40.88 30.99
C GLU B 68 24.17 -39.89 30.23
N HIC B 69 23.63 -40.35 29.10
CA HIC B 69 22.73 -39.57 28.28
C HIC B 69 23.39 -38.27 27.83
O HIC B 69 22.83 -37.18 27.81
CB HIC B 69 21.41 -39.19 28.97
CG HIC B 69 20.79 -40.31 29.70
ND1 HIC B 69 20.81 -41.64 29.27
CD2 HIC B 69 20.08 -40.22 30.91
CE1 HIC B 69 20.14 -42.35 30.21
NE2 HIC B 69 19.67 -41.51 31.23
CZ HIC B 69 18.92 -41.89 32.39
N GLY B 70 24.66 -38.40 27.46
CA GLY B 70 25.44 -37.27 26.99
C GLY B 70 26.10 -36.48 28.10
N ILE B 71 25.40 -36.35 29.23
CA ILE B 71 25.94 -35.61 30.37
C ILE B 71 27.06 -36.40 31.01
N ILE B 72 28.23 -35.78 31.15
CA ILE B 72 29.38 -36.44 31.76
C ILE B 72 29.14 -36.53 33.27
N THR B 73 28.89 -37.75 33.76
CA THR B 73 28.64 -37.94 35.18
C THR B 73 29.94 -37.86 35.99
N ASN B 74 30.79 -38.87 35.84
CA ASN B 74 32.06 -38.92 36.55
C ASN B 74 33.19 -38.43 35.64
N TRP B 75 34.31 -38.08 36.27
CA TRP B 75 35.45 -37.53 35.56
C TRP B 75 36.72 -38.34 35.69
N ASP B 76 36.87 -39.14 36.76
CA ASP B 76 38.09 -39.94 36.90
C ASP B 76 38.12 -41.12 35.95
N ASP B 77 36.97 -41.52 35.40
CA ASP B 77 36.92 -42.60 34.43
C ASP B 77 36.92 -42.09 32.98
N MET B 78 36.60 -40.82 32.76
CA MET B 78 36.60 -40.28 31.40
C MET B 78 38.02 -40.08 30.89
N GLU B 79 38.97 -39.78 31.78
CA GLU B 79 40.35 -39.59 31.35
C GLU B 79 41.04 -40.91 31.05
N LYS B 80 40.59 -42.01 31.66
CA LYS B 80 41.24 -43.31 31.43
C LYS B 80 41.04 -43.78 30.00
N ILE B 81 39.84 -43.60 29.44
CA ILE B 81 39.56 -44.03 28.08
C ILE B 81 40.18 -43.11 27.03
N TRP B 82 40.68 -41.95 27.43
CA TRP B 82 41.32 -41.03 26.50
C TRP B 82 42.83 -41.25 26.43
N HIS B 83 43.47 -41.51 27.57
CA HIS B 83 44.92 -41.73 27.57
C HIS B 83 45.27 -43.10 27.02
N HIS B 84 44.38 -44.07 27.15
CA HIS B 84 44.63 -45.42 26.65
C HIS B 84 44.33 -45.56 25.16
N THR B 85 43.88 -44.49 24.50
CA THR B 85 43.54 -44.53 23.09
C THR B 85 44.70 -44.08 22.19
N PHE B 86 45.32 -42.94 22.51
CA PHE B 86 46.38 -42.39 21.68
C PHE B 86 47.73 -43.07 21.91
N TYR B 87 47.85 -43.92 22.93
CA TYR B 87 49.11 -44.58 23.25
C TYR B 87 49.01 -46.10 23.15
N ASN B 88 48.00 -46.61 22.45
CA ASN B 88 47.85 -48.05 22.29
C ASN B 88 47.35 -48.40 20.90
N GLU B 89 46.21 -47.82 20.51
CA GLU B 89 45.62 -48.09 19.20
C GLU B 89 46.18 -47.15 18.13
N LEU B 90 46.05 -45.84 18.34
CA LEU B 90 46.56 -44.89 17.35
C LEU B 90 48.07 -44.78 17.40
N ARG B 91 48.66 -44.89 18.60
CA ARG B 91 50.10 -44.83 18.79
C ARG B 91 50.67 -43.52 18.25
N VAL B 92 49.98 -42.42 18.49
CA VAL B 92 50.39 -41.10 18.05
C VAL B 92 50.32 -40.14 19.22
N ALA B 93 51.29 -39.21 19.27
CA ALA B 93 51.31 -38.23 20.36
C ALA B 93 50.41 -37.05 20.03
N PRO B 94 49.57 -36.62 20.98
CA PRO B 94 48.69 -35.47 20.73
C PRO B 94 49.42 -34.15 20.52
N GLU B 95 50.72 -34.08 20.86
CA GLU B 95 51.48 -32.85 20.70
C GLU B 95 51.89 -32.58 19.26
N GLU B 96 51.55 -33.46 18.32
CA GLU B 96 51.89 -33.28 16.91
C GLU B 96 50.70 -33.04 16.00
N HIS B 97 49.54 -33.60 16.32
CA HIS B 97 48.37 -33.45 15.48
C HIS B 97 47.20 -32.89 16.30
N PRO B 98 46.39 -32.00 15.73
CA PRO B 98 45.26 -31.46 16.47
C PRO B 98 44.15 -32.50 16.64
N THR B 99 43.46 -32.41 17.77
CA THR B 99 42.37 -33.32 18.11
C THR B 99 41.05 -32.62 17.87
N LEU B 100 40.18 -33.24 17.07
CA LEU B 100 38.87 -32.69 16.74
C LEU B 100 37.82 -33.49 17.51
N LEU B 101 37.32 -32.89 18.59
CA LEU B 101 36.31 -33.53 19.42
C LEU B 101 34.91 -33.24 18.88
N THR B 102 33.94 -34.03 19.35
CA THR B 102 32.56 -33.89 18.93
C THR B 102 31.64 -34.12 20.12
N GLU B 103 30.70 -33.20 20.33
CA GLU B 103 29.75 -33.28 21.43
C GLU B 103 28.33 -33.22 20.89
N ALA B 104 27.37 -33.53 21.77
CA ALA B 104 25.96 -33.52 21.43
C ALA B 104 25.38 -32.12 21.59
N PRO B 105 24.41 -31.75 20.75
CA PRO B 105 23.80 -30.43 20.86
C PRO B 105 22.96 -30.30 22.13
N LEU B 106 22.75 -29.04 22.54
CA LEU B 106 22.02 -28.73 23.76
C LEU B 106 22.64 -29.41 24.98
N ASN B 107 23.97 -29.36 25.06
CA ASN B 107 24.79 -29.95 26.11
C ASN B 107 24.94 -28.96 27.27
N PRO B 108 24.88 -29.44 28.52
CA PRO B 108 25.02 -28.53 29.66
C PRO B 108 26.40 -27.91 29.71
N LYS B 109 26.46 -26.72 30.34
CA LYS B 109 27.71 -25.98 30.44
C LYS B 109 28.71 -26.64 31.37
N ALA B 110 28.30 -27.62 32.17
CA ALA B 110 29.20 -28.31 33.08
C ALA B 110 30.13 -29.28 32.38
N ASN B 111 29.97 -29.50 31.07
CA ASN B 111 30.81 -30.41 30.32
C ASN B 111 31.70 -29.73 29.29
N ARG B 112 31.33 -28.54 28.82
CA ARG B 112 32.13 -27.82 27.83
C ARG B 112 33.35 -27.15 28.46
N GLU B 113 33.18 -26.50 29.61
CA GLU B 113 34.30 -25.82 30.25
C GLU B 113 35.28 -26.79 30.89
N LYS B 114 34.88 -28.05 31.10
CA LYS B 114 35.76 -29.05 31.69
C LYS B 114 36.43 -29.95 30.67
N MET B 115 35.81 -30.15 29.50
CA MET B 115 36.43 -30.98 28.48
C MET B 115 37.62 -30.28 27.82
N THR B 116 37.52 -28.96 27.64
CA THR B 116 38.64 -28.21 27.06
C THR B 116 39.81 -28.12 28.03
N GLN B 117 39.54 -28.15 29.33
CA GLN B 117 40.61 -28.08 30.31
C GLN B 117 41.47 -29.35 30.29
N ILE B 118 40.85 -30.51 30.04
CA ILE B 118 41.62 -31.75 29.98
C ILE B 118 42.49 -31.78 28.73
N MET B 119 41.98 -31.26 27.62
CA MET B 119 42.71 -31.24 26.36
C MET B 119 43.72 -30.10 26.27
N PHE B 120 43.92 -29.35 27.35
CA PHE B 120 44.88 -28.26 27.36
C PHE B 120 45.92 -28.39 28.47
N GLU B 121 45.51 -28.77 29.68
CA GLU B 121 46.44 -28.91 30.80
C GLU B 121 47.11 -30.27 30.81
N THR B 122 46.32 -31.34 30.85
CA THR B 122 46.87 -32.70 30.87
C THR B 122 47.47 -33.05 29.51
N PHE B 123 46.62 -33.24 28.51
CA PHE B 123 47.07 -33.56 27.16
C PHE B 123 47.41 -32.27 26.43
N ASN B 124 48.69 -32.10 26.08
CA ASN B 124 49.13 -30.90 25.38
C ASN B 124 48.71 -30.93 23.91
N VAL B 125 47.51 -30.44 23.62
CA VAL B 125 46.99 -30.41 22.27
C VAL B 125 47.22 -29.01 21.70
N PRO B 126 47.80 -28.88 20.51
CA PRO B 126 48.02 -27.52 19.96
C PRO B 126 46.73 -26.77 19.67
N ALA B 127 45.73 -27.44 19.11
CA ALA B 127 44.46 -26.81 18.78
C ALA B 127 43.36 -27.85 18.81
N MET B 128 42.20 -27.44 19.32
CA MET B 128 41.02 -28.30 19.40
C MET B 128 39.80 -27.54 18.90
N TYR B 129 38.73 -28.27 18.64
CA TYR B 129 37.49 -27.68 18.15
C TYR B 129 36.35 -28.63 18.43
N VAL B 130 35.23 -28.08 18.89
CA VAL B 130 34.02 -28.83 19.16
C VAL B 130 32.88 -28.26 18.31
N ALA B 131 31.88 -29.09 18.06
CA ALA B 131 30.74 -28.68 17.24
C ALA B 131 29.49 -29.47 17.58
N ILE B 132 28.64 -29.70 16.59
CA ILE B 132 27.38 -30.40 16.77
C ILE B 132 27.38 -31.62 15.85
N GLN B 133 26.86 -32.74 16.36
CA GLN B 133 26.85 -33.98 15.58
C GLN B 133 25.97 -33.88 14.33
N ALA B 134 25.02 -32.95 14.30
CA ALA B 134 24.16 -32.82 13.13
C ALA B 134 24.91 -32.29 11.93
N VAL B 135 25.88 -31.39 12.14
CA VAL B 135 26.63 -30.84 11.03
C VAL B 135 27.68 -31.83 10.53
N LEU B 136 28.38 -32.50 11.46
CA LEU B 136 29.41 -33.46 11.05
C LEU B 136 28.81 -34.65 10.31
N SER B 137 27.63 -35.11 10.72
CA SER B 137 26.97 -36.21 10.04
C SER B 137 26.34 -35.80 8.71
N LEU B 138 26.31 -34.50 8.40
CA LEU B 138 25.74 -34.05 7.14
C LEU B 138 26.74 -34.15 6.00
N TYR B 139 28.04 -34.01 6.28
CA TYR B 139 29.05 -34.10 5.24
C TYR B 139 29.23 -35.52 4.72
N ALA B 140 28.72 -36.53 5.44
CA ALA B 140 28.86 -37.91 4.98
C ALA B 140 27.98 -38.18 3.76
N SER B 141 26.90 -37.42 3.59
CA SER B 141 26.01 -37.59 2.44
C SER B 141 26.43 -36.73 1.26
N GLY B 142 26.90 -35.51 1.52
CA GLY B 142 27.33 -34.62 0.46
C GLY B 142 26.23 -33.71 -0.04
N ARG B 143 25.34 -33.29 0.86
CA ARG B 143 24.24 -32.40 0.53
C ARG B 143 24.36 -31.11 1.34
N THR B 144 23.32 -30.28 1.28
CA THR B 144 23.30 -29.02 2.00
C THR B 144 22.08 -28.94 2.90
N THR B 145 20.89 -28.87 2.30
CA THR B 145 19.63 -28.78 3.03
C THR B 145 19.14 -30.17 3.39
N GLY B 146 18.85 -30.38 4.67
CA GLY B 146 18.36 -31.67 5.13
C GLY B 146 18.38 -31.82 6.63
N ILE B 147 17.22 -32.13 7.22
CA ILE B 147 17.13 -32.29 8.66
C ILE B 147 17.83 -33.59 9.07
N VAL B 148 18.67 -33.51 10.09
CA VAL B 148 19.45 -34.64 10.56
C VAL B 148 18.75 -35.25 11.77
N LEU B 149 18.55 -36.57 11.73
CA LEU B 149 17.93 -37.32 12.82
C LEU B 149 19.00 -38.22 13.41
N ASP B 150 19.76 -37.69 14.37
CA ASP B 150 20.85 -38.42 15.00
C ASP B 150 20.33 -39.13 16.25
N SER B 151 20.46 -40.46 16.27
CA SER B 151 20.03 -41.28 17.41
C SER B 151 21.18 -42.24 17.74
N GLY B 152 22.10 -41.76 18.59
CA GLY B 152 23.24 -42.56 18.98
C GLY B 152 22.95 -43.56 20.07
N ASP B 153 23.26 -43.20 21.32
CA ASP B 153 23.04 -44.08 22.46
C ASP B 153 22.41 -43.40 23.67
N GLY B 154 22.64 -42.11 23.87
CA GLY B 154 22.08 -41.42 25.02
C GLY B 154 20.81 -40.65 24.72
N VAL B 155 20.93 -39.51 24.07
CA VAL B 155 19.79 -38.64 23.77
C VAL B 155 19.70 -38.48 22.26
N THR B 156 18.49 -38.63 21.73
CA THR B 156 18.24 -38.46 20.30
C THR B 156 17.96 -36.98 20.02
N HIS B 157 18.72 -36.40 19.10
CA HIS B 157 18.61 -35.00 18.75
C HIS B 157 18.11 -34.85 17.32
N ASN B 158 17.28 -33.82 17.11
CA ASN B 158 16.73 -33.51 15.79
C ASN B 158 16.99 -32.03 15.51
N VAL B 159 18.06 -31.75 14.79
CA VAL B 159 18.48 -30.38 14.47
C VAL B 159 18.37 -30.19 12.96
N PRO B 160 17.31 -29.54 12.50
CA PRO B 160 17.17 -29.28 11.06
C PRO B 160 18.08 -28.14 10.61
N ILE B 161 18.26 -28.05 9.29
CA ILE B 161 19.10 -27.03 8.69
C ILE B 161 18.65 -26.82 7.26
N TYR B 162 18.56 -25.56 6.85
CA TYR B 162 18.11 -25.17 5.52
C TYR B 162 19.22 -24.37 4.85
N GLU B 163 20.05 -25.06 4.05
CA GLU B 163 21.13 -24.46 3.28
C GLU B 163 22.08 -23.68 4.19
N GLY B 164 22.79 -24.44 5.02
CA GLY B 164 23.78 -23.85 5.92
C GLY B 164 23.25 -23.15 7.15
N TYR B 165 22.29 -22.24 6.98
CA TYR B 165 21.72 -21.49 8.08
C TYR B 165 20.92 -22.43 8.98
N ALA B 166 21.53 -22.86 10.08
CA ALA B 166 20.86 -23.74 11.02
C ALA B 166 19.87 -22.97 11.89
N LEU B 167 19.03 -23.71 12.59
CA LEU B 167 18.01 -23.13 13.46
C LEU B 167 18.15 -23.72 14.86
N PRO B 168 18.83 -23.01 15.77
CA PRO B 168 18.99 -23.54 17.14
C PRO B 168 17.69 -23.63 17.92
N HIS B 169 16.64 -22.90 17.51
CA HIS B 169 15.39 -22.92 18.24
C HIS B 169 14.57 -24.19 17.97
N ALA B 170 14.82 -24.87 16.85
CA ALA B 170 14.10 -26.09 16.50
C ALA B 170 14.77 -27.35 17.04
N ILE B 171 15.72 -27.20 17.96
CA ILE B 171 16.41 -28.35 18.55
C ILE B 171 15.52 -28.94 19.64
N MET B 172 14.92 -30.09 19.35
CA MET B 172 14.03 -30.78 20.29
C MET B 172 14.67 -32.11 20.64
N ARG B 173 15.23 -32.21 21.84
CA ARG B 173 15.88 -33.42 22.30
C ARG B 173 14.85 -34.41 22.82
N LEU B 174 15.22 -35.69 22.81
CA LEU B 174 14.37 -36.76 23.28
C LEU B 174 15.21 -37.83 23.96
N ASP B 175 14.83 -38.21 25.18
CA ASP B 175 15.58 -39.21 25.95
C ASP B 175 15.15 -40.63 25.55
N LEU B 176 15.30 -40.92 24.26
CA LEU B 176 14.97 -42.23 23.72
C LEU B 176 16.00 -42.55 22.64
N ALA B 177 16.98 -43.38 22.97
CA ALA B 177 18.04 -43.73 22.03
C ALA B 177 18.40 -45.21 22.14
N GLY B 178 19.68 -45.50 22.38
CA GLY B 178 20.14 -46.88 22.45
C GLY B 178 20.12 -47.46 23.84
N ARG B 179 20.69 -46.73 24.81
CA ARG B 179 20.71 -47.23 26.18
C ARG B 179 19.32 -47.28 26.79
N ASP B 180 18.40 -46.44 26.29
CA ASP B 180 17.04 -46.42 26.83
C ASP B 180 16.19 -47.59 26.36
N LEU B 181 16.68 -48.38 25.39
CA LEU B 181 15.95 -49.54 24.90
C LEU B 181 16.33 -50.84 25.59
N THR B 182 17.60 -50.99 25.96
CA THR B 182 18.03 -52.21 26.63
C THR B 182 17.51 -52.29 28.06
N ASP B 183 17.06 -51.18 28.64
CA ASP B 183 16.50 -51.20 29.98
C ASP B 183 15.08 -51.76 29.98
N TYR B 184 14.29 -51.41 28.96
CA TYR B 184 12.93 -51.95 28.86
C TYR B 184 12.93 -53.41 28.43
N LEU B 185 13.97 -53.87 27.73
CA LEU B 185 14.03 -55.26 27.32
C LEU B 185 14.28 -56.18 28.51
N MET B 186 14.91 -55.66 29.57
CA MET B 186 15.19 -56.49 30.74
C MET B 186 13.92 -56.78 31.53
N LYS B 187 13.07 -55.77 31.70
CA LYS B 187 11.84 -55.95 32.47
C LYS B 187 10.77 -56.72 31.70
N ILE B 188 10.93 -56.86 30.37
CA ILE B 188 9.98 -57.60 29.56
C ILE B 188 10.43 -59.03 29.28
N LEU B 189 11.71 -59.34 29.50
CA LEU B 189 12.21 -60.69 29.26
C LEU B 189 12.10 -61.58 30.49
N THR B 190 11.89 -61.01 31.67
CA THR B 190 11.81 -61.81 32.90
C THR B 190 10.56 -62.66 32.96
N GLU B 191 9.55 -62.36 32.14
CA GLU B 191 8.31 -63.14 32.14
C GLU B 191 8.47 -64.49 31.44
N ARG B 192 9.56 -64.71 30.71
CA ARG B 192 9.81 -65.96 30.01
C ARG B 192 10.90 -66.79 30.67
N GLY B 193 11.18 -66.54 31.95
CA GLY B 193 12.20 -67.28 32.66
C GLY B 193 13.61 -66.80 32.44
N TYR B 194 13.80 -65.71 31.71
CA TYR B 194 15.13 -65.15 31.44
C TYR B 194 15.23 -63.81 32.15
N SER B 195 15.61 -63.86 33.42
CA SER B 195 15.74 -62.67 34.26
C SER B 195 17.19 -62.44 34.62
N PHE B 196 17.61 -61.17 34.58
CA PHE B 196 18.97 -60.78 34.93
C PHE B 196 18.94 -59.50 35.75
N VAL B 197 19.94 -59.34 36.61
CA VAL B 197 20.03 -58.17 37.47
C VAL B 197 21.49 -57.69 37.49
N THR B 198 22.41 -58.57 37.12
CA THR B 198 23.82 -58.23 37.11
C THR B 198 24.13 -57.30 35.94
N THR B 199 24.98 -56.31 36.19
CA THR B 199 25.34 -55.35 35.16
C THR B 199 26.12 -56.01 34.02
N ALA B 200 26.80 -57.12 34.31
CA ALA B 200 27.61 -57.79 33.29
C ALA B 200 26.74 -58.36 32.18
N GLU B 201 25.52 -58.80 32.50
CA GLU B 201 24.62 -59.37 31.50
C GLU B 201 23.76 -58.32 30.81
N ARG B 202 24.01 -57.03 31.04
CA ARG B 202 23.24 -55.99 30.37
C ARG B 202 23.66 -55.82 28.91
N GLU B 203 24.93 -56.07 28.59
CA GLU B 203 25.42 -55.99 27.22
C GLU B 203 25.23 -57.26 26.43
N ILE B 204 24.90 -58.37 27.08
CA ILE B 204 24.67 -59.62 26.36
C ILE B 204 23.37 -59.55 25.58
N VAL B 205 22.31 -59.01 26.19
CA VAL B 205 21.04 -58.86 25.49
C VAL B 205 21.08 -57.71 24.50
N ARG B 206 22.08 -56.83 24.59
CA ARG B 206 22.19 -55.74 23.65
C ARG B 206 22.64 -56.23 22.28
N ASP B 207 23.51 -57.24 22.25
CA ASP B 207 23.97 -57.78 20.97
C ASP B 207 22.85 -58.52 20.25
N ILE B 208 21.90 -59.09 20.98
CA ILE B 208 20.76 -59.75 20.36
C ILE B 208 19.85 -58.73 19.70
N LYS B 209 19.72 -57.54 20.30
CA LYS B 209 18.87 -56.51 19.73
C LYS B 209 19.44 -55.94 18.45
N GLU B 210 20.77 -55.93 18.31
CA GLU B 210 21.41 -55.37 17.13
C GLU B 210 21.28 -56.25 15.89
N LYS B 211 20.73 -57.46 16.02
CA LYS B 211 20.62 -58.36 14.89
C LYS B 211 19.19 -58.87 14.73
N LEU B 212 18.67 -59.54 15.77
CA LEU B 212 17.35 -60.16 15.67
C LEU B 212 16.25 -59.11 15.79
N CYS B 213 16.35 -58.24 16.79
CA CYS B 213 15.32 -57.23 16.99
C CYS B 213 15.41 -56.15 15.91
N TYR B 214 14.26 -55.85 15.30
CA TYR B 214 14.18 -54.84 14.26
C TYR B 214 12.86 -54.09 14.41
N VAL B 215 12.61 -53.16 13.48
CA VAL B 215 11.39 -52.36 13.47
C VAL B 215 10.46 -52.90 12.40
N ALA B 216 9.23 -53.21 12.79
CA ALA B 216 8.24 -53.74 11.86
C ALA B 216 7.46 -52.60 11.21
N LEU B 217 6.55 -52.95 10.31
CA LEU B 217 5.74 -51.95 9.62
C LEU B 217 4.62 -51.44 10.52
N ASP B 218 3.88 -52.35 11.15
CA ASP B 218 2.79 -52.01 12.05
C ASP B 218 3.00 -52.67 13.40
N PHE B 219 2.25 -52.19 14.39
CA PHE B 219 2.35 -52.70 15.76
C PHE B 219 1.12 -53.47 16.20
N GLU B 220 -0.07 -52.90 16.06
CA GLU B 220 -1.29 -53.57 16.48
C GLU B 220 -1.70 -54.69 15.53
N ASN B 221 -1.14 -54.74 14.32
CA ASN B 221 -1.48 -55.81 13.39
C ASN B 221 -0.65 -57.06 13.62
N GLU B 222 0.49 -56.94 14.29
CA GLU B 222 1.35 -58.09 14.57
C GLU B 222 1.12 -58.66 15.96
N MET B 223 0.36 -57.99 16.82
CA MET B 223 0.11 -58.49 18.16
C MET B 223 -0.99 -59.55 18.17
N ALA B 224 -2.01 -59.37 17.33
CA ALA B 224 -3.11 -60.34 17.28
C ALA B 224 -2.66 -61.67 16.68
N THR B 225 -1.69 -61.64 15.77
CA THR B 225 -1.17 -62.84 15.14
C THR B 225 0.08 -63.37 15.83
N ALA B 226 0.43 -62.83 17.00
CA ALA B 226 1.62 -63.27 17.73
C ALA B 226 1.38 -64.55 18.51
N ALA B 227 0.14 -65.03 18.59
CA ALA B 227 -0.13 -66.26 19.34
C ALA B 227 0.41 -67.48 18.61
N SER B 228 0.34 -67.48 17.27
CA SER B 228 0.82 -68.60 16.46
C SER B 228 2.24 -68.27 16.02
N SER B 229 3.20 -68.68 16.84
CA SER B 229 4.62 -68.43 16.56
C SER B 229 5.07 -69.35 15.42
N SER B 230 5.15 -68.79 14.21
CA SER B 230 5.57 -69.55 13.03
C SER B 230 6.80 -68.98 12.35
N SER B 231 6.95 -67.66 12.30
CA SER B 231 8.10 -67.05 11.66
C SER B 231 8.72 -65.90 12.43
N LEU B 232 8.15 -65.50 13.56
CA LEU B 232 8.68 -64.40 14.37
C LEU B 232 9.52 -64.89 15.54
N GLU B 233 9.91 -66.16 15.55
CA GLU B 233 10.71 -66.73 16.61
C GLU B 233 12.00 -67.30 16.05
N LYS B 234 13.06 -67.25 16.85
CA LYS B 234 14.37 -67.77 16.44
C LYS B 234 15.19 -68.03 17.68
N SER B 235 15.82 -69.21 17.74
CA SER B 235 16.64 -69.57 18.89
C SER B 235 17.99 -68.88 18.83
N TYR B 236 18.51 -68.52 20.01
CA TYR B 236 19.79 -67.85 20.14
C TYR B 236 20.71 -68.68 21.02
N GLU B 237 21.99 -68.76 20.63
CA GLU B 237 22.98 -69.55 21.36
C GLU B 237 23.61 -68.68 22.44
N LEU B 238 23.32 -68.98 23.69
CA LEU B 238 23.89 -68.23 24.81
C LEU B 238 25.29 -68.77 25.11
N PRO B 239 26.29 -67.90 25.28
CA PRO B 239 27.66 -68.39 25.52
C PRO B 239 27.79 -69.23 26.78
N ASP B 240 26.91 -69.04 27.77
CA ASP B 240 27.00 -69.83 28.99
C ASP B 240 26.54 -71.27 28.75
N GLY B 241 25.49 -71.45 27.94
CA GLY B 241 24.99 -72.78 27.64
C GLY B 241 23.48 -72.88 27.74
N GLN B 242 22.78 -71.86 27.27
CA GLN B 242 21.32 -71.83 27.29
C GLN B 242 20.81 -71.47 25.90
N VAL B 243 19.49 -71.54 25.73
CA VAL B 243 18.84 -71.25 24.46
C VAL B 243 17.86 -70.10 24.69
N ILE B 244 18.04 -69.01 23.96
CA ILE B 244 17.18 -67.84 24.05
C ILE B 244 16.25 -67.85 22.86
N THR B 245 14.95 -68.01 23.12
CA THR B 245 13.92 -68.04 22.08
C THR B 245 12.85 -67.01 22.42
N ILE B 246 12.81 -65.93 21.66
CA ILE B 246 11.83 -64.87 21.86
C ILE B 246 10.87 -64.86 20.68
N GLY B 247 9.65 -64.37 20.93
CA GLY B 247 8.64 -64.31 19.90
C GLY B 247 8.07 -62.92 19.70
N ASN B 248 7.11 -62.55 20.55
CA ASN B 248 6.48 -61.23 20.46
C ASN B 248 7.35 -60.13 21.07
N GLU B 249 8.44 -60.47 21.75
CA GLU B 249 9.32 -59.50 22.37
C GLU B 249 10.45 -59.07 21.45
N ARG B 250 10.24 -59.12 20.13
CA ARG B 250 11.26 -58.74 19.15
C ARG B 250 11.01 -57.37 18.56
N PHE B 251 9.76 -57.09 18.15
CA PHE B 251 9.42 -55.81 17.55
C PHE B 251 8.85 -54.80 18.54
N ARG B 252 8.41 -55.26 19.72
CA ARG B 252 7.86 -54.35 20.71
C ARG B 252 8.94 -53.55 21.44
N CYS B 253 10.19 -54.02 21.43
CA CYS B 253 11.25 -53.26 22.09
C CYS B 253 11.62 -51.99 21.32
N PRO B 254 11.85 -52.03 20.00
CA PRO B 254 12.10 -50.76 19.29
C PRO B 254 10.88 -49.85 19.20
N GLU B 255 9.70 -50.34 19.57
CA GLU B 255 8.50 -49.50 19.54
C GLU B 255 8.53 -48.40 20.59
N THR B 256 9.38 -48.53 21.60
CA THR B 256 9.48 -47.49 22.63
C THR B 256 9.94 -46.16 22.04
N LEU B 257 10.78 -46.21 20.99
CA LEU B 257 11.20 -44.98 20.33
C LEU B 257 10.02 -44.29 19.67
N PHE B 258 9.05 -45.05 19.18
CA PHE B 258 7.86 -44.49 18.54
C PHE B 258 6.76 -44.21 19.56
N GLN B 259 6.61 -45.05 20.58
CA GLN B 259 5.60 -44.91 21.62
C GLN B 259 6.28 -44.87 22.98
N PRO B 260 6.46 -43.68 23.57
CA PRO B 260 7.09 -43.60 24.89
C PRO B 260 6.16 -44.00 26.02
N SER B 261 4.98 -44.54 25.68
CA SER B 261 3.98 -44.91 26.66
C SER B 261 4.30 -46.22 27.38
N PHE B 262 5.47 -46.80 27.14
CA PHE B 262 5.86 -48.04 27.80
C PHE B 262 6.71 -47.81 29.03
N ILE B 263 7.66 -46.87 28.97
CA ILE B 263 8.52 -46.61 30.12
C ILE B 263 7.76 -45.84 31.20
N GLY B 264 7.36 -44.61 30.89
CA GLY B 264 6.62 -43.80 31.85
C GLY B 264 6.88 -42.31 31.71
N MET B 265 6.89 -41.82 30.48
CA MET B 265 7.11 -40.41 30.21
C MET B 265 6.03 -39.90 29.27
N GLU B 266 5.67 -38.62 29.44
CA GLU B 266 4.67 -37.97 28.61
C GLU B 266 5.24 -37.36 27.34
N SER B 267 6.48 -37.70 27.00
CA SER B 267 7.12 -37.16 25.80
C SER B 267 6.55 -37.83 24.55
N ALA B 268 6.92 -37.29 23.40
CA ALA B 268 6.47 -37.80 22.11
C ALA B 268 7.51 -38.75 21.52
N GLY B 269 7.08 -39.52 20.53
CA GLY B 269 7.94 -40.47 19.87
C GLY B 269 8.94 -39.80 18.95
N ILE B 270 9.72 -40.64 18.26
CA ILE B 270 10.73 -40.14 17.34
C ILE B 270 10.12 -39.58 16.05
N HIS B 271 8.92 -40.01 15.69
CA HIS B 271 8.27 -39.50 14.49
C HIS B 271 7.37 -38.30 14.74
N GLU B 272 7.22 -37.88 16.00
CA GLU B 272 6.51 -36.65 16.34
C GLU B 272 7.43 -35.49 16.62
N THR B 273 8.60 -35.73 17.20
CA THR B 273 9.55 -34.65 17.45
C THR B 273 10.13 -34.11 16.15
N THR B 274 10.31 -34.97 15.15
CA THR B 274 10.79 -34.51 13.85
C THR B 274 9.72 -33.75 13.08
N TYR B 275 8.46 -33.87 13.49
CA TYR B 275 7.36 -33.15 12.86
C TYR B 275 6.97 -31.89 13.61
N ASN B 276 7.12 -31.87 14.94
CA ASN B 276 6.79 -30.68 15.71
C ASN B 276 7.80 -29.57 15.47
N SER B 277 9.08 -29.93 15.26
CA SER B 277 10.09 -28.92 15.00
C SER B 277 9.87 -28.25 13.65
N ILE B 278 9.26 -28.95 12.69
CA ILE B 278 8.97 -28.34 11.39
C ILE B 278 7.89 -27.28 11.52
N MET B 279 6.95 -27.47 12.45
CA MET B 279 5.88 -26.49 12.63
C MET B 279 6.43 -25.17 13.15
N LYS B 280 7.50 -25.20 13.95
CA LYS B 280 8.08 -23.98 14.48
C LYS B 280 8.87 -23.21 13.43
N CYS B 281 9.28 -23.86 12.35
CA CYS B 281 10.04 -23.20 11.30
C CYS B 281 9.11 -22.38 10.39
N ASP B 282 9.73 -21.61 9.50
CA ASP B 282 8.97 -20.81 8.55
C ASP B 282 8.32 -21.70 7.49
N ILE B 283 7.19 -21.24 6.96
CA ILE B 283 6.45 -22.03 5.98
C ILE B 283 7.25 -22.18 4.69
N ASP B 284 8.10 -21.19 4.38
CA ASP B 284 8.88 -21.26 3.13
C ASP B 284 9.88 -22.40 3.16
N ILE B 285 10.37 -22.78 4.34
CA ILE B 285 11.35 -23.85 4.47
C ILE B 285 10.73 -25.16 4.94
N ARG B 286 9.39 -25.24 4.94
CA ARG B 286 8.70 -26.46 5.34
C ARG B 286 8.43 -27.39 4.16
N LYS B 287 9.03 -27.13 3.00
CA LYS B 287 8.85 -27.96 1.83
C LYS B 287 10.12 -28.70 1.41
N ASP B 288 11.22 -28.50 2.13
CA ASP B 288 12.49 -29.16 1.82
C ASP B 288 13.01 -29.95 3.01
N LEU B 289 12.13 -30.38 3.89
CA LEU B 289 12.50 -31.15 5.08
C LEU B 289 11.92 -32.55 5.11
N TYR B 290 10.76 -32.78 4.49
CA TYR B 290 10.17 -34.12 4.50
C TYR B 290 10.86 -35.05 3.50
N ALA B 291 11.16 -34.55 2.31
CA ALA B 291 11.81 -35.33 1.27
C ALA B 291 13.33 -35.27 1.35
N ASN B 292 13.88 -34.69 2.42
CA ASN B 292 15.33 -34.57 2.57
C ASN B 292 15.78 -34.96 3.98
N ASN B 293 14.99 -35.77 4.69
CA ASN B 293 15.37 -36.16 6.04
C ASN B 293 16.46 -37.22 6.01
N VAL B 294 17.48 -37.02 6.83
CA VAL B 294 18.61 -37.93 6.93
C VAL B 294 18.69 -38.44 8.37
N LEU B 295 18.76 -39.75 8.52
CA LEU B 295 18.84 -40.39 9.83
C LEU B 295 20.22 -40.99 10.03
N SER B 296 20.81 -40.74 11.20
CA SER B 296 22.13 -41.25 11.53
C SER B 296 22.13 -41.70 12.99
N GLY B 297 23.30 -42.10 13.47
CA GLY B 297 23.47 -42.56 14.83
C GLY B 297 23.63 -44.06 14.90
N GLY B 298 23.59 -44.56 16.14
CA GLY B 298 23.73 -45.99 16.38
C GLY B 298 22.39 -46.70 16.46
N THR B 299 21.36 -46.00 16.95
CA THR B 299 20.03 -46.57 17.08
C THR B 299 19.22 -46.33 15.80
N THR B 300 19.76 -46.82 14.69
CA THR B 300 19.13 -46.65 13.39
C THR B 300 19.29 -47.85 12.46
N MET B 301 20.30 -48.70 12.66
CA MET B 301 20.56 -49.84 11.80
C MET B 301 19.53 -50.95 11.92
N TYR B 302 18.32 -50.65 12.38
CA TYR B 302 17.27 -51.66 12.46
C TYR B 302 16.66 -51.88 11.08
N PRO B 303 16.72 -53.10 10.53
CA PRO B 303 16.15 -53.33 9.20
C PRO B 303 14.64 -53.18 9.18
N GLY B 304 14.16 -51.96 8.96
CA GLY B 304 12.73 -51.72 8.88
C GLY B 304 12.32 -50.36 9.42
N ILE B 305 13.20 -49.38 9.28
CA ILE B 305 12.91 -48.01 9.73
C ILE B 305 12.54 -47.11 8.55
N ALA B 306 13.26 -47.22 7.44
CA ALA B 306 12.97 -46.40 6.27
C ALA B 306 11.61 -46.69 5.67
N ASP B 307 11.08 -47.90 5.87
CA ASP B 307 9.78 -48.26 5.34
C ASP B 307 8.64 -47.83 6.27
N ARG B 308 8.93 -47.48 7.51
CA ARG B 308 7.92 -47.05 8.47
C ARG B 308 7.76 -45.54 8.54
N MET B 309 8.85 -44.79 8.35
CA MET B 309 8.76 -43.34 8.42
C MET B 309 7.97 -42.74 7.27
N GLN B 310 7.82 -43.48 6.17
CA GLN B 310 7.04 -43.01 5.02
C GLN B 310 5.54 -43.13 5.23
N LYS B 311 5.10 -43.74 6.33
CA LYS B 311 3.68 -43.90 6.63
C LYS B 311 3.21 -43.09 7.83
N GLU B 312 4.01 -43.04 8.90
CA GLU B 312 3.61 -42.27 10.07
C GLU B 312 3.65 -40.77 9.80
N ILE B 313 4.66 -40.31 9.05
CA ILE B 313 4.74 -38.90 8.70
C ILE B 313 3.68 -38.55 7.67
N THR B 314 3.39 -39.47 6.75
CA THR B 314 2.38 -39.21 5.73
C THR B 314 0.99 -39.13 6.34
N ALA B 315 0.75 -39.85 7.44
CA ALA B 315 -0.57 -39.80 8.08
C ALA B 315 -0.81 -38.46 8.76
N LEU B 316 0.25 -37.79 9.21
CA LEU B 316 0.12 -36.50 9.86
C LEU B 316 0.31 -35.34 8.89
N ALA B 317 1.43 -35.32 8.17
CA ALA B 317 1.67 -34.27 7.19
C ALA B 317 0.77 -34.47 5.97
N PRO B 318 0.40 -33.38 5.30
CA PRO B 318 -0.44 -33.51 4.11
C PRO B 318 0.27 -34.28 3.00
N SER B 319 -0.51 -35.07 2.27
CA SER B 319 0.01 -35.91 1.20
C SER B 319 0.09 -35.18 -0.14
N THR B 320 0.12 -33.85 -0.13
CA THR B 320 0.20 -33.09 -1.37
C THR B 320 1.61 -33.16 -1.96
N MET B 321 2.63 -32.94 -1.14
CA MET B 321 4.01 -33.00 -1.60
C MET B 321 4.50 -34.44 -1.55
N LYS B 322 5.79 -34.63 -1.80
CA LYS B 322 6.42 -35.95 -1.81
C LYS B 322 7.31 -36.11 -0.60
N ILE B 323 7.35 -37.33 -0.05
CA ILE B 323 8.16 -37.64 1.12
C ILE B 323 9.14 -38.75 0.71
N LYS B 324 10.43 -38.48 0.86
CA LYS B 324 11.47 -39.44 0.52
C LYS B 324 12.54 -39.43 1.59
N ILE B 325 12.83 -40.60 2.15
CA ILE B 325 13.84 -40.75 3.19
C ILE B 325 15.06 -41.44 2.60
N ILE B 326 16.24 -40.92 2.92
CA ILE B 326 17.51 -41.46 2.44
C ILE B 326 18.24 -42.10 3.60
N ALA B 327 18.74 -43.32 3.39
CA ALA B 327 19.46 -44.06 4.42
C ALA B 327 20.66 -44.75 3.79
N PRO B 328 21.80 -44.05 3.71
CA PRO B 328 22.98 -44.67 3.11
C PRO B 328 23.59 -45.70 4.04
N PRO B 329 24.27 -46.71 3.50
CA PRO B 329 24.89 -47.72 4.35
C PRO B 329 26.01 -47.12 5.19
N GLU B 330 26.36 -47.86 6.25
CA GLU B 330 27.40 -47.45 7.20
C GLU B 330 27.10 -46.06 7.78
N ARG B 331 25.84 -45.86 8.16
CA ARG B 331 25.40 -44.59 8.73
C ARG B 331 25.81 -44.41 10.18
N LYS B 332 26.34 -45.45 10.82
CA LYS B 332 26.76 -45.33 12.22
C LYS B 332 28.01 -44.48 12.33
N TYR B 333 28.94 -44.62 11.38
CA TYR B 333 30.19 -43.86 11.38
C TYR B 333 30.08 -42.54 10.63
N SER B 334 28.87 -41.99 10.50
CA SER B 334 28.69 -40.73 9.78
C SER B 334 29.32 -39.56 10.52
N VAL B 335 29.52 -39.67 11.83
CA VAL B 335 30.14 -38.58 12.57
C VAL B 335 31.65 -38.56 12.37
N TRP B 336 32.27 -39.73 12.31
CA TRP B 336 33.72 -39.80 12.14
C TRP B 336 34.11 -39.56 10.68
N ILE B 337 33.32 -40.07 9.73
CA ILE B 337 33.63 -39.88 8.32
C ILE B 337 33.46 -38.42 7.93
N GLY B 338 32.35 -37.81 8.35
CA GLY B 338 32.11 -36.42 8.03
C GLY B 338 33.05 -35.47 8.74
N GLY B 339 33.54 -35.87 9.92
CA GLY B 339 34.50 -35.04 10.64
C GLY B 339 35.90 -35.06 10.07
N SER B 340 36.27 -36.15 9.39
CA SER B 340 37.60 -36.25 8.80
C SER B 340 37.69 -35.42 7.52
N ILE B 341 36.64 -35.44 6.70
CA ILE B 341 36.65 -34.66 5.47
C ILE B 341 36.45 -33.18 5.75
N LEU B 342 35.89 -32.83 6.91
CA LEU B 342 35.68 -31.42 7.24
C LEU B 342 37.00 -30.71 7.51
N ALA B 343 37.96 -31.40 8.13
CA ALA B 343 39.25 -30.82 8.42
C ALA B 343 40.18 -30.74 7.21
N SER B 344 39.78 -31.35 6.09
CA SER B 344 40.61 -31.32 4.89
C SER B 344 40.50 -30.01 4.12
N LEU B 345 39.45 -29.23 4.35
CA LEU B 345 39.27 -27.98 3.65
C LEU B 345 40.20 -26.91 4.24
N SER B 346 40.53 -25.92 3.40
CA SER B 346 41.41 -24.84 3.81
C SER B 346 40.71 -23.81 4.69
N THR B 347 39.40 -23.65 4.55
CA THR B 347 38.65 -22.67 5.34
C THR B 347 38.39 -23.15 6.77
N PHE B 348 38.57 -24.44 7.04
CA PHE B 348 38.34 -24.97 8.39
C PHE B 348 39.50 -24.73 9.34
N GLN B 349 40.71 -24.50 8.81
CA GLN B 349 41.86 -24.27 9.67
C GLN B 349 41.79 -22.94 10.41
N GLN B 350 40.95 -22.02 9.96
CA GLN B 350 40.80 -20.73 10.62
C GLN B 350 39.78 -20.74 11.75
N MET B 351 39.31 -21.93 12.16
CA MET B 351 38.34 -22.06 13.22
C MET B 351 38.86 -22.82 14.43
N TRP B 352 40.09 -23.33 14.38
CA TRP B 352 40.64 -24.06 15.51
C TRP B 352 40.98 -23.11 16.65
N ILE B 353 40.69 -23.53 17.87
CA ILE B 353 40.98 -22.74 19.06
C ILE B 353 42.46 -22.91 19.38
N SER B 354 43.21 -21.82 19.28
CA SER B 354 44.65 -21.86 19.51
C SER B 354 44.95 -21.94 21.00
N LYS B 355 46.07 -22.57 21.34
CA LYS B 355 46.46 -22.71 22.74
C LYS B 355 46.74 -21.36 23.37
N GLN B 356 47.35 -20.45 22.62
CA GLN B 356 47.63 -19.11 23.15
C GLN B 356 46.37 -18.27 23.30
N GLU B 357 45.29 -18.64 22.62
CA GLU B 357 44.05 -17.89 22.73
C GLU B 357 43.28 -18.27 24.00
N TYR B 358 43.31 -19.56 24.37
CA TYR B 358 42.60 -20.00 25.57
C TYR B 358 43.27 -19.49 26.84
N ASP B 359 44.59 -19.31 26.82
CA ASP B 359 45.29 -18.82 28.00
C ASP B 359 45.02 -17.35 28.26
N GLU B 360 44.68 -16.59 27.21
CA GLU B 360 44.39 -15.17 27.35
C GLU B 360 42.91 -14.89 27.59
N ALA B 361 42.03 -15.70 26.98
CA ALA B 361 40.60 -15.51 27.13
C ALA B 361 40.08 -16.31 28.32
N GLY B 362 39.74 -17.57 28.10
CA GLY B 362 39.23 -18.42 29.14
C GLY B 362 38.01 -19.21 28.69
N PRO B 363 37.40 -19.95 29.62
CA PRO B 363 36.20 -20.74 29.28
C PRO B 363 35.02 -19.85 28.92
N SER B 364 35.04 -19.29 27.70
CA SER B 364 33.96 -18.42 27.24
C SER B 364 33.93 -18.38 25.72
N ILE B 365 35.09 -18.52 25.08
CA ILE B 365 35.19 -18.49 23.64
C ILE B 365 34.90 -19.84 22.99
N VAL B 366 34.57 -20.85 23.79
CA VAL B 366 34.28 -22.16 23.22
C VAL B 366 32.90 -22.17 22.56
N HIS B 367 31.94 -21.48 23.16
CA HIS B 367 30.59 -21.42 22.63
C HIS B 367 30.55 -20.62 21.33
N THR C 1 -7.94 39.60 -62.98
CA THR C 1 -7.51 39.68 -61.59
C THR C 1 -8.53 40.43 -60.74
N THR C 2 -9.07 39.74 -59.75
CA THR C 2 -10.06 40.32 -58.85
C THR C 2 -9.35 41.00 -57.68
N ALA C 3 -10.12 41.42 -56.68
CA ALA C 3 -9.59 42.08 -55.50
C ALA C 3 -9.89 41.24 -54.26
N LEU C 4 -9.20 41.58 -53.16
CA LEU C 4 -9.37 40.90 -51.89
C LEU C 4 -10.01 41.85 -50.90
N VAL C 5 -11.20 41.49 -50.42
CA VAL C 5 -11.95 42.30 -49.47
C VAL C 5 -11.78 41.66 -48.09
N CYS C 6 -10.99 42.30 -47.24
CA CYS C 6 -10.72 41.82 -45.89
C CYS C 6 -11.23 42.83 -44.87
N ASP C 7 -11.84 42.33 -43.80
CA ASP C 7 -12.38 43.15 -42.73
C ASP C 7 -11.59 42.87 -41.46
N ASN C 8 -10.94 43.90 -40.94
CA ASN C 8 -10.13 43.79 -39.71
C ASN C 8 -10.92 44.22 -38.49
N GLY C 9 -12.15 43.71 -38.37
CA GLY C 9 -12.99 44.05 -37.23
C GLY C 9 -12.81 43.09 -36.07
N SER C 10 -13.18 43.57 -34.89
CA SER C 10 -13.08 42.76 -33.68
C SER C 10 -14.15 41.67 -33.67
N GLY C 11 -13.81 40.54 -33.06
CA GLY C 11 -14.74 39.43 -32.97
C GLY C 11 -14.49 38.37 -34.03
N LEU C 12 -14.93 38.63 -35.26
CA LEU C 12 -14.77 37.71 -36.37
C LEU C 12 -14.07 38.41 -37.52
N VAL C 13 -13.54 37.61 -38.44
CA VAL C 13 -12.83 38.10 -39.61
C VAL C 13 -13.59 37.67 -40.85
N LYS C 14 -13.91 38.65 -41.71
CA LYS C 14 -14.65 38.41 -42.95
C LYS C 14 -13.72 38.75 -44.12
N ALA C 15 -13.12 37.72 -44.72
CA ALA C 15 -12.22 37.90 -45.84
C ALA C 15 -12.66 37.00 -46.99
N GLY C 16 -12.31 37.42 -48.20
CA GLY C 16 -12.67 36.65 -49.38
C GLY C 16 -12.44 37.47 -50.64
N PHE C 17 -12.65 36.80 -51.77
CA PHE C 17 -12.47 37.45 -53.06
C PHE C 17 -13.64 38.38 -53.36
N ALA C 18 -13.37 39.42 -54.15
CA ALA C 18 -14.39 40.38 -54.51
C ALA C 18 -15.29 39.83 -55.61
N GLY C 19 -16.56 40.22 -55.56
CA GLY C 19 -17.53 39.78 -56.54
C GLY C 19 -18.29 38.53 -56.19
N ASP C 20 -18.11 38.00 -54.97
CA ASP C 20 -18.80 36.80 -54.53
C ASP C 20 -20.05 37.20 -53.74
N ASP C 21 -20.62 36.24 -53.01
CA ASP C 21 -21.81 36.47 -52.20
C ASP C 21 -21.61 36.20 -50.73
N ALA C 22 -20.83 35.17 -50.38
CA ALA C 22 -20.56 34.82 -49.00
C ALA C 22 -19.09 34.51 -48.83
N PRO C 23 -18.46 35.04 -47.77
CA PRO C 23 -17.03 34.77 -47.57
C PRO C 23 -16.80 33.33 -47.11
N ARG C 24 -15.69 32.75 -47.56
CA ARG C 24 -15.32 31.40 -47.21
C ARG C 24 -14.23 31.33 -46.15
N ALA C 25 -13.72 32.47 -45.70
CA ALA C 25 -12.66 32.53 -44.70
C ALA C 25 -13.19 33.28 -43.48
N VAL C 26 -13.65 32.54 -42.47
CA VAL C 26 -14.17 33.11 -41.23
C VAL C 26 -13.49 32.42 -40.06
N PHE C 27 -13.04 33.21 -39.08
CA PHE C 27 -12.36 32.69 -37.91
C PHE C 27 -12.34 33.78 -36.85
N PRO C 28 -12.41 33.42 -35.56
CA PRO C 28 -12.37 34.44 -34.51
C PRO C 28 -10.99 35.07 -34.39
N SER C 29 -10.96 36.30 -33.91
CA SER C 29 -9.71 37.05 -33.74
C SER C 29 -9.12 36.72 -32.38
N ILE C 30 -8.56 35.52 -32.29
CA ILE C 30 -7.93 35.04 -31.06
C ILE C 30 -6.54 34.53 -31.38
N VAL C 31 -5.63 34.66 -30.42
CA VAL C 31 -4.25 34.21 -30.54
C VAL C 31 -4.00 33.17 -29.47
N GLY C 32 -3.81 31.92 -29.87
CA GLY C 32 -3.59 30.84 -28.92
C GLY C 32 -2.16 30.84 -28.42
N ARG C 33 -1.99 30.89 -27.10
CA ARG C 33 -0.68 30.87 -26.47
C ARG C 33 -0.65 29.78 -25.40
N PRO C 34 0.46 29.06 -25.27
CA PRO C 34 0.53 27.98 -24.27
C PRO C 34 0.53 28.54 -22.86
N ARG C 35 -0.31 27.97 -22.00
CA ARG C 35 -0.42 28.40 -20.62
C ARG C 35 0.53 27.62 -19.71
N HIS C 36 0.47 26.29 -19.75
CA HIS C 36 1.30 25.44 -18.93
C HIS C 36 2.57 25.04 -19.70
N GLN C 37 3.34 24.10 -19.15
CA GLN C 37 4.56 23.59 -19.76
C GLN C 37 4.51 22.07 -19.71
N GLY C 38 4.00 21.46 -20.78
CA GLY C 38 3.90 20.01 -20.84
C GLY C 38 5.26 19.39 -21.08
N VAL C 39 5.54 18.29 -20.37
CA VAL C 39 6.81 17.58 -20.50
C VAL C 39 6.53 16.38 -21.40
N MET C 40 6.46 16.63 -22.70
CA MET C 40 6.23 15.58 -23.68
C MET C 40 7.20 15.76 -24.84
N VAL C 41 7.30 14.73 -25.68
CA VAL C 41 8.19 14.72 -26.83
C VAL C 41 7.35 14.51 -28.09
N GLY C 42 7.51 15.41 -29.05
CA GLY C 42 6.76 15.31 -30.29
C GLY C 42 5.40 15.96 -30.27
N MET C 43 5.18 16.97 -29.42
CA MET C 43 3.90 17.65 -29.33
C MET C 43 3.99 19.02 -29.98
N GLY C 44 2.86 19.47 -30.53
CA GLY C 44 2.78 20.78 -31.16
C GLY C 44 3.62 20.92 -32.41
N GLN C 45 4.52 21.90 -32.42
CA GLN C 45 4.71 22.79 -31.28
C GLN C 45 3.80 24.01 -31.38
N LYS C 46 4.08 24.88 -32.35
CA LYS C 46 3.31 26.10 -32.59
C LYS C 46 3.28 26.98 -31.36
N ASP C 47 4.28 27.86 -31.22
CA ASP C 47 4.35 28.73 -30.06
C ASP C 47 3.22 29.76 -30.05
N SER C 48 2.69 30.10 -31.23
CA SER C 48 1.62 31.08 -31.33
C SER C 48 0.56 30.54 -32.31
N TYR C 49 -0.58 30.14 -31.77
CA TYR C 49 -1.67 29.64 -32.60
C TYR C 49 -2.49 30.81 -33.16
N VAL C 50 -3.10 30.57 -34.31
CA VAL C 50 -3.90 31.58 -34.99
C VAL C 50 -4.92 30.89 -35.88
N GLY C 51 -6.16 31.35 -35.82
CA GLY C 51 -7.23 30.80 -36.62
C GLY C 51 -8.28 30.11 -35.76
N ASP C 52 -9.01 29.21 -36.41
CA ASP C 52 -10.07 28.45 -35.74
C ASP C 52 -9.54 27.24 -34.98
N GLU C 53 -8.22 27.03 -34.98
CA GLU C 53 -7.67 25.88 -34.26
C GLU C 53 -7.71 26.09 -32.75
N ALA C 54 -7.63 27.34 -32.29
CA ALA C 54 -7.66 27.61 -30.85
C ALA C 54 -9.02 27.35 -30.24
N GLN C 55 -10.09 27.27 -31.05
CA GLN C 55 -11.41 27.01 -30.50
C GLN C 55 -11.53 25.58 -29.99
N SER C 56 -10.75 24.65 -30.55
CA SER C 56 -10.77 23.26 -30.10
C SER C 56 -9.90 23.04 -28.87
N LYS C 57 -9.02 23.97 -28.53
CA LYS C 57 -8.14 23.86 -27.37
C LYS C 57 -8.22 25.12 -26.52
N ARG C 58 -9.45 25.51 -26.17
CA ARG C 58 -9.63 26.70 -25.35
C ARG C 58 -9.20 26.47 -23.91
N GLY C 59 -9.34 25.24 -23.41
CA GLY C 59 -8.97 24.92 -22.05
C GLY C 59 -7.48 24.86 -21.79
N ILE C 60 -6.65 25.09 -22.80
CA ILE C 60 -5.20 25.08 -22.63
C ILE C 60 -4.63 26.39 -23.14
N LEU C 61 -5.03 26.80 -24.34
CA LEU C 61 -4.52 28.02 -24.93
C LEU C 61 -5.13 29.25 -24.25
N THR C 62 -4.33 30.31 -24.16
CA THR C 62 -4.75 31.55 -23.54
C THR C 62 -5.37 32.45 -24.61
N LEU C 63 -6.65 32.78 -24.44
CA LEU C 63 -7.34 33.64 -25.39
C LEU C 63 -7.01 35.10 -25.13
N LYS C 64 -6.78 35.84 -26.22
CA LYS C 64 -6.44 37.25 -26.13
C LYS C 64 -6.87 37.95 -27.41
N TYR C 65 -7.58 39.05 -27.28
CA TYR C 65 -8.04 39.82 -28.43
C TYR C 65 -7.00 40.85 -28.81
N PRO C 66 -6.47 40.83 -30.04
CA PRO C 66 -5.46 41.83 -30.41
C PRO C 66 -6.04 43.22 -30.61
N ILE C 67 -7.31 43.33 -31.01
CA ILE C 67 -7.98 44.61 -31.22
C ILE C 67 -8.96 44.83 -30.08
N GLU C 68 -8.92 46.01 -29.49
CA GLU C 68 -9.80 46.34 -28.37
C GLU C 68 -10.59 47.62 -28.64
N HIC C 69 -11.89 47.45 -28.90
CA HIC C 69 -12.80 48.56 -29.15
C HIC C 69 -12.34 49.38 -30.34
O HIC C 69 -12.36 50.61 -30.37
CB HIC C 69 -12.96 49.52 -27.96
CG HIC C 69 -13.27 48.84 -26.69
ND1 HIC C 69 -14.08 47.71 -26.57
CD2 HIC C 69 -12.80 49.22 -25.42
CE1 HIC C 69 -14.10 47.40 -25.25
NE2 HIC C 69 -13.33 48.30 -24.51
CZ HIC C 69 -13.12 48.29 -23.10
N GLY C 70 -11.91 48.66 -31.37
CA GLY C 70 -11.45 49.27 -32.60
C GLY C 70 -9.99 49.67 -32.58
N ILE C 71 -9.54 50.21 -31.44
CA ILE C 71 -8.14 50.63 -31.32
C ILE C 71 -7.26 49.40 -31.23
N ILE C 72 -6.25 49.35 -32.10
CA ILE C 72 -5.33 48.22 -32.14
C ILE C 72 -4.39 48.33 -30.93
N THR C 73 -4.55 47.44 -29.96
CA THR C 73 -3.71 47.47 -28.76
C THR C 73 -2.33 46.88 -29.04
N ASN C 74 -2.27 45.59 -29.30
CA ASN C 74 -1.01 44.90 -29.58
C ASN C 74 -0.87 44.71 -31.08
N TRP C 75 0.25 45.19 -31.63
CA TRP C 75 0.51 45.07 -33.06
C TRP C 75 1.23 43.78 -33.43
N ASP C 76 1.84 43.09 -32.46
CA ASP C 76 2.52 41.84 -32.76
C ASP C 76 1.53 40.71 -33.01
N ASP C 77 0.36 40.76 -32.38
CA ASP C 77 -0.67 39.75 -32.59
C ASP C 77 -1.60 40.07 -33.76
N MET C 78 -1.65 41.33 -34.18
CA MET C 78 -2.50 41.70 -35.30
C MET C 78 -1.96 41.19 -36.62
N GLU C 79 -0.62 41.13 -36.76
CA GLU C 79 -0.02 40.63 -37.98
C GLU C 79 -0.18 39.11 -38.12
N LYS C 80 -0.38 38.40 -37.01
CA LYS C 80 -0.51 36.94 -37.08
C LYS C 80 -1.77 36.52 -37.83
N ILE C 81 -2.89 37.20 -37.57
CA ILE C 81 -4.14 36.85 -38.23
C ILE C 81 -4.20 37.32 -39.68
N TRP C 82 -3.27 38.17 -40.10
CA TRP C 82 -3.23 38.63 -41.49
C TRP C 82 -2.40 37.71 -42.37
N HIS C 83 -1.36 37.09 -41.80
CA HIS C 83 -0.54 36.17 -42.59
C HIS C 83 -1.13 34.76 -42.63
N HIS C 84 -1.89 34.39 -41.61
CA HIS C 84 -2.50 33.06 -41.59
C HIS C 84 -3.65 32.95 -42.59
N THR C 85 -4.27 34.08 -42.93
CA THR C 85 -5.41 34.05 -43.85
C THR C 85 -4.96 33.93 -45.30
N PHE C 86 -3.88 34.61 -45.67
CA PHE C 86 -3.41 34.63 -47.05
C PHE C 86 -2.59 33.41 -47.43
N TYR C 87 -2.47 32.42 -46.53
CA TYR C 87 -1.68 31.23 -46.84
C TYR C 87 -2.33 29.95 -46.33
N ASN C 88 -3.58 29.98 -45.87
CA ASN C 88 -4.25 28.79 -45.37
C ASN C 88 -5.70 28.75 -45.81
N GLU C 89 -6.44 29.82 -45.56
CA GLU C 89 -7.85 29.89 -45.93
C GLU C 89 -8.03 30.39 -47.36
N LEU C 90 -7.54 31.60 -47.65
CA LEU C 90 -7.68 32.15 -48.99
C LEU C 90 -6.72 31.49 -49.97
N ARG C 91 -5.49 31.19 -49.52
CA ARG C 91 -4.48 30.54 -50.34
C ARG C 91 -4.19 31.33 -51.61
N VAL C 92 -4.10 32.65 -51.48
CA VAL C 92 -3.83 33.54 -52.59
C VAL C 92 -2.66 34.45 -52.22
N ALA C 93 -1.77 34.69 -53.17
CA ALA C 93 -0.62 35.55 -52.94
C ALA C 93 -1.04 37.01 -52.95
N PRO C 94 -0.65 37.81 -51.95
CA PRO C 94 -1.03 39.22 -51.94
C PRO C 94 -0.42 40.03 -53.07
N GLU C 95 0.63 39.52 -53.73
CA GLU C 95 1.28 40.24 -54.82
C GLU C 95 0.53 40.14 -56.13
N GLU C 96 -0.60 39.43 -56.17
CA GLU C 96 -1.37 39.26 -57.39
C GLU C 96 -2.72 39.98 -57.37
N HIS C 97 -3.33 40.15 -56.20
CA HIS C 97 -4.62 40.80 -56.08
C HIS C 97 -4.56 41.89 -55.01
N PRO C 98 -5.20 43.02 -55.24
CA PRO C 98 -5.18 44.10 -54.25
C PRO C 98 -6.02 43.75 -53.03
N THR C 99 -5.55 44.19 -51.86
CA THR C 99 -6.23 43.94 -50.60
C THR C 99 -7.02 45.18 -50.21
N LEU C 100 -8.33 45.00 -49.98
CA LEU C 100 -9.23 46.10 -49.61
C LEU C 100 -9.56 45.96 -48.13
N LEU C 101 -8.93 46.80 -47.31
CA LEU C 101 -9.18 46.80 -45.87
C LEU C 101 -10.27 47.80 -45.52
N THR C 102 -10.79 47.67 -44.29
CA THR C 102 -11.84 48.55 -43.80
C THR C 102 -11.64 48.78 -42.32
N GLU C 103 -11.59 50.04 -41.92
CA GLU C 103 -11.39 50.44 -40.53
C GLU C 103 -12.66 51.07 -39.98
N ALA C 104 -12.62 51.43 -38.68
CA ALA C 104 -13.75 52.03 -38.01
C ALA C 104 -13.68 53.56 -38.12
N PRO C 105 -14.82 54.22 -38.30
CA PRO C 105 -14.82 55.69 -38.41
C PRO C 105 -14.53 56.34 -37.07
N LEU C 106 -14.16 57.62 -37.15
CA LEU C 106 -13.84 58.46 -35.99
C LEU C 106 -12.72 57.80 -35.16
N ASN C 107 -11.52 57.88 -35.72
CA ASN C 107 -10.32 57.33 -35.09
C ASN C 107 -9.37 58.44 -34.70
N PRO C 108 -8.81 58.40 -33.49
CA PRO C 108 -7.88 59.46 -33.06
C PRO C 108 -6.48 59.31 -33.64
N LYS C 109 -6.40 59.04 -34.95
CA LYS C 109 -5.13 58.89 -35.65
C LYS C 109 -4.25 57.83 -35.00
N ALA C 110 -4.59 56.56 -35.18
CA ALA C 110 -3.83 55.47 -34.59
C ALA C 110 -3.91 54.21 -35.44
N ASN C 111 -4.96 54.11 -36.26
CA ASN C 111 -5.17 52.94 -37.11
C ASN C 111 -5.13 53.29 -38.59
N ARG C 112 -4.44 54.37 -38.96
CA ARG C 112 -4.33 54.78 -40.35
C ARG C 112 -2.88 54.82 -40.81
N GLU C 113 -2.00 55.50 -40.07
CA GLU C 113 -0.60 55.56 -40.45
C GLU C 113 0.16 54.29 -40.09
N LYS C 114 -0.38 53.47 -39.19
CA LYS C 114 0.26 52.23 -38.79
C LYS C 114 -0.34 51.00 -39.44
N MET C 115 -1.60 51.06 -39.87
CA MET C 115 -2.22 49.91 -40.52
C MET C 115 -1.70 49.72 -41.93
N THR C 116 -1.51 50.82 -42.66
CA THR C 116 -1.00 50.73 -44.03
C THR C 116 0.48 50.38 -44.08
N GLN C 117 1.21 50.58 -42.99
CA GLN C 117 2.63 50.26 -42.98
C GLN C 117 2.88 48.76 -43.01
N ILE C 118 1.99 47.97 -42.40
CA ILE C 118 2.17 46.53 -42.40
C ILE C 118 1.94 45.95 -43.80
N MET C 119 0.97 46.49 -44.52
CA MET C 119 0.65 46.03 -45.86
C MET C 119 1.60 46.54 -46.93
N PHE C 120 2.65 47.28 -46.54
CA PHE C 120 3.62 47.80 -47.48
C PHE C 120 5.03 47.31 -47.20
N GLU C 121 5.49 47.40 -45.95
CA GLU C 121 6.85 46.95 -45.63
C GLU C 121 6.93 45.43 -45.56
N THR C 122 6.13 44.83 -44.67
CA THR C 122 6.11 43.38 -44.53
C THR C 122 5.45 42.72 -45.73
N PHE C 123 4.14 42.86 -45.85
CA PHE C 123 3.42 42.29 -46.98
C PHE C 123 3.59 43.18 -48.22
N ASN C 124 3.70 42.54 -49.37
CA ASN C 124 3.88 43.24 -50.65
C ASN C 124 2.53 43.32 -51.34
N VAL C 125 1.79 44.38 -51.07
CA VAL C 125 0.47 44.62 -51.64
C VAL C 125 0.60 45.68 -52.73
N PRO C 126 0.12 45.44 -53.94
CA PRO C 126 0.24 46.45 -55.00
C PRO C 126 -0.54 47.72 -54.70
N ALA C 127 -1.82 47.56 -54.32
CA ALA C 127 -2.68 48.69 -54.02
C ALA C 127 -3.64 48.33 -52.90
N MET C 128 -3.90 49.28 -52.01
CA MET C 128 -4.81 49.08 -50.90
C MET C 128 -5.65 50.34 -50.72
N TYR C 129 -6.72 50.21 -49.93
CA TYR C 129 -7.62 51.33 -49.68
C TYR C 129 -8.41 51.04 -48.41
N VAL C 130 -8.62 52.08 -47.61
CA VAL C 130 -9.42 51.99 -46.40
C VAL C 130 -10.52 53.05 -46.46
N ALA C 131 -11.60 52.78 -45.72
CA ALA C 131 -12.73 53.69 -45.72
C ALA C 131 -13.52 53.61 -44.41
N ILE C 132 -14.84 53.59 -44.51
CA ILE C 132 -15.72 53.60 -43.35
C ILE C 132 -16.71 52.45 -43.47
N GLN C 133 -16.97 51.76 -42.35
CA GLN C 133 -17.86 50.62 -42.36
C GLN C 133 -19.31 51.00 -42.62
N ALA C 134 -19.68 52.26 -42.36
CA ALA C 134 -21.07 52.67 -42.53
C ALA C 134 -21.46 52.78 -43.99
N VAL C 135 -20.62 53.44 -44.80
CA VAL C 135 -20.94 53.62 -46.21
C VAL C 135 -20.75 52.31 -46.97
N LEU C 136 -19.73 51.53 -46.61
CA LEU C 136 -19.49 50.26 -47.30
C LEU C 136 -20.61 49.26 -47.06
N SER C 137 -21.24 49.31 -45.88
CA SER C 137 -22.36 48.42 -45.59
C SER C 137 -23.69 48.92 -46.16
N LEU C 138 -23.68 50.07 -46.83
CA LEU C 138 -24.91 50.61 -47.40
C LEU C 138 -25.15 50.10 -48.82
N TYR C 139 -24.07 49.81 -49.57
CA TYR C 139 -24.21 49.32 -50.94
C TYR C 139 -24.71 47.89 -51.01
N ALA C 140 -24.80 47.18 -49.88
CA ALA C 140 -25.28 45.81 -49.88
C ALA C 140 -26.77 45.73 -50.19
N SER C 141 -27.52 46.80 -49.97
CA SER C 141 -28.95 46.82 -50.26
C SER C 141 -29.30 47.53 -51.55
N GLY C 142 -28.45 48.46 -52.00
CA GLY C 142 -28.70 49.18 -53.24
C GLY C 142 -29.25 50.57 -53.08
N ARG C 143 -29.04 51.22 -51.94
CA ARG C 143 -29.54 52.57 -51.69
C ARG C 143 -28.37 53.48 -51.32
N THR C 144 -28.61 54.79 -51.47
CA THR C 144 -27.59 55.79 -51.19
C THR C 144 -28.05 56.84 -50.17
N THR C 145 -29.20 56.62 -49.53
CA THR C 145 -29.73 57.58 -48.57
C THR C 145 -30.26 56.83 -47.36
N GLY C 146 -29.78 57.20 -46.17
CA GLY C 146 -30.23 56.56 -44.94
C GLY C 146 -29.13 56.42 -43.91
N ILE C 147 -29.51 56.50 -42.63
CA ILE C 147 -28.53 56.36 -41.56
C ILE C 147 -28.20 54.89 -41.35
N VAL C 148 -26.90 54.60 -41.23
CA VAL C 148 -26.41 53.24 -41.05
C VAL C 148 -26.04 53.03 -39.59
N LEU C 149 -26.61 52.00 -38.98
CA LEU C 149 -26.34 51.64 -37.58
C LEU C 149 -25.50 50.37 -37.60
N ASP C 150 -24.18 50.53 -37.51
CA ASP C 150 -23.25 49.41 -37.52
C ASP C 150 -22.88 49.07 -36.09
N SER C 151 -23.44 47.97 -35.58
CA SER C 151 -23.18 47.50 -34.21
C SER C 151 -22.53 46.13 -34.32
N GLY C 152 -21.21 46.12 -34.51
CA GLY C 152 -20.47 44.88 -34.63
C GLY C 152 -20.07 44.28 -33.29
N ASP C 153 -18.81 44.49 -32.90
CA ASP C 153 -18.31 43.96 -31.63
C ASP C 153 -17.53 44.96 -30.80
N GLY C 154 -16.82 45.91 -31.41
CA GLY C 154 -16.05 46.88 -30.65
C GLY C 154 -16.85 48.10 -30.24
N VAL C 155 -16.96 49.07 -31.15
CA VAL C 155 -17.66 50.32 -30.91
C VAL C 155 -18.74 50.48 -31.96
N THR C 156 -19.96 50.82 -31.54
CA THR C 156 -21.06 51.03 -32.45
C THR C 156 -21.02 52.46 -32.98
N HIS C 157 -20.91 52.60 -34.30
CA HIS C 157 -20.83 53.90 -34.95
C HIS C 157 -22.12 54.18 -35.70
N ASN C 158 -22.54 55.45 -35.72
CA ASN C 158 -23.74 55.91 -36.41
C ASN C 158 -23.36 57.12 -37.24
N VAL C 159 -23.03 56.88 -38.51
CA VAL C 159 -22.63 57.91 -39.44
C VAL C 159 -23.67 58.00 -40.55
N PRO C 160 -24.52 59.02 -40.54
CA PRO C 160 -25.53 59.16 -41.60
C PRO C 160 -24.92 59.64 -42.90
N ILE C 161 -25.72 59.55 -43.96
CA ILE C 161 -25.30 59.96 -45.30
C ILE C 161 -26.55 60.30 -46.10
N TYR C 162 -26.50 61.42 -46.82
CA TYR C 162 -27.62 61.90 -47.65
C TYR C 162 -27.12 62.04 -49.08
N GLU C 163 -27.17 60.94 -49.84
CA GLU C 163 -26.77 60.90 -51.24
C GLU C 163 -25.32 61.37 -51.40
N GLY C 164 -24.41 60.51 -50.96
CA GLY C 164 -22.98 60.77 -51.09
C GLY C 164 -22.42 61.69 -50.02
N TYR C 165 -23.14 62.78 -49.74
CA TYR C 165 -22.67 63.75 -48.75
C TYR C 165 -22.75 63.14 -47.36
N ALA C 166 -21.62 63.13 -46.64
CA ALA C 166 -21.54 62.61 -45.30
C ALA C 166 -21.16 63.73 -44.34
N LEU C 167 -21.99 63.96 -43.32
CA LEU C 167 -21.75 65.01 -42.35
C LEU C 167 -20.86 64.48 -41.24
N PRO C 168 -19.64 65.00 -41.07
CA PRO C 168 -18.77 64.50 -39.99
C PRO C 168 -19.20 64.96 -38.61
N HIS C 169 -19.96 66.04 -38.50
CA HIS C 169 -20.38 66.53 -37.19
C HIS C 169 -21.48 65.66 -36.57
N ALA C 170 -22.15 64.84 -37.37
CA ALA C 170 -23.20 63.95 -36.88
C ALA C 170 -22.67 62.59 -36.46
N ILE C 171 -21.36 62.39 -36.48
CA ILE C 171 -20.77 61.11 -36.10
C ILE C 171 -20.79 61.02 -34.58
N MET C 172 -21.56 60.09 -34.04
CA MET C 172 -21.69 59.88 -32.60
C MET C 172 -21.42 58.42 -32.30
N ARG C 173 -20.27 58.15 -31.66
CA ARG C 173 -19.89 56.79 -31.31
C ARG C 173 -20.40 56.44 -29.92
N LEU C 174 -20.61 55.15 -29.69
CA LEU C 174 -21.11 54.64 -28.42
C LEU C 174 -20.39 53.33 -28.09
N ASP C 175 -19.90 53.23 -26.87
CA ASP C 175 -19.16 52.04 -26.42
C ASP C 175 -20.13 50.99 -25.87
N LEU C 176 -21.03 50.54 -26.75
CA LEU C 176 -22.01 49.51 -26.42
C LEU C 176 -22.18 48.61 -27.64
N ALA C 177 -21.47 47.48 -27.64
CA ALA C 177 -21.52 46.55 -28.76
C ALA C 177 -21.58 45.11 -28.28
N GLY C 178 -20.99 44.20 -29.04
CA GLY C 178 -21.02 42.79 -28.71
C GLY C 178 -20.14 42.43 -27.53
N ARG C 179 -18.92 42.97 -27.49
CA ARG C 179 -18.01 42.68 -26.40
C ARG C 179 -18.47 43.31 -25.09
N ASP C 180 -19.24 44.39 -25.17
CA ASP C 180 -19.74 45.06 -23.98
C ASP C 180 -20.94 44.36 -23.36
N LEU C 181 -21.52 43.38 -24.05
CA LEU C 181 -22.65 42.63 -23.51
C LEU C 181 -22.22 41.33 -22.82
N THR C 182 -21.18 40.67 -23.34
CA THR C 182 -20.70 39.45 -22.73
C THR C 182 -19.99 39.71 -21.39
N ASP C 183 -19.54 40.95 -21.17
CA ASP C 183 -18.93 41.29 -19.88
C ASP C 183 -19.98 41.45 -18.79
N TYR C 184 -21.13 42.04 -19.14
CA TYR C 184 -22.22 42.15 -18.16
C TYR C 184 -22.88 40.82 -17.91
N LEU C 185 -22.82 39.89 -18.87
CA LEU C 185 -23.37 38.56 -18.66
C LEU C 185 -22.54 37.75 -17.69
N MET C 186 -21.25 38.08 -17.55
CA MET C 186 -20.39 37.36 -16.62
C MET C 186 -20.76 37.65 -15.18
N LYS C 187 -21.07 38.90 -14.87
CA LYS C 187 -21.42 39.27 -13.50
C LYS C 187 -22.86 38.97 -13.15
N ILE C 188 -23.74 38.81 -14.15
CA ILE C 188 -25.14 38.53 -13.88
C ILE C 188 -25.45 37.03 -13.87
N LEU C 189 -24.51 36.19 -14.32
CA LEU C 189 -24.72 34.75 -14.31
C LEU C 189 -24.31 34.09 -13.01
N THR C 190 -23.39 34.69 -12.25
CA THR C 190 -22.90 34.11 -11.02
C THR C 190 -23.90 34.22 -9.86
N GLU C 191 -25.06 34.84 -10.08
CA GLU C 191 -26.07 34.98 -9.04
C GLU C 191 -26.95 33.75 -8.90
N ARG C 192 -26.62 32.65 -9.61
CA ARG C 192 -27.39 31.42 -9.53
C ARG C 192 -26.52 30.23 -9.15
N GLY C 193 -25.38 30.46 -8.52
CA GLY C 193 -24.47 29.40 -8.15
C GLY C 193 -23.57 28.90 -9.26
N TYR C 194 -23.48 29.62 -10.37
CA TYR C 194 -22.66 29.25 -11.50
C TYR C 194 -21.52 30.27 -11.62
N SER C 195 -20.41 29.99 -10.96
CA SER C 195 -19.27 30.90 -10.94
C SER C 195 -18.38 30.67 -12.14
N PHE C 196 -17.94 31.75 -12.77
CA PHE C 196 -17.03 31.69 -13.91
C PHE C 196 -16.05 32.85 -13.82
N VAL C 197 -14.78 32.56 -14.16
CA VAL C 197 -13.73 33.58 -14.11
C VAL C 197 -12.68 33.25 -15.16
N THR C 198 -12.69 32.01 -15.66
CA THR C 198 -11.72 31.60 -16.66
C THR C 198 -12.02 32.25 -18.00
N THR C 199 -10.96 32.69 -18.68
CA THR C 199 -11.12 33.35 -19.98
C THR C 199 -11.67 32.39 -21.03
N ALA C 200 -11.40 31.09 -20.89
CA ALA C 200 -11.89 30.12 -21.86
C ALA C 200 -13.40 30.00 -21.83
N GLU C 201 -14.02 30.25 -20.68
CA GLU C 201 -15.47 30.19 -20.56
C GLU C 201 -16.16 31.47 -21.01
N ARG C 202 -15.40 32.49 -21.43
CA ARG C 202 -16.02 33.72 -21.92
C ARG C 202 -16.70 33.51 -23.26
N GLU C 203 -16.13 32.66 -24.11
CA GLU C 203 -16.75 32.36 -25.39
C GLU C 203 -17.85 31.31 -25.28
N ILE C 204 -17.88 30.53 -24.19
CA ILE C 204 -18.92 29.53 -24.02
C ILE C 204 -20.25 30.22 -23.71
N VAL C 205 -20.23 31.19 -22.79
CA VAL C 205 -21.45 31.92 -22.48
C VAL C 205 -21.81 32.91 -23.58
N ARG C 206 -20.87 33.23 -24.47
CA ARG C 206 -21.18 34.14 -25.58
C ARG C 206 -22.02 33.44 -26.63
N ASP C 207 -21.80 32.13 -26.84
CA ASP C 207 -22.60 31.40 -27.81
C ASP C 207 -24.04 31.22 -27.34
N ILE C 208 -24.27 31.20 -26.04
CA ILE C 208 -25.63 31.11 -25.51
C ILE C 208 -26.40 32.38 -25.80
N LYS C 209 -25.71 33.53 -25.76
CA LYS C 209 -26.37 34.80 -26.04
C LYS C 209 -26.77 34.91 -27.50
N GLU C 210 -26.03 34.26 -28.40
CA GLU C 210 -26.31 34.36 -29.83
C GLU C 210 -27.55 33.56 -30.26
N LYS C 211 -28.15 32.78 -29.35
CA LYS C 211 -29.30 31.97 -29.71
C LYS C 211 -30.46 32.18 -28.74
N LEU C 212 -30.21 31.97 -27.45
CA LEU C 212 -31.28 32.07 -26.47
C LEU C 212 -31.60 33.51 -26.13
N CYS C 213 -30.56 34.31 -25.84
CA CYS C 213 -30.78 35.70 -25.46
C CYS C 213 -31.22 36.53 -26.66
N TYR C 214 -32.25 37.34 -26.47
CA TYR C 214 -32.76 38.21 -27.51
C TYR C 214 -33.30 39.48 -26.87
N VAL C 215 -33.68 40.44 -27.72
CA VAL C 215 -34.22 41.71 -27.25
C VAL C 215 -35.72 41.56 -27.09
N ALA C 216 -36.23 41.86 -25.89
CA ALA C 216 -37.65 41.77 -25.61
C ALA C 216 -38.37 43.00 -26.12
N LEU C 217 -39.69 43.05 -25.90
CA LEU C 217 -40.49 44.17 -26.37
C LEU C 217 -40.35 45.37 -25.44
N ASP C 218 -40.44 45.16 -24.13
CA ASP C 218 -40.33 46.25 -23.16
C ASP C 218 -39.31 45.91 -22.08
N PHE C 219 -39.68 46.09 -20.82
CA PHE C 219 -38.78 45.81 -19.71
C PHE C 219 -39.55 45.52 -18.44
N GLU C 220 -40.31 46.51 -17.96
CA GLU C 220 -41.09 46.35 -16.73
C GLU C 220 -42.27 45.40 -16.89
N ASN C 221 -42.69 45.11 -18.13
CA ASN C 221 -43.80 44.19 -18.36
C ASN C 221 -43.39 42.73 -18.21
N GLU C 222 -42.09 42.43 -18.13
CA GLU C 222 -41.61 41.07 -17.97
C GLU C 222 -40.96 40.80 -16.63
N MET C 223 -40.55 41.84 -15.91
CA MET C 223 -39.92 41.64 -14.61
C MET C 223 -40.92 41.24 -13.53
N ALA C 224 -42.20 41.60 -13.71
CA ALA C 224 -43.20 41.24 -12.71
C ALA C 224 -43.53 39.74 -12.75
N THR C 225 -43.42 39.13 -13.92
CA THR C 225 -43.70 37.71 -14.09
C THR C 225 -42.43 36.86 -14.10
N ALA C 226 -41.29 37.43 -13.74
CA ALA C 226 -40.03 36.69 -13.73
C ALA C 226 -39.92 35.74 -12.54
N ALA C 227 -40.74 35.93 -11.51
CA ALA C 227 -40.68 35.04 -10.35
C ALA C 227 -41.28 33.68 -10.66
N SER C 228 -42.24 33.61 -11.58
CA SER C 228 -42.88 32.35 -11.96
C SER C 228 -42.33 31.95 -13.32
N SER C 229 -41.23 31.20 -13.31
CA SER C 229 -40.58 30.74 -14.53
C SER C 229 -41.41 29.62 -15.14
N SER C 230 -42.14 29.94 -16.21
CA SER C 230 -42.99 28.99 -16.89
C SER C 230 -42.59 28.78 -18.34
N SER C 231 -42.36 29.87 -19.09
CA SER C 231 -41.96 29.77 -20.48
C SER C 231 -40.73 30.61 -20.82
N LEU C 232 -40.17 31.34 -19.86
CA LEU C 232 -39.00 32.17 -20.10
C LEU C 232 -37.70 31.48 -19.70
N GLU C 233 -37.72 30.15 -19.55
CA GLU C 233 -36.54 29.40 -19.17
C GLU C 233 -36.34 28.25 -20.15
N LYS C 234 -35.08 27.87 -20.33
CA LYS C 234 -34.72 26.78 -21.23
C LYS C 234 -33.37 26.22 -20.82
N SER C 235 -33.28 24.90 -20.74
CA SER C 235 -32.05 24.24 -20.33
C SER C 235 -31.07 24.18 -21.51
N TYR C 236 -29.86 24.66 -21.27
CA TYR C 236 -28.80 24.66 -22.28
C TYR C 236 -27.85 23.50 -22.01
N GLU C 237 -27.34 22.89 -23.08
CA GLU C 237 -26.45 21.75 -22.99
C GLU C 237 -25.01 22.21 -23.22
N LEU C 238 -24.19 22.11 -22.17
CA LEU C 238 -22.79 22.47 -22.28
C LEU C 238 -21.99 21.31 -22.88
N PRO C 239 -20.85 21.61 -23.50
CA PRO C 239 -20.03 20.52 -24.06
C PRO C 239 -19.47 19.57 -23.01
N ASP C 240 -19.43 19.98 -21.74
CA ASP C 240 -18.98 19.09 -20.68
C ASP C 240 -20.07 18.10 -20.29
N GLY C 241 -21.25 18.62 -19.94
CA GLY C 241 -22.35 17.77 -19.55
C GLY C 241 -23.21 18.37 -18.46
N GLN C 242 -22.84 19.57 -18.00
CA GLN C 242 -23.59 20.24 -16.95
C GLN C 242 -24.92 20.75 -17.47
N VAL C 243 -25.86 20.96 -16.56
CA VAL C 243 -27.20 21.45 -16.87
C VAL C 243 -27.31 22.87 -16.31
N ILE C 244 -27.37 23.85 -17.20
CA ILE C 244 -27.47 25.26 -16.83
C ILE C 244 -28.79 25.79 -17.37
N THR C 245 -29.64 26.30 -16.49
CA THR C 245 -30.94 26.84 -16.87
C THR C 245 -31.07 28.25 -16.29
N ILE C 246 -31.27 29.23 -17.16
CA ILE C 246 -31.41 30.62 -16.76
C ILE C 246 -32.89 30.99 -16.81
N GLY C 247 -33.25 31.99 -16.01
CA GLY C 247 -34.62 32.45 -15.96
C GLY C 247 -34.82 33.82 -16.58
N ASN C 248 -34.68 34.87 -15.76
CA ASN C 248 -34.84 36.24 -16.22
C ASN C 248 -33.55 36.83 -16.78
N GLU C 249 -32.49 36.04 -16.89
CA GLU C 249 -31.21 36.50 -17.41
C GLU C 249 -31.11 36.35 -18.93
N ARG C 250 -32.23 36.26 -19.63
CA ARG C 250 -32.26 36.10 -21.08
C ARG C 250 -32.46 37.41 -21.82
N PHE C 251 -33.40 38.24 -21.37
CA PHE C 251 -33.69 39.51 -22.03
C PHE C 251 -33.07 40.71 -21.33
N ARG C 252 -32.55 40.54 -20.11
CA ARG C 252 -31.96 41.65 -19.38
C ARG C 252 -30.53 41.95 -19.82
N CYS C 253 -29.87 41.00 -20.50
CA CYS C 253 -28.51 41.20 -20.97
C CYS C 253 -28.49 42.09 -22.21
N PRO C 254 -29.35 41.86 -23.23
CA PRO C 254 -29.39 42.79 -24.37
C PRO C 254 -29.96 44.16 -24.02
N GLU C 255 -30.59 44.30 -22.85
CA GLU C 255 -31.16 45.59 -22.45
C GLU C 255 -30.09 46.62 -22.12
N THR C 256 -28.84 46.20 -21.91
CA THR C 256 -27.77 47.15 -21.60
C THR C 256 -27.54 48.11 -22.76
N LEU C 257 -27.79 47.67 -23.99
CA LEU C 257 -27.62 48.56 -25.14
C LEU C 257 -28.62 49.71 -25.10
N PHE C 258 -29.85 49.44 -24.67
CA PHE C 258 -30.88 50.47 -24.56
C PHE C 258 -30.80 51.22 -23.23
N GLN C 259 -30.41 50.53 -22.16
CA GLN C 259 -30.32 51.13 -20.82
C GLN C 259 -28.89 50.96 -20.32
N PRO C 260 -28.03 51.97 -20.52
CA PRO C 260 -26.64 51.86 -20.03
C PRO C 260 -26.53 52.01 -18.52
N SER C 261 -27.68 52.15 -17.84
CA SER C 261 -27.68 52.32 -16.39
C SER C 261 -27.19 51.08 -15.65
N PHE C 262 -27.18 49.91 -16.29
CA PHE C 262 -26.69 48.71 -15.64
C PHE C 262 -25.18 48.74 -15.41
N ILE C 263 -24.44 49.50 -16.21
CA ILE C 263 -22.99 49.59 -16.06
C ILE C 263 -22.66 50.77 -15.15
N GLY C 264 -22.90 51.98 -15.62
CA GLY C 264 -22.63 53.17 -14.82
C GLY C 264 -22.10 54.32 -15.64
N MET C 265 -22.19 54.22 -16.96
CA MET C 265 -21.71 55.27 -17.84
C MET C 265 -22.77 56.37 -18.00
N GLU C 266 -22.30 57.58 -18.30
CA GLU C 266 -23.19 58.71 -18.48
C GLU C 266 -23.78 58.80 -19.89
N SER C 267 -23.34 57.94 -20.81
CA SER C 267 -23.86 57.97 -22.16
C SER C 267 -25.26 57.37 -22.22
N ALA C 268 -26.02 57.78 -23.23
CA ALA C 268 -27.37 57.30 -23.40
C ALA C 268 -27.37 55.96 -24.15
N GLY C 269 -28.56 55.40 -24.35
CA GLY C 269 -28.71 54.13 -25.03
C GLY C 269 -28.50 54.24 -26.53
N ILE C 270 -28.74 53.11 -27.21
CA ILE C 270 -28.55 53.07 -28.65
C ILE C 270 -29.68 53.75 -29.41
N HIS C 271 -30.85 53.90 -28.79
CA HIS C 271 -31.98 54.55 -29.44
C HIS C 271 -31.99 56.06 -29.29
N GLU C 272 -31.06 56.62 -28.51
CA GLU C 272 -30.92 58.07 -28.41
C GLU C 272 -29.88 58.61 -29.36
N THR C 273 -28.85 57.83 -29.70
CA THR C 273 -27.83 58.28 -30.63
C THR C 273 -28.39 58.41 -32.05
N THR C 274 -29.31 57.53 -32.44
CA THR C 274 -29.93 57.60 -33.76
C THR C 274 -30.94 58.74 -33.86
N TYR C 275 -31.37 59.30 -32.74
CA TYR C 275 -32.31 60.42 -32.75
C TYR C 275 -31.64 61.77 -32.53
N ASN C 276 -30.58 61.82 -31.70
CA ASN C 276 -29.89 63.08 -31.47
C ASN C 276 -29.02 63.48 -32.65
N SER C 277 -28.51 62.50 -33.42
CA SER C 277 -27.68 62.82 -34.57
C SER C 277 -28.48 63.44 -35.69
N ILE C 278 -29.78 63.14 -35.78
CA ILE C 278 -30.62 63.74 -36.82
C ILE C 278 -30.84 65.22 -36.54
N MET C 279 -30.95 65.61 -35.27
CA MET C 279 -31.15 67.01 -34.94
C MET C 279 -29.92 67.85 -35.30
N LYS C 280 -28.74 67.24 -35.32
CA LYS C 280 -27.52 67.95 -35.68
C LYS C 280 -27.35 68.12 -37.18
N CYS C 281 -28.16 67.46 -38.00
CA CYS C 281 -28.09 67.57 -39.44
C CYS C 281 -28.99 68.72 -39.90
N ASP C 282 -29.29 68.79 -41.20
CA ASP C 282 -30.15 69.83 -41.72
C ASP C 282 -31.60 69.53 -41.40
N ILE C 283 -32.47 70.52 -41.66
CA ILE C 283 -33.88 70.37 -41.35
C ILE C 283 -34.62 69.70 -42.51
N ASP C 284 -34.21 69.97 -43.75
CA ASP C 284 -34.91 69.40 -44.89
C ASP C 284 -34.64 67.90 -45.04
N ILE C 285 -33.54 67.41 -44.46
CA ILE C 285 -33.17 66.01 -44.58
C ILE C 285 -33.66 65.24 -43.36
N ARG C 286 -34.62 65.81 -42.63
CA ARG C 286 -35.17 65.14 -41.46
C ARG C 286 -36.26 64.13 -41.81
N LYS C 287 -36.75 64.16 -43.05
CA LYS C 287 -37.81 63.25 -43.49
C LYS C 287 -37.27 62.05 -44.25
N ASP C 288 -35.95 61.87 -44.30
CA ASP C 288 -35.33 60.76 -45.01
C ASP C 288 -34.40 59.92 -44.14
N LEU C 289 -34.40 60.14 -42.82
CA LEU C 289 -33.55 59.37 -41.92
C LEU C 289 -34.30 58.45 -40.99
N TYR C 290 -35.58 58.72 -40.71
CA TYR C 290 -36.37 57.87 -39.85
C TYR C 290 -36.95 56.66 -40.58
N ALA C 291 -37.37 56.84 -41.83
CA ALA C 291 -37.94 55.77 -42.62
C ALA C 291 -36.92 55.07 -43.50
N ASN C 292 -35.63 55.37 -43.32
CA ASN C 292 -34.56 54.76 -44.11
C ASN C 292 -33.40 54.32 -43.23
N ASN C 293 -33.67 54.03 -41.96
CA ASN C 293 -32.63 53.61 -41.05
C ASN C 293 -32.25 52.15 -41.31
N VAL C 294 -30.95 51.89 -41.40
CA VAL C 294 -30.43 50.55 -41.66
C VAL C 294 -29.55 50.14 -40.48
N LEU C 295 -29.83 48.96 -39.92
CA LEU C 295 -29.08 48.42 -38.80
C LEU C 295 -28.33 47.18 -39.27
N SER C 296 -27.03 47.14 -38.99
CA SER C 296 -26.17 46.03 -39.38
C SER C 296 -25.14 45.79 -38.29
N GLY C 297 -24.31 44.77 -38.50
CA GLY C 297 -23.28 44.40 -37.55
C GLY C 297 -23.54 43.03 -36.95
N GLY C 298 -22.72 42.71 -35.95
CA GLY C 298 -22.84 41.44 -35.26
C GLY C 298 -23.84 41.46 -34.13
N THR C 299 -23.97 42.61 -33.48
CA THR C 299 -24.91 42.76 -32.36
C THR C 299 -26.29 43.23 -32.86
N THR C 300 -26.84 42.47 -33.81
CA THR C 300 -28.14 42.81 -34.39
C THR C 300 -29.02 41.60 -34.68
N MET C 301 -28.49 40.38 -34.60
CA MET C 301 -29.27 39.19 -34.92
C MET C 301 -30.09 38.72 -33.73
N TYR C 302 -30.62 39.66 -32.95
CA TYR C 302 -31.48 39.32 -31.83
C TYR C 302 -32.94 39.32 -32.28
N PRO C 303 -33.62 38.16 -32.27
CA PRO C 303 -35.02 38.13 -32.71
C PRO C 303 -35.93 38.97 -31.82
N GLY C 304 -36.01 40.26 -32.10
CA GLY C 304 -36.85 41.15 -31.32
C GLY C 304 -36.37 42.59 -31.33
N ILE C 305 -35.66 42.98 -32.38
CA ILE C 305 -35.15 44.34 -32.51
C ILE C 305 -36.03 45.20 -33.39
N ALA C 306 -36.53 44.64 -34.51
CA ALA C 306 -37.39 45.40 -35.40
C ALA C 306 -38.71 45.76 -34.75
N ASP C 307 -39.16 44.97 -33.78
CA ASP C 307 -40.40 45.25 -33.07
C ASP C 307 -40.23 46.27 -31.95
N ARG C 308 -39.00 46.64 -31.62
CA ARG C 308 -38.74 47.62 -30.56
C ARG C 308 -38.35 48.99 -31.11
N MET C 309 -37.69 49.04 -32.26
CA MET C 309 -37.28 50.32 -32.83
C MET C 309 -38.47 51.16 -33.27
N GLN C 310 -39.62 50.55 -33.51
CA GLN C 310 -40.83 51.26 -33.92
C GLN C 310 -41.67 51.74 -32.75
N LYS C 311 -41.13 51.69 -31.53
CA LYS C 311 -41.86 52.11 -30.34
C LYS C 311 -41.15 53.22 -29.58
N GLU C 312 -39.87 53.03 -29.23
CA GLU C 312 -39.16 54.07 -28.50
C GLU C 312 -38.80 55.25 -29.39
N ILE C 313 -38.50 55.01 -30.66
CA ILE C 313 -38.18 56.10 -31.57
C ILE C 313 -39.45 56.86 -31.97
N THR C 314 -40.54 56.14 -32.24
CA THR C 314 -41.78 56.80 -32.61
C THR C 314 -42.35 57.64 -31.47
N ALA C 315 -42.14 57.20 -30.23
CA ALA C 315 -42.64 57.95 -29.09
C ALA C 315 -41.89 59.27 -28.90
N LEU C 316 -40.60 59.30 -29.25
CA LEU C 316 -39.82 60.52 -29.12
C LEU C 316 -39.97 61.42 -30.34
N ALA C 317 -39.98 60.83 -31.53
CA ALA C 317 -40.13 61.61 -32.75
C ALA C 317 -41.58 62.07 -32.91
N PRO C 318 -41.81 63.21 -33.55
CA PRO C 318 -43.18 63.67 -33.78
C PRO C 318 -43.94 62.70 -34.66
N SER C 319 -45.17 62.38 -34.26
CA SER C 319 -46.02 61.45 -34.99
C SER C 319 -46.77 62.13 -36.12
N THR C 320 -46.02 62.75 -37.04
CA THR C 320 -46.60 63.43 -38.19
C THR C 320 -45.78 63.09 -39.43
N MET C 321 -45.31 61.85 -39.51
CA MET C 321 -44.51 61.39 -40.63
C MET C 321 -44.57 59.88 -40.76
N LYS C 322 -43.67 59.30 -41.55
CA LYS C 322 -43.61 57.86 -41.77
C LYS C 322 -42.30 57.32 -41.22
N ILE C 323 -42.38 56.24 -40.46
CA ILE C 323 -41.23 55.59 -39.87
C ILE C 323 -41.25 54.13 -40.26
N LYS C 324 -40.19 53.68 -40.93
CA LYS C 324 -40.09 52.30 -41.39
C LYS C 324 -38.63 51.85 -41.29
N ILE C 325 -38.40 50.72 -40.64
CA ILE C 325 -37.07 50.15 -40.46
C ILE C 325 -36.92 48.97 -41.41
N ILE C 326 -35.77 48.90 -42.07
CA ILE C 326 -35.44 47.84 -43.01
C ILE C 326 -34.39 46.93 -42.38
N ALA C 327 -34.63 45.63 -42.42
CA ALA C 327 -33.71 44.65 -41.84
C ALA C 327 -33.61 43.46 -42.79
N PRO C 328 -32.73 43.53 -43.78
CA PRO C 328 -32.57 42.41 -44.71
C PRO C 328 -31.85 41.26 -44.03
N PRO C 329 -32.08 40.03 -44.50
CA PRO C 329 -31.39 38.87 -43.90
C PRO C 329 -29.89 38.93 -44.16
N GLU C 330 -29.15 38.21 -43.31
CA GLU C 330 -27.69 38.16 -43.38
C GLU C 330 -27.08 39.56 -43.28
N ARG C 331 -27.54 40.31 -42.29
CA ARG C 331 -27.05 41.67 -42.07
C ARG C 331 -25.67 41.71 -41.43
N LYS C 332 -25.17 40.58 -40.94
CA LYS C 332 -23.85 40.56 -40.32
C LYS C 332 -22.75 40.72 -41.36
N TYR C 333 -22.93 40.11 -42.54
CA TYR C 333 -21.95 40.16 -43.61
C TYR C 333 -22.20 41.31 -44.58
N SER C 334 -22.92 42.35 -44.14
CA SER C 334 -23.21 43.48 -45.02
C SER C 334 -21.97 44.31 -45.34
N VAL C 335 -20.93 44.24 -44.50
CA VAL C 335 -19.72 44.99 -44.76
C VAL C 335 -18.89 44.32 -45.85
N TRP C 336 -18.83 42.98 -45.83
CA TRP C 336 -18.05 42.27 -46.83
C TRP C 336 -18.76 42.21 -48.18
N ILE C 337 -20.09 42.09 -48.17
CA ILE C 337 -20.84 42.05 -49.41
C ILE C 337 -20.84 43.41 -50.09
N GLY C 338 -21.11 44.47 -49.32
CA GLY C 338 -21.12 45.80 -49.90
C GLY C 338 -19.75 46.28 -50.34
N GLY C 339 -18.69 45.77 -49.70
CA GLY C 339 -17.33 46.15 -50.08
C GLY C 339 -16.81 45.45 -51.31
N SER C 340 -17.39 44.30 -51.66
CA SER C 340 -16.95 43.58 -52.85
C SER C 340 -17.62 44.09 -54.11
N ILE C 341 -18.89 44.53 -54.01
CA ILE C 341 -19.58 45.05 -55.17
C ILE C 341 -19.10 46.46 -55.51
N LEU C 342 -18.57 47.17 -54.51
CA LEU C 342 -18.09 48.53 -54.76
C LEU C 342 -16.81 48.54 -55.59
N ALA C 343 -15.95 47.53 -55.43
CA ALA C 343 -14.72 47.46 -56.19
C ALA C 343 -14.94 47.05 -57.64
N SER C 344 -16.14 46.60 -58.00
CA SER C 344 -16.42 46.21 -59.37
C SER C 344 -16.64 47.39 -60.30
N LEU C 345 -16.93 48.57 -59.75
CA LEU C 345 -17.17 49.75 -60.57
C LEU C 345 -15.85 50.30 -61.11
N SER C 346 -15.94 50.99 -62.24
CA SER C 346 -14.76 51.58 -62.87
C SER C 346 -14.30 52.86 -62.18
N THR C 347 -15.17 53.50 -61.40
CA THR C 347 -14.80 54.72 -60.70
C THR C 347 -13.98 54.42 -59.44
N PHE C 348 -14.33 53.35 -58.73
CA PHE C 348 -13.60 53.01 -57.51
C PHE C 348 -12.20 52.48 -57.79
N GLN C 349 -11.96 51.99 -59.01
CA GLN C 349 -10.64 51.47 -59.34
C GLN C 349 -9.58 52.57 -59.45
N GLN C 350 -10.01 53.84 -59.58
CA GLN C 350 -9.09 54.96 -59.67
C GLN C 350 -8.87 55.64 -58.33
N MET C 351 -9.26 55.01 -57.23
CA MET C 351 -9.10 55.58 -55.90
C MET C 351 -8.14 54.78 -55.03
N TRP C 352 -7.48 53.76 -55.58
CA TRP C 352 -6.54 52.97 -54.80
C TRP C 352 -5.23 53.74 -54.59
N ILE C 353 -4.49 53.32 -53.57
CA ILE C 353 -3.20 53.91 -53.24
C ILE C 353 -2.12 53.06 -53.89
N SER C 354 -1.39 53.65 -54.82
CA SER C 354 -0.34 52.93 -55.53
C SER C 354 0.88 52.73 -54.64
N LYS C 355 1.61 51.64 -54.89
CA LYS C 355 2.81 51.35 -54.12
C LYS C 355 3.87 52.42 -54.32
N GLN C 356 4.02 52.90 -55.55
CA GLN C 356 4.99 53.94 -55.85
C GLN C 356 4.52 55.33 -55.45
N GLU C 357 3.29 55.47 -54.95
CA GLU C 357 2.76 56.76 -54.52
C GLU C 357 2.93 56.98 -53.03
N TYR C 358 2.77 55.93 -52.22
CA TYR C 358 2.91 56.08 -50.77
C TYR C 358 4.36 56.31 -50.37
N ASP C 359 5.31 55.75 -51.13
CA ASP C 359 6.73 55.94 -50.81
C ASP C 359 7.23 57.32 -51.17
N GLU C 360 6.53 58.04 -52.05
CA GLU C 360 6.93 59.38 -52.46
C GLU C 360 6.18 60.48 -51.74
N ALA C 361 4.95 60.21 -51.27
CA ALA C 361 4.17 61.21 -50.56
C ALA C 361 4.37 61.09 -49.05
N GLY C 362 3.84 60.04 -48.46
CA GLY C 362 3.96 59.83 -47.04
C GLY C 362 2.69 59.33 -46.40
N PRO C 363 2.71 59.10 -45.08
CA PRO C 363 1.50 58.66 -44.39
C PRO C 363 0.43 59.73 -44.21
N SER C 364 0.57 60.88 -44.88
CA SER C 364 -0.39 61.97 -44.76
C SER C 364 -1.50 61.90 -45.80
N ILE C 365 -1.34 61.11 -46.85
CA ILE C 365 -2.33 60.97 -47.90
C ILE C 365 -3.30 59.84 -47.64
N VAL C 366 -3.25 59.21 -46.46
CA VAL C 366 -4.17 58.12 -46.15
C VAL C 366 -5.57 58.67 -45.86
N HIS C 367 -5.66 59.84 -45.24
CA HIS C 367 -6.95 60.44 -44.92
C HIS C 367 -7.71 60.85 -46.18
N THR D 1 -31.24 -8.68 40.34
CA THR D 1 -30.57 -9.77 39.63
C THR D 1 -29.23 -9.29 39.06
N THR D 2 -28.14 -9.79 39.62
CA THR D 2 -26.81 -9.42 39.17
C THR D 2 -26.42 -10.25 37.94
N ALA D 3 -25.23 -9.98 37.41
CA ALA D 3 -24.71 -10.67 36.24
C ALA D 3 -23.47 -11.46 36.61
N LEU D 4 -23.08 -12.37 35.73
CA LEU D 4 -21.91 -13.22 35.92
C LEU D 4 -20.84 -12.80 34.92
N VAL D 5 -19.68 -12.42 35.43
CA VAL D 5 -18.55 -11.99 34.62
C VAL D 5 -17.52 -13.11 34.62
N CYS D 6 -17.38 -13.78 33.48
CA CYS D 6 -16.44 -14.89 33.33
C CYS D 6 -15.44 -14.56 32.24
N ASP D 7 -14.16 -14.80 32.51
CA ASP D 7 -13.07 -14.54 31.57
C ASP D 7 -12.47 -15.89 31.19
N ASN D 8 -12.92 -16.44 30.05
CA ASN D 8 -12.43 -17.72 29.56
C ASN D 8 -11.18 -17.49 28.73
N GLY D 9 -10.08 -17.18 29.43
CA GLY D 9 -8.80 -16.94 28.81
C GLY D 9 -7.79 -18.03 29.16
N SER D 10 -6.71 -18.05 28.40
CA SER D 10 -5.66 -19.03 28.63
C SER D 10 -4.86 -18.68 29.89
N GLY D 11 -4.45 -19.71 30.62
CA GLY D 11 -3.69 -19.51 31.84
C GLY D 11 -4.51 -19.74 33.09
N LEU D 12 -5.31 -18.75 33.47
CA LEU D 12 -6.16 -18.82 34.66
C LEU D 12 -7.60 -18.50 34.28
N VAL D 13 -8.50 -18.73 35.22
CA VAL D 13 -9.93 -18.48 35.04
C VAL D 13 -10.36 -17.45 36.07
N LYS D 14 -10.99 -16.37 35.60
CA LYS D 14 -11.48 -15.29 36.44
C LYS D 14 -12.99 -15.21 36.27
N ALA D 15 -13.72 -15.83 37.20
CA ALA D 15 -15.17 -15.86 37.16
C ALA D 15 -15.72 -15.41 38.52
N GLY D 16 -16.87 -14.75 38.47
CA GLY D 16 -17.50 -14.27 39.68
C GLY D 16 -18.68 -13.37 39.37
N PHE D 17 -19.34 -12.95 40.44
CA PHE D 17 -20.50 -12.08 40.30
C PHE D 17 -20.07 -10.66 39.96
N ALA D 18 -20.97 -9.91 39.33
CA ALA D 18 -20.70 -8.54 38.95
C ALA D 18 -20.90 -7.59 40.13
N GLY D 19 -20.18 -6.47 40.08
CA GLY D 19 -20.27 -5.47 41.13
C GLY D 19 -19.42 -5.75 42.35
N ASP D 20 -18.57 -6.76 42.31
CA ASP D 20 -17.70 -7.10 43.43
C ASP D 20 -16.32 -6.45 43.22
N ASP D 21 -15.33 -6.91 43.98
CA ASP D 21 -13.98 -6.39 43.89
C ASP D 21 -12.92 -7.44 43.59
N ALA D 22 -13.15 -8.71 43.93
CA ALA D 22 -12.19 -9.77 43.68
C ALA D 22 -12.95 -11.07 43.47
N PRO D 23 -12.62 -11.83 42.44
CA PRO D 23 -13.32 -13.10 42.20
C PRO D 23 -12.92 -14.16 43.21
N ARG D 24 -13.89 -14.99 43.58
CA ARG D 24 -13.69 -16.07 44.54
C ARG D 24 -13.49 -17.42 43.87
N ALA D 25 -13.20 -17.43 42.57
CA ALA D 25 -13.01 -18.68 41.83
C ALA D 25 -11.85 -18.48 40.87
N VAL D 26 -10.69 -19.03 41.22
CA VAL D 26 -9.49 -18.96 40.40
C VAL D 26 -8.88 -20.36 40.31
N PHE D 27 -8.59 -20.80 39.08
CA PHE D 27 -8.02 -22.12 38.84
C PHE D 27 -7.46 -22.15 37.43
N PRO D 28 -6.36 -22.85 37.22
CA PRO D 28 -5.79 -22.92 35.86
C PRO D 28 -6.63 -23.78 34.95
N SER D 29 -6.61 -23.44 33.66
CA SER D 29 -7.36 -24.16 32.64
C SER D 29 -6.57 -25.41 32.25
N ILE D 30 -6.70 -26.44 33.06
CA ILE D 30 -6.00 -27.70 32.85
C ILE D 30 -7.02 -28.83 32.85
N VAL D 31 -6.73 -29.87 32.08
CA VAL D 31 -7.58 -31.06 31.97
C VAL D 31 -6.70 -32.25 32.36
N GLY D 32 -6.86 -32.74 33.58
CA GLY D 32 -6.06 -33.85 34.06
C GLY D 32 -6.59 -35.19 33.55
N ARG D 33 -5.66 -36.05 33.15
CA ARG D 33 -6.00 -37.40 32.68
C ARG D 33 -5.02 -38.37 33.32
N PRO D 34 -5.50 -39.51 33.81
CA PRO D 34 -4.59 -40.48 34.44
C PRO D 34 -3.61 -41.06 33.42
N ARG D 35 -2.34 -41.13 33.82
CA ARG D 35 -1.29 -41.65 32.95
C ARG D 35 -1.27 -43.18 32.96
N HIS D 36 -0.88 -43.75 34.09
CA HIS D 36 -0.82 -45.20 34.26
C HIS D 36 -2.11 -45.67 34.92
N GLN D 37 -2.08 -46.59 35.90
CA GLN D 37 -3.30 -47.04 36.54
C GLN D 37 -3.32 -46.64 38.02
N GLY D 38 -3.26 -47.62 38.91
CA GLY D 38 -3.27 -47.36 40.33
C GLY D 38 -2.36 -48.27 41.11
N VAL D 39 -1.35 -47.71 41.76
CA VAL D 39 -0.41 -48.52 42.55
C VAL D 39 -0.94 -48.87 43.93
N MET D 40 -2.05 -48.26 44.36
CA MET D 40 -2.64 -48.53 45.65
C MET D 40 -4.09 -48.93 45.47
N VAL D 41 -4.71 -49.37 46.57
CA VAL D 41 -6.10 -49.81 46.57
C VAL D 41 -6.90 -48.80 47.39
N GLY D 42 -7.84 -48.13 46.74
CA GLY D 42 -8.66 -47.14 47.40
C GLY D 42 -8.43 -45.73 46.90
N MET D 43 -8.79 -45.48 45.65
CA MET D 43 -8.61 -44.17 45.05
C MET D 43 -9.74 -43.93 44.04
N GLY D 44 -9.83 -42.69 43.57
CA GLY D 44 -10.86 -42.34 42.61
C GLY D 44 -10.47 -42.80 41.21
N GLN D 45 -11.38 -43.53 40.56
CA GLN D 45 -11.15 -44.04 39.21
C GLN D 45 -11.77 -43.15 38.13
N LYS D 46 -12.04 -41.88 38.46
CA LYS D 46 -12.63 -40.98 37.48
C LYS D 46 -11.58 -40.55 36.45
N ASP D 47 -12.08 -40.06 35.33
CA ASP D 47 -11.23 -39.63 34.21
C ASP D 47 -11.16 -38.12 34.05
N SER D 48 -12.25 -37.41 34.30
CA SER D 48 -12.28 -35.96 34.13
C SER D 48 -11.75 -35.28 35.38
N TYR D 49 -10.69 -34.49 35.24
CA TYR D 49 -10.09 -33.74 36.33
C TYR D 49 -10.08 -32.26 35.96
N VAL D 50 -10.91 -31.47 36.63
CA VAL D 50 -11.02 -30.04 36.36
C VAL D 50 -10.94 -29.30 37.69
N GLY D 51 -10.14 -28.24 37.71
CA GLY D 51 -9.98 -27.42 38.90
C GLY D 51 -8.57 -27.50 39.46
N ASP D 52 -8.47 -27.19 40.74
CA ASP D 52 -7.19 -27.22 41.46
C ASP D 52 -6.83 -28.60 41.97
N GLU D 53 -7.61 -29.62 41.64
CA GLU D 53 -7.31 -30.98 42.10
C GLU D 53 -6.13 -31.58 41.35
N ALA D 54 -5.97 -31.25 40.07
CA ALA D 54 -4.87 -31.78 39.29
C ALA D 54 -3.53 -31.20 39.70
N GLN D 55 -3.52 -30.04 40.36
CA GLN D 55 -2.26 -29.45 40.80
C GLN D 55 -1.61 -30.22 41.93
N SER D 56 -2.40 -30.96 42.71
CA SER D 56 -1.84 -31.75 43.81
C SER D 56 -1.22 -33.06 43.34
N LYS D 57 -1.67 -33.59 42.20
CA LYS D 57 -1.13 -34.83 41.65
C LYS D 57 -0.72 -34.60 40.19
N ARG D 58 0.29 -33.74 40.00
CA ARG D 58 0.77 -33.44 38.66
C ARG D 58 1.62 -34.58 38.11
N GLY D 59 2.37 -35.25 38.98
CA GLY D 59 3.22 -36.35 38.53
C GLY D 59 2.45 -37.59 38.10
N ILE D 60 1.20 -37.71 38.50
CA ILE D 60 0.36 -38.86 38.15
C ILE D 60 -0.56 -38.53 36.98
N LEU D 61 -1.22 -37.38 37.02
CA LEU D 61 -2.14 -36.99 35.97
C LEU D 61 -1.38 -36.37 34.80
N THR D 62 -2.10 -36.17 33.69
CA THR D 62 -1.55 -35.58 32.48
C THR D 62 -2.29 -34.27 32.20
N LEU D 63 -1.56 -33.17 32.25
CA LEU D 63 -2.14 -31.85 32.03
C LEU D 63 -2.17 -31.52 30.55
N LYS D 64 -3.17 -30.73 30.15
CA LYS D 64 -3.33 -30.33 28.76
C LYS D 64 -4.12 -29.03 28.71
N TYR D 65 -3.64 -28.08 27.92
CA TYR D 65 -4.31 -26.79 27.78
C TYR D 65 -5.32 -26.86 26.64
N PRO D 66 -6.62 -26.66 26.92
CA PRO D 66 -7.60 -26.73 25.82
C PRO D 66 -7.54 -25.52 24.89
N ILE D 67 -7.19 -24.35 25.41
CA ILE D 67 -7.10 -23.13 24.61
C ILE D 67 -5.64 -22.88 24.26
N GLU D 68 -5.38 -22.58 22.99
CA GLU D 68 -4.02 -22.34 22.52
C GLU D 68 -3.90 -20.99 21.84
N HIC D 69 -3.31 -20.02 22.53
CA HIC D 69 -3.08 -18.69 22.01
C HIC D 69 -4.39 -18.03 21.60
O HIC D 69 -4.55 -17.40 20.55
CB HIC D 69 -2.15 -18.63 20.79
CG HIC D 69 -0.91 -19.41 20.98
ND1 HIC D 69 -0.21 -19.53 22.18
CD2 HIC D 69 -0.26 -20.16 19.97
CE1 HIC D 69 0.85 -20.33 21.92
NE2 HIC D 69 0.86 -20.75 20.58
CZ HIC D 69 1.82 -21.59 19.96
N GLY D 70 -5.39 -18.21 22.46
CA GLY D 70 -6.70 -17.63 22.24
C GLY D 70 -7.60 -18.49 21.37
N ILE D 71 -7.03 -19.08 20.32
CA ILE D 71 -7.79 -19.92 19.41
C ILE D 71 -8.16 -21.22 20.13
N ILE D 72 -9.45 -21.51 20.18
CA ILE D 72 -9.93 -22.72 20.86
C ILE D 72 -9.60 -23.94 20.02
N THR D 73 -8.58 -24.69 20.43
CA THR D 73 -8.17 -25.88 19.69
C THR D 73 -9.12 -27.04 19.94
N ASN D 74 -9.25 -27.46 21.20
CA ASN D 74 -10.12 -28.56 21.57
C ASN D 74 -11.44 -28.02 22.13
N TRP D 75 -12.53 -28.72 21.85
CA TRP D 75 -13.87 -28.27 22.22
C TRP D 75 -14.52 -29.12 23.30
N ASP D 76 -14.28 -30.44 23.30
CA ASP D 76 -14.91 -31.28 24.30
C ASP D 76 -14.33 -31.06 25.69
N ASP D 77 -13.09 -30.56 25.77
CA ASP D 77 -12.48 -30.23 27.05
C ASP D 77 -12.76 -28.81 27.49
N MET D 78 -13.20 -27.93 26.58
CA MET D 78 -13.50 -26.56 26.96
C MET D 78 -14.80 -26.48 27.77
N GLU D 79 -15.75 -27.37 27.50
CA GLU D 79 -17.00 -27.37 28.24
C GLU D 79 -16.83 -27.89 29.66
N LYS D 80 -15.78 -28.68 29.92
CA LYS D 80 -15.59 -29.24 31.27
C LYS D 80 -15.29 -28.15 32.28
N ILE D 81 -14.44 -27.18 31.92
CA ILE D 81 -14.10 -26.11 32.84
C ILE D 81 -15.21 -25.07 32.98
N TRP D 82 -16.21 -25.11 32.11
CA TRP D 82 -17.33 -24.18 32.20
C TRP D 82 -18.45 -24.70 33.09
N HIS D 83 -18.66 -26.01 33.13
CA HIS D 83 -19.70 -26.58 33.97
C HIS D 83 -19.25 -26.74 35.42
N HIS D 84 -17.96 -26.95 35.65
CA HIS D 84 -17.45 -27.11 37.00
C HIS D 84 -17.46 -25.80 37.78
N THR D 85 -17.42 -24.66 37.09
CA THR D 85 -17.39 -23.38 37.79
C THR D 85 -18.76 -23.00 38.33
N PHE D 86 -19.82 -23.27 37.57
CA PHE D 86 -21.17 -22.90 37.94
C PHE D 86 -21.85 -23.90 38.88
N TYR D 87 -21.12 -24.93 39.32
CA TYR D 87 -21.72 -25.93 40.19
C TYR D 87 -20.78 -26.38 41.31
N ASN D 88 -19.66 -25.70 41.53
CA ASN D 88 -18.74 -26.07 42.59
C ASN D 88 -18.19 -24.84 43.30
N GLU D 89 -17.65 -23.89 42.53
CA GLU D 89 -17.09 -22.67 43.10
C GLU D 89 -18.15 -21.59 43.25
N LEU D 90 -18.77 -21.18 42.14
CA LEU D 90 -19.78 -20.14 42.21
C LEU D 90 -21.09 -20.67 42.80
N ARG D 91 -21.46 -21.90 42.46
CA ARG D 91 -22.67 -22.54 42.95
C ARG D 91 -23.91 -21.71 42.64
N VAL D 92 -23.97 -21.19 41.41
CA VAL D 92 -25.09 -20.38 40.95
C VAL D 92 -25.62 -20.97 39.65
N ALA D 93 -26.95 -20.98 39.51
CA ALA D 93 -27.56 -21.53 38.30
C ALA D 93 -27.51 -20.50 37.19
N PRO D 94 -27.05 -20.88 35.99
CA PRO D 94 -27.01 -19.91 34.88
C PRO D 94 -28.38 -19.45 34.41
N GLU D 95 -29.46 -20.13 34.79
CA GLU D 95 -30.81 -19.77 34.38
C GLU D 95 -31.37 -18.58 35.16
N GLU D 96 -30.63 -18.05 36.14
CA GLU D 96 -31.10 -16.95 36.95
C GLU D 96 -30.29 -15.67 36.79
N HIS D 97 -29.06 -15.75 36.26
CA HIS D 97 -28.22 -14.57 36.09
C HIS D 97 -27.53 -14.65 34.73
N PRO D 98 -27.43 -13.53 34.02
CA PRO D 98 -26.76 -13.53 32.72
C PRO D 98 -25.25 -13.71 32.87
N THR D 99 -24.65 -14.35 31.87
CA THR D 99 -23.22 -14.62 31.85
C THR D 99 -22.55 -13.68 30.86
N LEU D 100 -21.56 -12.93 31.32
CA LEU D 100 -20.82 -11.99 30.50
C LEU D 100 -19.44 -12.59 30.21
N LEU D 101 -19.28 -13.13 29.01
CA LEU D 101 -18.01 -13.73 28.62
C LEU D 101 -17.04 -12.66 28.13
N THR D 102 -15.79 -13.08 27.93
CA THR D 102 -14.72 -12.19 27.48
C THR D 102 -13.80 -12.96 26.55
N GLU D 103 -13.58 -12.40 25.36
CA GLU D 103 -12.73 -13.01 24.35
C GLU D 103 -11.66 -12.04 23.91
N ALA D 104 -10.55 -12.60 23.42
CA ALA D 104 -9.44 -11.79 22.96
C ALA D 104 -9.75 -11.15 21.61
N PRO D 105 -9.23 -9.95 21.35
CA PRO D 105 -9.49 -9.29 20.07
C PRO D 105 -8.82 -10.02 18.92
N LEU D 106 -9.29 -9.70 17.71
CA LEU D 106 -8.81 -10.33 16.48
C LEU D 106 -8.95 -11.85 16.55
N ASN D 107 -10.04 -12.32 17.13
CA ASN D 107 -10.31 -13.74 17.27
C ASN D 107 -10.91 -14.28 15.97
N PRO D 108 -10.51 -15.48 15.56
CA PRO D 108 -11.07 -16.06 14.33
C PRO D 108 -12.56 -16.32 14.47
N LYS D 109 -13.26 -16.28 13.32
CA LYS D 109 -14.71 -16.47 13.31
C LYS D 109 -15.12 -17.90 13.63
N ALA D 110 -14.19 -18.85 13.63
CA ALA D 110 -14.50 -20.24 13.95
C ALA D 110 -14.76 -20.47 15.42
N ASN D 111 -14.53 -19.47 16.28
CA ASN D 111 -14.74 -19.60 17.71
C ASN D 111 -15.91 -18.79 18.23
N ARG D 112 -16.26 -17.68 17.58
CA ARG D 112 -17.38 -16.86 18.05
C ARG D 112 -18.71 -17.56 17.78
N GLU D 113 -18.84 -18.23 16.63
CA GLU D 113 -20.08 -18.91 16.30
C GLU D 113 -20.26 -20.19 17.12
N LYS D 114 -19.20 -20.71 17.72
CA LYS D 114 -19.28 -21.93 18.53
C LYS D 114 -19.32 -21.65 20.02
N MET D 115 -18.82 -20.49 20.47
CA MET D 115 -18.86 -20.17 21.88
C MET D 115 -20.28 -19.83 22.32
N THR D 116 -21.03 -19.12 21.48
CA THR D 116 -22.40 -18.78 21.82
C THR D 116 -23.32 -19.99 21.76
N GLN D 117 -22.95 -21.00 20.97
CA GLN D 117 -23.77 -22.21 20.87
C GLN D 117 -23.74 -23.00 22.16
N ILE D 118 -22.59 -23.02 22.85
CA ILE D 118 -22.48 -23.75 24.10
C ILE D 118 -23.28 -23.04 25.20
N MET D 119 -23.26 -21.72 25.21
CA MET D 119 -23.97 -20.93 26.21
C MET D 119 -25.45 -20.76 25.90
N PHE D 120 -25.97 -21.46 24.88
CA PHE D 120 -27.38 -21.37 24.54
C PHE D 120 -28.03 -22.74 24.55
N GLU D 121 -27.43 -23.71 23.85
CA GLU D 121 -28.01 -25.05 23.78
C GLU D 121 -27.78 -25.82 25.07
N THR D 122 -26.51 -26.02 25.45
CA THR D 122 -26.19 -26.75 26.66
C THR D 122 -26.58 -25.94 27.90
N PHE D 123 -25.82 -24.89 28.20
CA PHE D 123 -26.11 -24.04 29.34
C PHE D 123 -27.23 -23.08 28.98
N ASN D 124 -28.35 -23.15 29.71
CA ASN D 124 -29.50 -22.29 29.46
C ASN D 124 -29.23 -20.93 30.09
N VAL D 125 -28.69 -20.03 29.29
CA VAL D 125 -28.37 -18.66 29.72
C VAL D 125 -29.37 -17.72 29.09
N PRO D 126 -30.02 -16.84 29.87
CA PRO D 126 -31.00 -15.92 29.27
C PRO D 126 -30.38 -14.94 28.30
N ALA D 127 -29.26 -14.31 28.67
CA ALA D 127 -28.60 -13.33 27.83
C ALA D 127 -27.10 -13.39 28.03
N MET D 128 -26.35 -13.24 26.94
CA MET D 128 -24.89 -13.24 26.98
C MET D 128 -24.37 -12.11 26.12
N TYR D 129 -23.09 -11.79 26.29
CA TYR D 129 -22.46 -10.72 25.53
C TYR D 129 -20.95 -10.91 25.56
N VAL D 130 -20.30 -10.65 24.42
CA VAL D 130 -18.86 -10.74 24.30
C VAL D 130 -18.34 -9.39 23.82
N ALA D 131 -17.09 -9.11 24.14
CA ALA D 131 -16.47 -7.84 23.77
C ALA D 131 -14.96 -8.05 23.65
N ILE D 132 -14.22 -6.95 23.65
CA ILE D 132 -12.76 -6.96 23.53
C ILE D 132 -12.16 -6.76 24.92
N GLN D 133 -11.08 -7.49 25.20
CA GLN D 133 -10.44 -7.41 26.51
C GLN D 133 -9.88 -6.01 26.80
N ALA D 134 -9.60 -5.22 25.77
CA ALA D 134 -9.06 -3.88 25.99
C ALA D 134 -10.07 -2.95 26.64
N VAL D 135 -11.36 -3.11 26.33
CA VAL D 135 -12.37 -2.26 26.92
C VAL D 135 -12.64 -2.66 28.38
N LEU D 136 -12.76 -3.98 28.64
CA LEU D 136 -13.03 -4.43 30.00
C LEU D 136 -11.86 -4.15 30.92
N SER D 137 -10.63 -4.13 30.40
CA SER D 137 -9.45 -3.80 31.19
C SER D 137 -9.18 -2.31 31.25
N LEU D 138 -10.07 -1.48 30.71
CA LEU D 138 -9.88 -0.04 30.73
C LEU D 138 -10.61 0.64 31.88
N TYR D 139 -11.75 0.09 32.31
CA TYR D 139 -12.51 0.67 33.41
C TYR D 139 -11.85 0.47 34.76
N ALA D 140 -10.79 -0.34 34.84
CA ALA D 140 -10.11 -0.55 36.11
C ALA D 140 -9.36 0.68 36.59
N SER D 141 -9.02 1.59 35.69
CA SER D 141 -8.32 2.82 36.06
C SER D 141 -9.22 4.05 36.06
N GLY D 142 -10.38 3.98 35.42
CA GLY D 142 -11.28 5.11 35.38
C GLY D 142 -10.97 6.14 34.31
N ARG D 143 -10.26 5.74 33.25
CA ARG D 143 -9.90 6.64 32.17
C ARG D 143 -10.42 6.09 30.85
N THR D 144 -10.54 6.98 29.86
CA THR D 144 -11.03 6.62 28.54
C THR D 144 -10.09 7.08 27.44
N THR D 145 -8.80 7.27 27.75
CA THR D 145 -7.84 7.73 26.76
C THR D 145 -6.49 7.07 27.05
N GLY D 146 -5.89 6.49 26.02
CA GLY D 146 -4.61 5.85 26.16
C GLY D 146 -4.54 4.60 25.28
N ILE D 147 -3.62 3.72 25.64
CA ILE D 147 -3.42 2.45 24.94
C ILE D 147 -3.29 1.34 25.97
N VAL D 148 -4.02 0.25 25.78
CA VAL D 148 -4.02 -0.89 26.69
C VAL D 148 -3.10 -1.95 26.12
N LEU D 149 -2.12 -2.37 26.91
CA LEU D 149 -1.17 -3.40 26.52
C LEU D 149 -1.52 -4.66 27.32
N ASP D 150 -2.38 -5.48 26.75
CA ASP D 150 -2.84 -6.71 27.39
C ASP D 150 -1.88 -7.85 27.05
N SER D 151 -1.37 -8.53 28.08
CA SER D 151 -0.47 -9.66 27.89
C SER D 151 -0.75 -10.66 29.00
N GLY D 152 -1.58 -11.66 28.70
CA GLY D 152 -1.95 -12.67 29.67
C GLY D 152 -1.16 -13.96 29.52
N ASP D 153 -1.58 -14.79 28.57
CA ASP D 153 -0.91 -16.08 28.35
C ASP D 153 -1.11 -16.54 26.91
N GLY D 154 -2.06 -15.94 26.21
CA GLY D 154 -2.39 -16.28 24.84
C GLY D 154 -1.60 -15.41 23.88
N VAL D 155 -2.22 -14.33 23.41
CA VAL D 155 -1.61 -13.42 22.46
C VAL D 155 -1.61 -12.02 23.05
N THR D 156 -0.48 -11.33 22.92
CA THR D 156 -0.35 -9.96 23.42
C THR D 156 -0.94 -9.01 22.38
N HIS D 157 -1.96 -8.24 22.79
CA HIS D 157 -2.64 -7.30 21.93
C HIS D 157 -2.36 -5.87 22.37
N ASN D 158 -2.40 -4.96 21.40
CA ASN D 158 -2.17 -3.53 21.65
C ASN D 158 -3.32 -2.76 20.98
N VAL D 159 -4.34 -2.45 21.76
CA VAL D 159 -5.52 -1.73 21.24
C VAL D 159 -5.63 -0.38 21.93
N PRO D 160 -5.37 0.71 21.24
CA PRO D 160 -5.47 2.05 21.85
C PRO D 160 -6.93 2.48 21.96
N ILE D 161 -7.14 3.65 22.56
CA ILE D 161 -8.47 4.21 22.74
C ILE D 161 -8.34 5.72 22.83
N TYR D 162 -9.34 6.43 22.30
CA TYR D 162 -9.34 7.90 22.30
C TYR D 162 -10.78 8.36 22.52
N GLU D 163 -11.13 8.58 23.80
CA GLU D 163 -12.44 9.08 24.19
C GLU D 163 -13.56 8.17 23.67
N GLY D 164 -13.38 6.87 23.90
CA GLY D 164 -14.37 5.88 23.50
C GLY D 164 -14.33 5.46 22.05
N TYR D 165 -13.64 6.21 21.19
CA TYR D 165 -13.56 5.87 19.77
C TYR D 165 -12.43 4.88 19.56
N ALA D 166 -12.79 3.61 19.42
CA ALA D 166 -11.79 2.56 19.22
C ALA D 166 -11.23 2.62 17.79
N LEU D 167 -10.06 2.01 17.62
CA LEU D 167 -9.38 1.97 16.33
C LEU D 167 -9.05 0.53 15.99
N PRO D 168 -9.90 -0.15 15.22
CA PRO D 168 -9.61 -1.55 14.87
C PRO D 168 -8.40 -1.73 13.98
N HIS D 169 -7.97 -0.69 13.27
CA HIS D 169 -6.81 -0.83 12.39
C HIS D 169 -5.51 -0.89 13.18
N ALA D 170 -5.48 -0.31 14.38
CA ALA D 170 -4.28 -0.32 15.20
C ALA D 170 -4.13 -1.59 16.02
N ILE D 171 -5.01 -2.57 15.83
CA ILE D 171 -4.94 -3.84 16.57
C ILE D 171 -3.83 -4.67 15.93
N MET D 172 -2.66 -4.68 16.57
CA MET D 172 -1.50 -5.44 16.08
C MET D 172 -1.21 -6.54 17.09
N ARG D 173 -1.57 -7.77 16.74
CA ARG D 173 -1.34 -8.90 17.62
C ARG D 173 0.13 -9.26 17.65
N LEU D 174 0.54 -9.93 18.73
CA LEU D 174 1.93 -10.35 18.92
C LEU D 174 1.93 -11.65 19.72
N ASP D 175 2.50 -12.71 19.13
CA ASP D 175 2.56 -14.02 19.78
C ASP D 175 3.74 -14.06 20.73
N LEU D 176 3.66 -13.23 21.77
CA LEU D 176 4.68 -13.13 22.82
C LEU D 176 3.95 -12.91 24.15
N ALA D 177 3.60 -14.00 24.82
CA ALA D 177 2.88 -13.92 26.08
C ALA D 177 3.53 -14.80 27.15
N GLY D 178 2.72 -15.30 28.08
CA GLY D 178 3.26 -16.12 29.14
C GLY D 178 3.64 -17.51 28.69
N ARG D 179 2.84 -18.10 27.80
CA ARG D 179 3.14 -19.45 27.31
C ARG D 179 4.38 -19.46 26.43
N ASP D 180 4.68 -18.35 25.77
CA ASP D 180 5.86 -18.26 24.91
C ASP D 180 7.14 -18.03 25.69
N LEU D 181 7.06 -17.73 26.98
CA LEU D 181 8.25 -17.53 27.80
C LEU D 181 8.68 -18.82 28.51
N THR D 182 7.72 -19.65 28.93
CA THR D 182 8.07 -20.90 29.57
C THR D 182 8.65 -21.92 28.60
N ASP D 183 8.40 -21.75 27.29
CA ASP D 183 8.99 -22.63 26.30
C ASP D 183 10.48 -22.34 26.12
N TYR D 184 10.85 -21.06 26.07
CA TYR D 184 12.26 -20.69 25.98
C TYR D 184 12.99 -20.93 27.30
N LEU D 185 12.28 -20.91 28.43
CA LEU D 185 12.92 -21.18 29.71
C LEU D 185 13.29 -22.65 29.84
N MET D 186 12.58 -23.54 29.14
CA MET D 186 12.88 -24.96 29.24
C MET D 186 14.21 -25.30 28.56
N LYS D 187 14.45 -24.73 27.38
CA LYS D 187 15.70 -25.00 26.66
C LYS D 187 16.89 -24.27 27.25
N ILE D 188 16.66 -23.19 28.02
CA ILE D 188 17.76 -22.44 28.62
C ILE D 188 18.10 -22.93 30.02
N LEU D 189 17.24 -23.76 30.63
CA LEU D 189 17.51 -24.30 31.95
C LEU D 189 18.30 -25.60 31.93
N THR D 190 18.22 -26.37 30.84
CA THR D 190 18.91 -27.64 30.74
C THR D 190 20.40 -27.50 30.53
N GLU D 191 20.92 -26.28 30.40
CA GLU D 191 22.35 -26.07 30.23
C GLU D 191 23.13 -26.11 31.54
N ARG D 192 22.47 -26.42 32.66
CA ARG D 192 23.12 -26.49 33.96
C ARG D 192 22.97 -27.86 34.61
N GLY D 193 22.53 -28.86 33.86
CA GLY D 193 22.33 -30.19 34.40
C GLY D 193 20.93 -30.51 34.89
N TYR D 194 19.94 -29.69 34.53
CA TYR D 194 18.56 -29.89 34.94
C TYR D 194 17.76 -30.25 33.70
N SER D 195 17.71 -31.56 33.40
CA SER D 195 17.02 -32.06 32.22
C SER D 195 15.53 -32.24 32.52
N PHE D 196 14.69 -31.59 31.74
CA PHE D 196 13.24 -31.71 31.88
C PHE D 196 12.60 -31.67 30.50
N VAL D 197 11.56 -32.48 30.32
CA VAL D 197 10.88 -32.58 29.03
C VAL D 197 9.44 -33.02 29.27
N THR D 198 9.17 -33.57 30.46
CA THR D 198 7.84 -34.03 30.78
C THR D 198 6.89 -32.85 30.94
N THR D 199 5.66 -33.02 30.46
CA THR D 199 4.68 -31.95 30.53
C THR D 199 4.31 -31.60 31.97
N ALA D 200 4.39 -32.58 32.88
CA ALA D 200 4.04 -32.31 34.27
C ALA D 200 4.99 -31.33 34.93
N GLU D 201 6.24 -31.29 34.48
CA GLU D 201 7.23 -30.37 35.03
C GLU D 201 7.27 -29.03 34.32
N ARG D 202 6.33 -28.77 33.40
CA ARG D 202 6.32 -27.48 32.72
C ARG D 202 5.79 -26.38 33.64
N GLU D 203 4.82 -26.69 34.50
CA GLU D 203 4.28 -25.72 35.43
C GLU D 203 5.13 -25.56 36.69
N ILE D 204 6.08 -26.47 36.93
CA ILE D 204 6.95 -26.34 38.10
C ILE D 204 7.93 -25.18 37.90
N VAL D 205 8.55 -25.11 36.72
CA VAL D 205 9.47 -24.00 36.43
C VAL D 205 8.74 -22.70 36.13
N ARG D 206 7.43 -22.75 35.90
CA ARG D 206 6.67 -21.52 35.65
C ARG D 206 6.50 -20.72 36.92
N ASP D 207 6.35 -21.39 38.07
CA ASP D 207 6.20 -20.68 39.33
C ASP D 207 7.49 -19.98 39.73
N ILE D 208 8.64 -20.51 39.31
CA ILE D 208 9.91 -19.86 39.59
C ILE D 208 10.04 -18.56 38.80
N LYS D 209 9.51 -18.54 37.58
CA LYS D 209 9.58 -17.34 36.76
C LYS D 209 8.70 -16.22 37.32
N GLU D 210 7.62 -16.57 38.01
CA GLU D 210 6.69 -15.58 38.52
C GLU D 210 7.22 -14.83 39.74
N LYS D 211 8.36 -15.26 40.31
CA LYS D 211 8.88 -14.62 41.50
C LYS D 211 10.34 -14.20 41.32
N LEU D 212 11.20 -15.16 40.95
CA LEU D 212 12.62 -14.86 40.84
C LEU D 212 12.94 -14.11 39.56
N CYS D 213 12.41 -14.57 38.43
CA CYS D 213 12.70 -13.95 37.15
C CYS D 213 12.04 -12.57 37.06
N TYR D 214 12.77 -11.62 36.49
CA TYR D 214 12.26 -10.26 36.32
C TYR D 214 12.92 -9.66 35.09
N VAL D 215 12.53 -8.42 34.78
CA VAL D 215 13.06 -7.69 33.63
C VAL D 215 14.11 -6.71 34.14
N ALA D 216 15.35 -6.88 33.67
CA ALA D 216 16.44 -6.01 34.07
C ALA D 216 16.37 -4.70 33.29
N LEU D 217 17.21 -3.74 33.70
CA LEU D 217 17.25 -2.44 33.05
C LEU D 217 17.93 -2.52 31.69
N ASP D 218 19.08 -3.19 31.62
CA ASP D 218 19.83 -3.31 30.38
C ASP D 218 20.12 -4.79 30.11
N PHE D 219 20.41 -5.10 28.85
CA PHE D 219 20.69 -6.46 28.43
C PHE D 219 22.19 -6.76 28.32
N GLU D 220 22.93 -5.89 27.66
CA GLU D 220 24.37 -6.07 27.47
C GLU D 220 25.19 -5.48 28.60
N ASN D 221 24.58 -5.24 29.76
CA ASN D 221 25.28 -4.70 30.92
C ASN D 221 25.42 -5.72 32.04
N GLU D 222 24.34 -6.39 32.42
CA GLU D 222 24.39 -7.39 33.48
C GLU D 222 24.94 -8.74 33.02
N MET D 223 25.11 -8.93 31.71
CA MET D 223 25.64 -10.20 31.21
C MET D 223 27.15 -10.27 31.38
N ALA D 224 27.85 -9.15 31.22
CA ALA D 224 29.30 -9.15 31.37
C ALA D 224 29.72 -9.39 32.81
N THR D 225 28.91 -8.96 33.78
CA THR D 225 29.19 -9.15 35.19
C THR D 225 28.48 -10.37 35.77
N ALA D 226 27.89 -11.22 34.93
CA ALA D 226 27.19 -12.41 35.39
C ALA D 226 28.14 -13.55 35.73
N ALA D 227 29.43 -13.43 35.43
CA ALA D 227 30.36 -14.49 35.74
C ALA D 227 30.65 -14.57 37.24
N SER D 228 30.58 -13.45 37.94
CA SER D 228 30.81 -13.40 39.38
C SER D 228 29.45 -13.47 40.08
N SER D 229 29.09 -14.66 40.53
CA SER D 229 27.81 -14.86 41.21
C SER D 229 27.88 -14.26 42.61
N SER D 230 27.12 -13.20 42.83
CA SER D 230 27.09 -12.52 44.13
C SER D 230 25.68 -12.18 44.58
N SER D 231 24.83 -11.72 43.67
CA SER D 231 23.46 -11.37 44.03
C SER D 231 22.43 -11.78 43.00
N LEU D 232 22.83 -12.43 41.90
CA LEU D 232 21.91 -12.85 40.85
C LEU D 232 21.58 -14.34 40.93
N GLU D 233 21.78 -14.95 42.10
CA GLU D 233 21.50 -16.36 42.30
C GLU D 233 20.72 -16.56 43.60
N LYS D 234 19.89 -17.60 43.63
CA LYS D 234 19.11 -17.91 44.81
C LYS D 234 18.68 -19.38 44.73
N SER D 235 18.89 -20.11 45.82
CA SER D 235 18.52 -21.52 45.87
C SER D 235 17.02 -21.68 46.00
N TYR D 236 16.44 -22.50 45.14
CA TYR D 236 15.01 -22.78 45.15
C TYR D 236 14.78 -24.25 45.48
N GLU D 237 13.77 -24.51 46.32
CA GLU D 237 13.45 -25.85 46.77
C GLU D 237 12.25 -26.38 46.01
N LEU D 238 12.36 -27.63 45.53
CA LEU D 238 11.31 -28.33 44.80
C LEU D 238 10.60 -29.32 45.73
N PRO D 239 9.31 -29.59 45.47
CA PRO D 239 8.60 -30.56 46.33
C PRO D 239 9.10 -31.99 46.18
N ASP D 240 9.85 -32.30 45.13
CA ASP D 240 10.38 -33.65 44.97
C ASP D 240 11.55 -33.90 45.90
N GLY D 241 12.45 -32.92 46.04
CA GLY D 241 13.59 -33.08 46.91
C GLY D 241 14.92 -32.81 46.23
N GLN D 242 14.98 -31.72 45.46
CA GLN D 242 16.18 -31.33 44.74
C GLN D 242 16.50 -29.87 45.02
N VAL D 243 17.70 -29.45 44.63
CA VAL D 243 18.16 -28.09 44.81
C VAL D 243 18.43 -27.50 43.43
N ILE D 244 17.76 -26.37 43.13
CA ILE D 244 17.90 -25.69 41.86
C ILE D 244 18.46 -24.30 42.10
N THR D 245 19.55 -23.98 41.42
CA THR D 245 20.21 -22.67 41.54
C THR D 245 20.48 -22.14 40.15
N ILE D 246 19.90 -20.99 39.82
CA ILE D 246 20.08 -20.37 38.53
C ILE D 246 21.02 -19.18 38.67
N GLY D 247 21.62 -18.77 37.56
CA GLY D 247 22.53 -17.65 37.55
C GLY D 247 22.11 -16.54 36.62
N ASN D 248 22.61 -16.59 35.38
CA ASN D 248 22.27 -15.58 34.38
C ASN D 248 20.97 -15.87 33.66
N GLU D 249 20.27 -16.94 34.02
CA GLU D 249 19.01 -17.30 33.40
C GLU D 249 17.81 -16.66 34.08
N ARG D 250 18.02 -15.58 34.83
CA ARG D 250 16.94 -14.91 35.55
C ARG D 250 16.37 -13.73 34.77
N PHE D 251 17.24 -12.94 34.13
CA PHE D 251 16.81 -11.77 33.38
C PHE D 251 16.74 -12.00 31.88
N ARG D 252 17.42 -13.03 31.36
CA ARG D 252 17.42 -13.29 29.93
C ARG D 252 16.14 -13.99 29.47
N CYS D 253 15.38 -14.59 30.39
CA CYS D 253 14.15 -15.26 29.97
C CYS D 253 13.05 -14.27 29.61
N PRO D 254 12.76 -13.23 30.41
CA PRO D 254 11.74 -12.25 29.97
C PRO D 254 12.20 -11.37 28.81
N GLU D 255 13.46 -11.47 28.38
CA GLU D 255 13.95 -10.66 27.27
C GLU D 255 13.33 -11.08 25.94
N THR D 256 12.74 -12.27 25.87
CA THR D 256 12.10 -12.71 24.63
C THR D 256 10.95 -11.79 24.23
N LEU D 257 10.25 -11.22 25.21
CA LEU D 257 9.18 -10.28 24.90
C LEU D 257 9.70 -9.03 24.21
N PHE D 258 10.92 -8.61 24.54
CA PHE D 258 11.53 -7.44 23.92
C PHE D 258 12.34 -7.81 22.69
N GLN D 259 13.01 -8.96 22.70
CA GLN D 259 13.82 -9.41 21.58
C GLN D 259 13.23 -10.68 20.98
N PRO D 260 12.42 -10.57 19.92
CA PRO D 260 11.84 -11.78 19.32
C PRO D 260 12.83 -12.66 18.59
N SER D 261 14.12 -12.32 18.59
CA SER D 261 15.12 -13.14 17.90
C SER D 261 15.41 -14.45 18.61
N PHE D 262 14.95 -14.62 19.85
CA PHE D 262 15.20 -15.87 20.57
C PHE D 262 14.34 -17.00 20.01
N ILE D 263 13.08 -16.72 19.68
CA ILE D 263 12.20 -17.75 19.13
C ILE D 263 12.51 -17.98 17.66
N GLY D 264 12.70 -16.91 16.90
CA GLY D 264 13.00 -17.03 15.49
C GLY D 264 11.96 -16.39 14.60
N MET D 265 11.40 -15.27 15.04
CA MET D 265 10.39 -14.54 14.29
C MET D 265 10.89 -13.13 13.99
N GLU D 266 10.57 -12.63 12.80
CA GLU D 266 10.97 -11.30 12.36
C GLU D 266 10.01 -10.22 12.85
N SER D 267 9.09 -10.54 13.75
CA SER D 267 8.15 -9.57 14.27
C SER D 267 8.85 -8.62 15.25
N ALA D 268 8.11 -7.60 15.67
CA ALA D 268 8.63 -6.59 16.59
C ALA D 268 8.31 -6.97 18.03
N GLY D 269 9.14 -6.48 18.95
CA GLY D 269 8.95 -6.74 20.36
C GLY D 269 7.78 -5.96 20.93
N ILE D 270 7.58 -6.14 22.24
CA ILE D 270 6.48 -5.47 22.93
C ILE D 270 6.70 -3.97 23.03
N HIS D 271 7.95 -3.51 22.92
CA HIS D 271 8.25 -2.09 22.97
C HIS D 271 8.19 -1.41 21.61
N GLU D 272 8.22 -2.19 20.52
CA GLU D 272 8.12 -1.64 19.18
C GLU D 272 6.72 -1.75 18.58
N THR D 273 5.96 -2.78 18.96
CA THR D 273 4.59 -2.90 18.46
C THR D 273 3.69 -1.82 19.04
N THR D 274 3.98 -1.37 20.27
CA THR D 274 3.21 -0.29 20.86
C THR D 274 3.51 1.07 20.24
N TYR D 275 4.60 1.19 19.48
CA TYR D 275 4.97 2.43 18.82
C TYR D 275 4.63 2.43 17.33
N ASN D 276 4.67 1.26 16.67
CA ASN D 276 4.34 1.21 15.26
C ASN D 276 2.85 1.37 15.02
N SER D 277 2.01 0.85 15.94
CA SER D 277 0.57 1.00 15.78
C SER D 277 0.13 2.44 15.91
N ILE D 278 0.87 3.25 16.69
CA ILE D 278 0.52 4.67 16.82
C ILE D 278 0.82 5.42 15.53
N MET D 279 1.85 4.99 14.79
CA MET D 279 2.19 5.68 13.55
C MET D 279 1.11 5.50 12.49
N LYS D 280 0.35 4.40 12.54
CA LYS D 280 -0.70 4.16 11.58
C LYS D 280 -1.97 4.95 11.87
N CYS D 281 -2.04 5.66 12.99
CA CYS D 281 -3.20 6.43 13.35
C CYS D 281 -3.04 7.88 12.88
N ASP D 282 -4.02 8.71 13.21
CA ASP D 282 -3.97 10.12 12.84
C ASP D 282 -2.95 10.87 13.70
N ILE D 283 -2.37 11.91 13.11
CA ILE D 283 -1.34 12.68 13.81
C ILE D 283 -1.93 13.43 14.99
N ASP D 284 -3.21 13.84 14.89
CA ASP D 284 -3.83 14.59 15.97
C ASP D 284 -4.00 13.75 17.23
N ILE D 285 -4.18 12.44 17.08
CA ILE D 285 -4.37 11.54 18.20
C ILE D 285 -3.08 10.82 18.57
N ARG D 286 -1.92 11.36 18.16
CA ARG D 286 -0.63 10.78 18.49
C ARG D 286 0.06 11.51 19.65
N LYS D 287 -0.69 12.31 20.40
CA LYS D 287 -0.14 13.05 21.53
C LYS D 287 -0.73 12.64 22.87
N ASP D 288 -1.74 11.76 22.90
CA ASP D 288 -2.36 11.31 24.13
C ASP D 288 -2.18 9.81 24.34
N LEU D 289 -1.10 9.24 23.79
CA LEU D 289 -0.83 7.82 23.94
C LEU D 289 0.52 7.52 24.58
N TYR D 290 1.48 8.44 24.55
CA TYR D 290 2.79 8.19 25.15
C TYR D 290 2.72 8.30 26.68
N ALA D 291 2.14 9.39 27.18
CA ALA D 291 2.02 9.62 28.61
C ALA D 291 0.75 9.03 29.20
N ASN D 292 0.04 8.20 28.46
CA ASN D 292 -1.21 7.59 28.93
C ASN D 292 -1.23 6.09 28.63
N ASN D 293 -0.06 5.48 28.50
CA ASN D 293 0.02 4.05 28.21
C ASN D 293 -0.25 3.23 29.47
N VAL D 294 -1.12 2.23 29.32
CA VAL D 294 -1.49 1.34 30.41
C VAL D 294 -1.16 -0.09 30.00
N LEU D 295 -0.45 -0.80 30.87
CA LEU D 295 -0.05 -2.18 30.64
C LEU D 295 -0.72 -3.08 31.64
N SER D 296 -1.57 -3.98 31.17
CA SER D 296 -2.28 -4.91 32.03
C SER D 296 -1.93 -6.35 31.69
N GLY D 297 -2.67 -7.31 32.24
CA GLY D 297 -2.45 -8.72 32.00
C GLY D 297 -1.80 -9.40 33.19
N GLY D 298 -1.58 -10.69 33.03
CA GLY D 298 -0.97 -11.49 34.07
C GLY D 298 0.52 -11.66 33.89
N THR D 299 0.99 -11.57 32.64
CA THR D 299 2.42 -11.71 32.37
C THR D 299 3.18 -10.47 32.77
N THR D 300 2.61 -9.29 32.55
CA THR D 300 3.25 -8.02 32.88
C THR D 300 3.24 -7.84 34.39
N MET D 301 4.13 -8.58 35.06
CA MET D 301 4.25 -8.49 36.51
C MET D 301 5.70 -8.57 36.99
N TYR D 302 6.66 -8.55 36.09
CA TYR D 302 8.06 -8.63 36.49
C TYR D 302 8.51 -7.32 37.10
N PRO D 303 9.12 -7.34 38.30
CA PRO D 303 9.58 -6.10 38.92
C PRO D 303 10.70 -5.43 38.12
N GLY D 304 10.32 -4.59 37.17
CA GLY D 304 11.30 -3.90 36.34
C GLY D 304 10.79 -3.62 34.94
N ILE D 305 9.48 -3.74 34.74
CA ILE D 305 8.91 -3.48 33.42
C ILE D 305 8.62 -2.00 33.23
N ALA D 306 8.08 -1.34 34.26
CA ALA D 306 7.75 0.07 34.15
C ALA D 306 9.02 0.93 34.06
N ASP D 307 10.14 0.44 34.59
CA ASP D 307 11.39 1.19 34.52
C ASP D 307 12.08 1.05 33.17
N ARG D 308 11.65 0.09 32.34
CA ARG D 308 12.25 -0.11 31.03
C ARG D 308 11.47 0.57 29.92
N MET D 309 10.16 0.78 30.11
CA MET D 309 9.34 1.42 29.08
C MET D 309 9.68 2.90 28.91
N GLN D 310 10.39 3.50 29.87
CA GLN D 310 10.76 4.90 29.80
C GLN D 310 12.17 5.10 29.25
N LYS D 311 12.70 4.11 28.53
CA LYS D 311 14.04 4.22 27.97
C LYS D 311 14.05 3.84 26.50
N GLU D 312 13.57 2.63 26.19
CA GLU D 312 13.55 2.18 24.80
C GLU D 312 12.52 2.95 23.99
N ILE D 313 11.37 3.27 24.59
CA ILE D 313 10.36 4.05 23.89
C ILE D 313 10.78 5.51 23.79
N THR D 314 11.36 6.04 24.86
CA THR D 314 11.82 7.43 24.85
C THR D 314 12.95 7.64 23.85
N ALA D 315 13.76 6.61 23.60
CA ALA D 315 14.85 6.74 22.64
C ALA D 315 14.33 6.78 21.21
N LEU D 316 13.32 5.95 20.91
CA LEU D 316 12.75 5.94 19.55
C LEU D 316 11.88 7.15 19.31
N ALA D 317 10.97 7.46 20.23
CA ALA D 317 10.11 8.62 20.08
C ALA D 317 10.90 9.90 20.28
N PRO D 318 10.52 10.98 19.60
CA PRO D 318 11.25 12.26 19.78
C PRO D 318 11.09 12.82 21.18
N SER D 319 12.21 13.02 21.87
CA SER D 319 12.18 13.54 23.24
C SER D 319 11.85 15.02 23.24
N THR D 320 10.55 15.33 23.37
CA THR D 320 10.11 16.72 23.40
C THR D 320 8.95 16.89 24.38
N MET D 321 7.97 16.01 24.31
CA MET D 321 6.81 16.05 25.18
C MET D 321 7.10 15.24 26.45
N LYS D 322 6.06 14.86 27.19
CA LYS D 322 6.20 14.11 28.43
C LYS D 322 5.78 12.66 28.20
N ILE D 323 6.49 11.74 28.83
CA ILE D 323 6.21 10.31 28.74
C ILE D 323 6.11 9.76 30.16
N LYS D 324 4.92 9.26 30.51
CA LYS D 324 4.68 8.72 31.83
C LYS D 324 3.83 7.46 31.71
N ILE D 325 4.26 6.39 32.38
CA ILE D 325 3.56 5.11 32.35
C ILE D 325 2.99 4.85 33.74
N ILE D 326 1.74 4.39 33.77
CA ILE D 326 1.04 4.08 35.01
C ILE D 326 0.97 2.56 35.15
N ALA D 327 1.31 2.06 36.34
CA ALA D 327 1.31 0.63 36.63
C ALA D 327 0.66 0.40 37.98
N PRO D 328 -0.67 0.26 38.02
CA PRO D 328 -1.33 0.03 39.30
C PRO D 328 -1.10 -1.40 39.77
N PRO D 329 -1.06 -1.63 41.08
CA PRO D 329 -0.86 -2.99 41.58
C PRO D 329 -2.10 -3.86 41.37
N GLU D 330 -1.88 -5.17 41.41
CA GLU D 330 -2.94 -6.16 41.23
C GLU D 330 -3.64 -5.97 39.88
N ARG D 331 -2.86 -5.96 38.82
CA ARG D 331 -3.38 -5.75 37.47
C ARG D 331 -3.78 -7.06 36.79
N LYS D 332 -3.70 -8.19 37.48
CA LYS D 332 -4.09 -9.45 36.87
C LYS D 332 -5.61 -9.53 36.70
N TYR D 333 -6.37 -8.86 37.55
CA TYR D 333 -7.82 -8.86 37.50
C TYR D 333 -8.39 -7.57 36.91
N SER D 334 -7.61 -6.91 36.03
CA SER D 334 -8.08 -5.68 35.43
C SER D 334 -9.26 -5.90 34.49
N VAL D 335 -9.38 -7.10 33.93
CA VAL D 335 -10.50 -7.41 33.03
C VAL D 335 -11.74 -7.78 33.83
N TRP D 336 -11.57 -8.49 34.95
CA TRP D 336 -12.71 -8.90 35.75
C TRP D 336 -13.30 -7.75 36.57
N ILE D 337 -12.43 -6.91 37.13
CA ILE D 337 -12.91 -5.78 37.93
C ILE D 337 -13.58 -4.75 37.03
N GLY D 338 -12.94 -4.41 35.91
CA GLY D 338 -13.52 -3.45 34.99
C GLY D 338 -14.77 -3.96 34.31
N GLY D 339 -14.86 -5.28 34.10
CA GLY D 339 -16.04 -5.86 33.49
C GLY D 339 -17.22 -6.04 34.43
N SER D 340 -16.95 -6.15 35.73
CA SER D 340 -18.03 -6.30 36.70
C SER D 340 -18.76 -4.98 36.90
N ILE D 341 -18.02 -3.86 36.96
CA ILE D 341 -18.65 -2.56 37.12
C ILE D 341 -19.31 -2.09 35.83
N LEU D 342 -18.92 -2.66 34.69
CA LEU D 342 -19.52 -2.26 33.42
C LEU D 342 -20.97 -2.71 33.32
N ALA D 343 -21.29 -3.87 33.90
CA ALA D 343 -22.65 -4.40 33.88
C ALA D 343 -23.57 -3.73 34.89
N SER D 344 -23.04 -2.84 35.74
CA SER D 344 -23.86 -2.17 36.74
C SER D 344 -24.58 -0.95 36.18
N LEU D 345 -24.14 -0.43 35.04
CA LEU D 345 -24.78 0.74 34.45
C LEU D 345 -26.10 0.36 33.79
N SER D 346 -26.93 1.38 33.55
CA SER D 346 -28.22 1.14 32.92
C SER D 346 -28.13 1.08 31.41
N THR D 347 -27.16 1.78 30.82
CA THR D 347 -26.98 1.78 29.37
C THR D 347 -26.37 0.49 28.84
N PHE D 348 -25.77 -0.33 29.71
CA PHE D 348 -25.16 -1.59 29.28
C PHE D 348 -26.20 -2.69 29.10
N GLN D 349 -27.36 -2.58 29.74
CA GLN D 349 -28.38 -3.62 29.63
C GLN D 349 -29.03 -3.65 28.26
N GLN D 350 -28.84 -2.61 27.44
CA GLN D 350 -29.41 -2.54 26.11
C GLN D 350 -28.49 -3.14 25.04
N MET D 351 -27.52 -3.94 25.45
CA MET D 351 -26.58 -4.57 24.52
C MET D 351 -26.54 -6.09 24.64
N TRP D 352 -27.30 -6.68 25.56
CA TRP D 352 -27.30 -8.13 25.72
C TRP D 352 -28.04 -8.79 24.57
N ILE D 353 -27.58 -9.99 24.22
CA ILE D 353 -28.20 -10.78 23.14
C ILE D 353 -29.36 -11.55 23.73
N SER D 354 -30.55 -11.35 23.16
CA SER D 354 -31.75 -12.03 23.64
C SER D 354 -31.83 -13.44 23.09
N LYS D 355 -32.49 -14.32 23.85
CA LYS D 355 -32.65 -15.71 23.42
C LYS D 355 -33.43 -15.80 22.12
N GLN D 356 -34.47 -14.97 21.97
CA GLN D 356 -35.29 -14.99 20.76
C GLN D 356 -34.60 -14.34 19.57
N GLU D 357 -33.47 -13.65 19.78
CA GLU D 357 -32.74 -12.99 18.71
C GLU D 357 -31.62 -13.85 18.15
N TYR D 358 -31.44 -15.06 18.64
CA TYR D 358 -30.40 -15.96 18.16
C TYR D 358 -30.96 -17.11 17.34
N ASP D 359 -31.99 -17.80 17.83
CA ASP D 359 -32.58 -18.90 17.11
C ASP D 359 -33.45 -18.46 15.95
N GLU D 360 -33.83 -17.18 15.88
CA GLU D 360 -34.65 -16.66 14.81
C GLU D 360 -33.87 -15.86 13.78
N ALA D 361 -32.64 -15.45 14.11
CA ALA D 361 -31.81 -14.67 13.19
C ALA D 361 -30.53 -15.39 12.77
N GLY D 362 -29.80 -15.97 13.73
CA GLY D 362 -28.59 -16.68 13.42
C GLY D 362 -27.40 -16.15 14.21
N PRO D 363 -26.30 -16.90 14.21
CA PRO D 363 -25.10 -16.46 14.95
C PRO D 363 -24.40 -15.27 14.32
N SER D 364 -24.88 -14.73 13.21
CA SER D 364 -24.25 -13.61 12.54
C SER D 364 -24.61 -12.26 13.15
N ILE D 365 -25.34 -12.25 14.26
CA ILE D 365 -25.73 -10.99 14.91
C ILE D 365 -24.84 -10.65 16.09
N VAL D 366 -24.00 -11.58 16.55
CA VAL D 366 -23.12 -11.29 17.69
C VAL D 366 -21.93 -10.43 17.28
N HIS D 367 -21.58 -10.40 16.00
CA HIS D 367 -20.45 -9.61 15.54
C HIS D 367 -20.80 -8.12 15.52
N THR E 1 -31.81 48.81 24.06
CA THR E 1 -31.71 47.47 23.49
C THR E 1 -30.64 47.42 22.41
N THR E 2 -29.59 46.64 22.65
CA THR E 2 -28.50 46.51 21.69
C THR E 2 -28.86 45.47 20.63
N ALA E 3 -27.97 45.29 19.66
CA ALA E 3 -28.15 44.35 18.58
C ALA E 3 -27.06 43.27 18.62
N LEU E 4 -27.26 42.23 17.82
CA LEU E 4 -26.34 41.11 17.73
C LEU E 4 -25.64 41.15 16.38
N VAL E 5 -24.33 41.35 16.38
CA VAL E 5 -23.53 41.42 15.17
C VAL E 5 -22.83 40.08 14.99
N CYS E 6 -23.30 39.30 14.03
CA CYS E 6 -22.74 37.98 13.74
C CYS E 6 -22.25 37.93 12.30
N ASP E 7 -21.19 37.16 12.08
CA ASP E 7 -20.59 36.99 10.77
C ASP E 7 -20.61 35.52 10.40
N ASN E 8 -21.35 35.17 9.35
CA ASN E 8 -21.48 33.79 8.88
C ASN E 8 -20.47 33.46 7.80
N GLY E 9 -19.35 34.17 7.75
CA GLY E 9 -18.35 33.91 6.74
C GLY E 9 -17.58 32.62 6.99
N SER E 10 -16.90 32.16 5.95
CA SER E 10 -16.11 30.93 6.06
C SER E 10 -14.85 31.17 6.88
N GLY E 11 -14.36 30.09 7.50
CA GLY E 11 -13.17 30.17 8.32
C GLY E 11 -13.48 30.31 9.80
N LEU E 12 -13.68 31.55 10.25
CA LEU E 12 -13.98 31.84 11.64
C LEU E 12 -15.34 32.54 11.75
N VAL E 13 -15.88 32.55 12.97
CA VAL E 13 -17.16 33.17 13.27
C VAL E 13 -16.95 34.30 14.26
N LYS E 14 -17.41 35.48 13.91
CA LYS E 14 -17.29 36.67 14.76
C LYS E 14 -18.68 37.08 15.20
N ALA E 15 -19.03 36.76 16.45
CA ALA E 15 -20.32 37.09 17.02
C ALA E 15 -20.14 37.88 18.30
N GLY E 16 -21.14 38.68 18.62
CA GLY E 16 -21.10 39.50 19.82
C GLY E 16 -22.13 40.60 19.78
N PHE E 17 -22.26 41.28 20.91
CA PHE E 17 -23.20 42.38 21.02
C PHE E 17 -22.69 43.62 20.31
N ALA E 18 -23.62 44.47 19.89
CA ALA E 18 -23.27 45.70 19.20
C ALA E 18 -22.84 46.79 20.19
N GLY E 19 -21.92 47.63 19.74
CA GLY E 19 -21.41 48.70 20.56
C GLY E 19 -20.10 48.41 21.27
N ASP E 20 -19.53 47.23 21.08
CA ASP E 20 -18.27 46.85 21.71
C ASP E 20 -17.12 47.09 20.74
N ASP E 21 -15.93 46.60 21.11
CA ASP E 21 -14.75 46.76 20.28
C ASP E 21 -14.10 45.44 19.87
N ALA E 22 -14.42 44.33 20.52
CA ALA E 22 -13.84 43.04 20.17
C ALA E 22 -14.83 41.91 20.48
N PRO E 23 -15.00 40.96 19.56
CA PRO E 23 -15.93 39.86 19.82
C PRO E 23 -15.37 38.88 20.86
N ARG E 24 -16.26 38.35 21.69
CA ARG E 24 -15.88 37.41 22.73
C ARG E 24 -16.23 35.97 22.38
N ALA E 25 -16.69 35.72 21.15
CA ALA E 25 -17.08 34.38 20.72
C ALA E 25 -16.46 34.11 19.36
N VAL E 26 -15.38 33.34 19.34
CA VAL E 26 -14.69 32.98 18.10
C VAL E 26 -14.48 31.47 18.09
N PHE E 27 -14.76 30.85 16.94
CA PHE E 27 -14.62 29.41 16.78
C PHE E 27 -14.62 29.09 15.30
N PRO E 28 -13.86 28.07 14.87
CA PRO E 28 -13.85 27.72 13.45
C PRO E 28 -15.17 27.06 13.03
N SER E 29 -15.49 27.23 11.74
CA SER E 29 -16.72 26.67 11.18
C SER E 29 -16.45 25.23 10.74
N ILE E 30 -16.42 24.34 11.72
CA ILE E 30 -16.17 22.92 11.49
C ILE E 30 -17.28 22.12 12.15
N VAL E 31 -17.53 20.92 11.60
CA VAL E 31 -18.55 20.01 12.10
C VAL E 31 -17.88 18.71 12.50
N GLY E 32 -18.15 18.27 13.73
CA GLY E 32 -17.56 17.04 14.23
C GLY E 32 -18.43 15.82 14.02
N ARG E 33 -17.95 14.89 13.18
CA ARG E 33 -18.67 13.66 12.91
C ARG E 33 -17.78 12.46 13.19
N PRO E 34 -18.34 11.39 13.78
CA PRO E 34 -17.51 10.23 14.10
C PRO E 34 -17.07 9.48 12.85
N ARG E 35 -15.84 8.97 12.88
CA ARG E 35 -15.28 8.24 11.75
C ARG E 35 -15.50 6.73 11.94
N HIS E 36 -14.80 6.14 12.89
CA HIS E 36 -14.90 4.72 13.17
C HIS E 36 -16.12 4.45 14.06
N GLN E 37 -16.31 3.20 14.45
CA GLN E 37 -17.42 2.78 15.31
C GLN E 37 -16.82 2.07 16.53
N GLY E 38 -16.60 2.83 17.60
CA GLY E 38 -16.03 2.24 18.79
C GLY E 38 -17.05 1.41 19.56
N VAL E 39 -16.52 0.44 20.30
CA VAL E 39 -17.36 -0.46 21.12
C VAL E 39 -17.12 -0.04 22.57
N MET E 40 -17.88 0.95 23.02
CA MET E 40 -17.79 1.46 24.38
C MET E 40 -19.17 1.73 24.92
N VAL E 41 -19.26 1.84 26.24
CA VAL E 41 -20.52 2.09 26.94
C VAL E 41 -20.39 3.39 27.72
N GLY E 42 -21.30 4.32 27.46
CA GLY E 42 -21.27 5.60 28.13
C GLY E 42 -20.36 6.63 27.49
N MET E 43 -20.03 6.47 26.22
CA MET E 43 -19.15 7.40 25.53
C MET E 43 -19.98 8.49 24.84
N GLY E 44 -19.39 9.68 24.75
CA GLY E 44 -20.03 10.80 24.09
C GLY E 44 -21.27 11.30 24.79
N GLN E 45 -22.40 11.30 24.08
CA GLN E 45 -22.45 10.83 22.70
C GLN E 45 -22.16 11.96 21.71
N LYS E 46 -23.16 12.81 21.48
CA LYS E 46 -23.06 13.93 20.57
C LYS E 46 -22.68 13.47 19.16
N ASP E 47 -23.67 13.13 18.35
CA ASP E 47 -23.39 12.65 17.00
C ASP E 47 -22.82 13.76 16.12
N SER E 48 -23.15 15.01 16.41
CA SER E 48 -22.66 16.16 15.63
C SER E 48 -22.11 17.20 16.60
N TYR E 49 -20.79 17.38 16.58
CA TYR E 49 -20.15 18.37 17.42
C TYR E 49 -20.16 19.73 16.74
N VAL E 50 -20.01 20.77 17.55
CA VAL E 50 -20.01 22.14 17.06
C VAL E 50 -19.27 23.02 18.06
N GLY E 51 -18.40 23.87 17.55
CA GLY E 51 -17.62 24.77 18.36
C GLY E 51 -16.14 24.44 18.35
N ASP E 52 -15.44 24.90 19.38
CA ASP E 52 -14.01 24.67 19.51
C ASP E 52 -13.69 23.30 20.13
N GLU E 53 -14.70 22.48 20.41
CA GLU E 53 -14.44 21.17 20.99
C GLU E 53 -13.86 20.20 19.96
N ALA E 54 -14.20 20.38 18.67
CA ALA E 54 -13.68 19.50 17.63
C ALA E 54 -12.21 19.71 17.36
N GLN E 55 -11.64 20.84 17.79
CA GLN E 55 -10.22 21.08 17.57
C GLN E 55 -9.34 20.16 18.42
N SER E 56 -9.86 19.72 19.58
CA SER E 56 -9.10 18.82 20.44
C SER E 56 -9.20 17.37 20.00
N LYS E 57 -10.16 17.03 19.14
CA LYS E 57 -10.37 15.67 18.66
C LYS E 57 -10.45 15.65 17.14
N ARG E 58 -9.46 16.28 16.49
CA ARG E 58 -9.45 16.32 15.03
C ARG E 58 -9.10 14.97 14.41
N GLY E 59 -8.38 14.11 15.13
CA GLY E 59 -7.99 12.84 14.56
C GLY E 59 -9.15 11.89 14.35
N ILE E 60 -10.22 12.04 15.13
CA ILE E 60 -11.39 11.19 15.04
C ILE E 60 -12.53 11.89 14.32
N LEU E 61 -12.82 13.15 14.70
CA LEU E 61 -13.91 13.88 14.08
C LEU E 61 -13.52 14.32 12.67
N THR E 62 -14.37 13.98 11.70
CA THR E 62 -14.12 14.33 10.30
C THR E 62 -14.46 15.80 10.10
N LEU E 63 -13.45 16.62 9.83
CA LEU E 63 -13.67 18.04 9.62
C LEU E 63 -14.30 18.29 8.25
N LYS E 64 -15.30 19.18 8.23
CA LYS E 64 -15.99 19.51 6.99
C LYS E 64 -16.52 20.93 7.08
N TYR E 65 -16.21 21.74 6.08
CA TYR E 65 -16.67 23.13 6.06
C TYR E 65 -18.06 23.21 5.46
N PRO E 66 -19.06 23.72 6.20
CA PRO E 66 -20.41 23.80 5.62
C PRO E 66 -20.54 24.87 4.55
N ILE E 67 -19.70 25.91 4.58
CA ILE E 67 -19.73 26.98 3.60
C ILE E 67 -18.48 26.87 2.73
N GLU E 68 -18.68 26.90 1.42
CA GLU E 68 -17.57 26.77 0.47
C GLU E 68 -17.51 27.96 -0.48
N HIC E 69 -16.49 28.80 -0.30
CA HIC E 69 -16.25 29.95 -1.14
C HIC E 69 -17.45 30.90 -1.12
O HIC E 69 -17.90 31.46 -2.11
CB HIC E 69 -15.97 29.62 -2.62
CG HIC E 69 -14.95 28.57 -2.79
ND1 HIC E 69 -13.81 28.40 -1.97
CD2 HIC E 69 -14.97 27.57 -3.78
CE1 HIC E 69 -13.16 27.33 -2.46
NE2 HIC E 69 -13.82 26.79 -3.57
CZ HIC E 69 -13.43 25.66 -4.34
N GLY E 70 -17.98 31.06 0.09
CA GLY E 70 -19.13 31.94 0.30
C GLY E 70 -20.46 31.26 0.05
N ILE E 71 -20.52 30.43 -0.99
CA ILE E 71 -21.75 29.73 -1.32
C ILE E 71 -22.00 28.63 -0.29
N ILE E 72 -23.18 28.66 0.32
CA ILE E 72 -23.55 27.69 1.35
C ILE E 72 -23.83 26.34 0.68
N THR E 73 -22.87 25.42 0.77
CA THR E 73 -23.04 24.11 0.15
C THR E 73 -23.99 23.24 0.96
N ASN E 74 -23.73 23.09 2.25
CA ASN E 74 -24.56 22.27 3.13
C ASN E 74 -25.37 23.18 4.04
N TRP E 75 -26.65 22.84 4.23
CA TRP E 75 -27.56 23.67 5.00
C TRP E 75 -27.89 23.10 6.37
N ASP E 76 -27.93 21.77 6.52
CA ASP E 76 -28.27 21.20 7.82
C ASP E 76 -27.15 21.41 8.84
N ASP E 77 -25.92 21.58 8.37
CA ASP E 77 -24.79 21.85 9.25
C ASP E 77 -24.57 23.33 9.53
N MET E 78 -25.15 24.21 8.70
CA MET E 78 -25.00 25.64 8.92
C MET E 78 -25.80 26.11 10.13
N GLU E 79 -26.93 25.46 10.40
CA GLU E 79 -27.75 25.83 11.56
C GLU E 79 -27.10 25.41 12.87
N LYS E 80 -26.21 24.43 12.84
CA LYS E 80 -25.59 23.94 14.07
C LYS E 80 -24.72 25.02 14.71
N ILE E 81 -23.96 25.76 13.91
CA ILE E 81 -23.08 26.80 14.44
C ILE E 81 -23.84 28.05 14.83
N TRP E 82 -25.13 28.17 14.45
CA TRP E 82 -25.94 29.32 14.82
C TRP E 82 -26.65 29.11 16.15
N HIS E 83 -27.20 27.92 16.38
CA HIS E 83 -27.89 27.64 17.63
C HIS E 83 -26.93 27.42 18.79
N HIS E 84 -25.74 26.89 18.51
CA HIS E 84 -24.77 26.64 19.58
C HIS E 84 -24.17 27.93 20.11
N THR E 85 -24.12 28.98 19.28
CA THR E 85 -23.53 30.25 19.72
C THR E 85 -24.51 31.06 20.57
N PHE E 86 -25.80 31.02 20.24
CA PHE E 86 -26.80 31.81 20.96
C PHE E 86 -27.21 31.18 22.28
N TYR E 87 -26.61 30.05 22.68
CA TYR E 87 -26.97 29.39 23.92
C TYR E 87 -25.77 28.85 24.69
N ASN E 88 -24.55 29.19 24.30
CA ASN E 88 -23.36 28.73 25.01
C ASN E 88 -22.32 29.83 25.12
N GLU E 89 -21.99 30.46 23.99
CA GLU E 89 -21.00 31.53 23.97
C GLU E 89 -21.63 32.88 24.29
N LEU E 90 -22.65 33.28 23.54
CA LEU E 90 -23.30 34.56 23.78
C LEU E 90 -24.28 34.47 24.95
N ARG E 91 -25.01 33.37 25.06
CA ARG E 91 -26.00 33.15 26.12
C ARG E 91 -27.04 34.27 26.15
N VAL E 92 -27.59 34.58 24.98
CA VAL E 92 -28.61 35.61 24.84
C VAL E 92 -29.74 35.06 23.98
N ALA E 93 -30.97 35.38 24.35
CA ALA E 93 -32.13 34.92 23.60
C ALA E 93 -32.32 35.77 22.36
N PRO E 94 -32.51 35.17 21.17
CA PRO E 94 -32.72 35.99 19.96
C PRO E 94 -34.00 36.78 19.98
N GLU E 95 -34.95 36.46 20.86
CA GLU E 95 -36.23 37.16 20.92
C GLU E 95 -36.13 38.49 21.64
N GLU E 96 -34.95 38.87 22.15
CA GLU E 96 -34.79 40.12 22.88
C GLU E 96 -33.89 41.13 22.16
N HIS E 97 -33.01 40.69 21.27
CA HIS E 97 -32.11 41.58 20.55
C HIS E 97 -32.08 41.20 19.08
N PRO E 98 -32.05 42.18 18.18
CA PRO E 98 -32.00 41.85 16.75
C PRO E 98 -30.64 41.32 16.35
N THR E 99 -30.64 40.45 15.34
CA THR E 99 -29.42 39.83 14.83
C THR E 99 -29.04 40.47 13.51
N LEU E 100 -27.81 40.94 13.42
CA LEU E 100 -27.29 41.59 12.22
C LEU E 100 -26.29 40.65 11.55
N LEU E 101 -26.71 40.01 10.47
CA LEU E 101 -25.84 39.09 9.75
C LEU E 101 -24.98 39.84 8.75
N THR E 102 -23.99 39.13 8.21
CA THR E 102 -23.06 39.70 7.25
C THR E 102 -22.78 38.66 6.16
N GLU E 103 -23.02 39.04 4.91
CA GLU E 103 -22.81 38.15 3.78
C GLU E 103 -21.83 38.79 2.80
N ALA E 104 -21.15 37.94 2.03
CA ALA E 104 -20.18 38.41 1.05
C ALA E 104 -20.89 39.01 -0.16
N PRO E 105 -20.28 40.00 -0.79
CA PRO E 105 -20.90 40.61 -1.98
C PRO E 105 -20.91 39.65 -3.16
N LEU E 106 -21.76 39.98 -4.13
CA LEU E 106 -21.96 39.15 -5.33
C LEU E 106 -22.37 37.73 -4.95
N ASN E 107 -23.21 37.63 -3.93
CA ASN E 107 -23.68 36.33 -3.44
C ASN E 107 -24.86 35.85 -4.30
N PRO E 108 -24.92 34.56 -4.62
CA PRO E 108 -26.03 34.06 -5.44
C PRO E 108 -27.37 34.21 -4.73
N LYS E 109 -28.44 34.29 -5.54
CA LYS E 109 -29.78 34.49 -5.01
C LYS E 109 -30.31 33.27 -4.28
N ALA E 110 -29.68 32.11 -4.42
CA ALA E 110 -30.14 30.90 -3.75
C ALA E 110 -29.83 30.89 -2.26
N ASN E 111 -29.03 31.83 -1.77
CA ASN E 111 -28.66 31.89 -0.36
C ASN E 111 -29.38 32.97 0.41
N ARG E 112 -29.68 34.11 -0.23
CA ARG E 112 -30.36 35.19 0.47
C ARG E 112 -31.80 34.82 0.81
N GLU E 113 -32.45 34.06 -0.08
CA GLU E 113 -33.83 33.63 0.17
C GLU E 113 -33.92 32.48 1.17
N LYS E 114 -32.79 31.86 1.51
CA LYS E 114 -32.78 30.75 2.46
C LYS E 114 -32.18 31.12 3.82
N MET E 115 -31.17 32.00 3.83
CA MET E 115 -30.57 32.41 5.10
C MET E 115 -31.56 33.21 5.94
N THR E 116 -32.33 34.10 5.30
CA THR E 116 -33.33 34.87 6.03
C THR E 116 -34.50 34.01 6.49
N GLN E 117 -34.75 32.88 5.82
CA GLN E 117 -35.85 32.01 6.22
C GLN E 117 -35.53 31.27 7.51
N ILE E 118 -34.26 30.97 7.75
CA ILE E 118 -33.87 30.25 8.97
C ILE E 118 -34.06 31.14 10.19
N MET E 119 -33.75 32.43 10.06
CA MET E 119 -33.86 33.38 11.16
C MET E 119 -35.31 33.77 11.45
N PHE E 120 -36.28 33.25 10.70
CA PHE E 120 -37.69 33.57 10.91
C PHE E 120 -38.51 32.36 11.31
N GLU E 121 -38.33 31.23 10.63
CA GLU E 121 -39.11 30.03 10.95
C GLU E 121 -38.55 29.33 12.19
N THR E 122 -37.29 28.90 12.13
CA THR E 122 -36.65 28.23 13.25
C THR E 122 -36.44 29.19 14.40
N PHE E 123 -35.56 30.18 14.21
CA PHE E 123 -35.30 31.19 15.22
C PHE E 123 -36.34 32.31 15.12
N ASN E 124 -36.63 32.92 16.26
CA ASN E 124 -37.60 34.01 16.35
C ASN E 124 -36.82 35.31 16.55
N VAL E 125 -36.43 35.92 15.44
CA VAL E 125 -35.68 37.18 15.44
C VAL E 125 -36.65 38.32 15.11
N PRO E 126 -36.69 39.38 15.91
CA PRO E 126 -37.62 40.49 15.60
C PRO E 126 -37.28 41.20 14.30
N ALA E 127 -36.01 41.46 14.04
CA ALA E 127 -35.60 42.16 12.83
C ALA E 127 -34.16 41.75 12.49
N MET E 128 -33.91 41.60 11.18
CA MET E 128 -32.59 41.25 10.69
C MET E 128 -32.26 42.13 9.49
N TYR E 129 -30.99 42.10 9.09
CA TYR E 129 -30.54 42.90 7.96
C TYR E 129 -29.24 42.32 7.41
N VAL E 130 -29.12 42.30 6.09
CA VAL E 130 -27.92 41.84 5.41
C VAL E 130 -27.44 42.94 4.46
N ALA E 131 -26.15 42.92 4.16
CA ALA E 131 -25.56 43.94 3.30
C ALA E 131 -24.32 43.42 2.59
N ILE E 132 -23.26 44.22 2.57
CA ILE E 132 -22.02 43.90 1.87
C ILE E 132 -20.85 44.10 2.84
N GLN E 133 -19.90 43.16 2.79
CA GLN E 133 -18.75 43.23 3.70
C GLN E 133 -17.86 44.43 3.42
N ALA E 134 -17.91 44.99 2.22
CA ALA E 134 -17.03 46.12 1.89
C ALA E 134 -17.46 47.38 2.62
N VAL E 135 -18.77 47.66 2.65
CA VAL E 135 -19.25 48.86 3.32
C VAL E 135 -19.22 48.67 4.84
N LEU E 136 -19.51 47.45 5.32
CA LEU E 136 -19.47 47.20 6.75
C LEU E 136 -18.07 47.34 7.31
N SER E 137 -17.06 46.92 6.55
CA SER E 137 -15.67 47.07 6.95
C SER E 137 -15.10 48.45 6.61
N LEU E 138 -15.91 49.35 6.07
CA LEU E 138 -15.43 50.68 5.72
C LEU E 138 -15.49 51.63 6.91
N TYR E 139 -16.53 51.51 7.73
CA TYR E 139 -16.70 52.38 8.88
C TYR E 139 -15.75 52.06 10.03
N ALA E 140 -14.93 51.01 9.90
CA ALA E 140 -13.98 50.68 10.95
C ALA E 140 -12.84 51.69 11.05
N SER E 141 -12.58 52.45 10.00
CA SER E 141 -11.53 53.46 9.99
C SER E 141 -12.06 54.86 10.26
N GLY E 142 -13.08 55.30 9.52
CA GLY E 142 -13.63 56.62 9.71
C GLY E 142 -13.73 57.42 8.43
N ARG E 143 -13.57 56.76 7.30
CA ARG E 143 -13.63 57.39 5.99
C ARG E 143 -14.67 56.70 5.12
N THR E 144 -15.17 57.43 4.12
CA THR E 144 -16.17 56.92 3.20
C THR E 144 -15.72 57.12 1.74
N THR E 145 -14.42 57.03 1.49
CA THR E 145 -13.87 57.22 0.15
C THR E 145 -12.66 56.33 -0.02
N GLY E 146 -12.66 55.53 -1.08
CA GLY E 146 -11.56 54.64 -1.39
C GLY E 146 -12.10 53.31 -1.90
N ILE E 147 -11.24 52.30 -1.86
CA ILE E 147 -11.58 50.95 -2.29
C ILE E 147 -11.27 49.99 -1.17
N VAL E 148 -12.22 49.12 -0.84
CA VAL E 148 -12.07 48.15 0.23
C VAL E 148 -11.63 46.82 -0.37
N LEU E 149 -10.50 46.31 0.10
CA LEU E 149 -9.95 45.03 -0.35
C LEU E 149 -10.20 44.01 0.77
N ASP E 150 -11.30 43.29 0.67
CA ASP E 150 -11.69 42.30 1.67
C ASP E 150 -11.27 40.91 1.20
N SER E 151 -10.45 40.24 2.00
CA SER E 151 -9.97 38.89 1.71
C SER E 151 -10.17 38.05 2.97
N GLY E 152 -11.36 37.49 3.13
CA GLY E 152 -11.67 36.69 4.30
C GLY E 152 -11.05 35.31 4.26
N ASP E 153 -11.78 34.33 3.71
CA ASP E 153 -11.29 32.96 3.63
C ASP E 153 -11.62 32.24 2.33
N GLY E 154 -12.77 32.50 1.72
CA GLY E 154 -13.14 31.81 0.49
C GLY E 154 -12.86 32.61 -0.76
N VAL E 155 -13.58 33.71 -0.95
CA VAL E 155 -13.48 34.54 -2.14
C VAL E 155 -13.03 35.93 -1.72
N THR E 156 -12.04 36.47 -2.43
CA THR E 156 -11.56 37.82 -2.19
C THR E 156 -12.36 38.80 -3.06
N HIS E 157 -12.95 39.80 -2.43
CA HIS E 157 -13.79 40.77 -3.11
C HIS E 157 -13.13 42.15 -3.08
N ASN E 158 -13.29 42.89 -4.17
CA ASN E 158 -12.73 44.24 -4.31
C ASN E 158 -13.87 45.16 -4.76
N VAL E 159 -14.51 45.81 -3.80
CA VAL E 159 -15.64 46.70 -4.10
C VAL E 159 -15.27 48.13 -3.68
N PRO E 160 -15.12 49.05 -4.61
CA PRO E 160 -14.80 50.43 -4.25
C PRO E 160 -16.04 51.17 -3.75
N ILE E 161 -15.83 52.44 -3.39
CA ILE E 161 -16.91 53.28 -2.89
C ILE E 161 -16.51 54.73 -3.12
N TYR E 162 -17.51 55.59 -3.37
CA TYR E 162 -17.25 57.01 -3.61
C TYR E 162 -18.41 57.79 -2.98
N GLU E 163 -18.24 58.12 -1.70
CA GLU E 163 -19.21 58.93 -0.94
C GLU E 163 -20.59 58.28 -0.96
N GLY E 164 -20.66 57.05 -0.46
CA GLY E 164 -21.92 56.33 -0.37
C GLY E 164 -22.36 55.68 -1.67
N TYR E 165 -22.08 56.34 -2.80
CA TYR E 165 -22.47 55.83 -4.11
C TYR E 165 -21.64 54.58 -4.43
N ALA E 166 -22.29 53.43 -4.44
CA ALA E 166 -21.59 52.19 -4.75
C ALA E 166 -21.43 52.02 -6.26
N LEU E 167 -20.39 51.26 -6.64
CA LEU E 167 -20.06 51.00 -8.03
C LEU E 167 -20.12 49.50 -8.27
N PRO E 168 -21.26 48.96 -8.71
CA PRO E 168 -21.35 47.51 -8.93
C PRO E 168 -20.60 47.02 -10.14
N HIS E 169 -20.26 47.91 -11.08
CA HIS E 169 -19.54 47.49 -12.28
C HIS E 169 -18.09 47.13 -11.99
N ALA E 170 -17.51 47.63 -10.90
CA ALA E 170 -16.13 47.35 -10.55
C ALA E 170 -15.99 46.15 -9.62
N ILE E 171 -17.09 45.45 -9.32
CA ILE E 171 -17.04 44.29 -8.44
C ILE E 171 -16.46 43.12 -9.23
N MET E 172 -15.23 42.75 -8.93
CA MET E 172 -14.53 41.65 -9.59
C MET E 172 -14.10 40.65 -8.52
N ARG E 173 -14.83 39.55 -8.41
CA ARG E 173 -14.50 38.52 -7.44
C ARG E 173 -13.29 37.71 -7.89
N LEU E 174 -12.60 37.12 -6.91
CA LEU E 174 -11.42 36.32 -7.17
C LEU E 174 -11.38 35.18 -6.17
N ASP E 175 -11.27 33.95 -6.68
CA ASP E 175 -11.22 32.75 -5.84
C ASP E 175 -9.79 32.50 -5.35
N LEU E 176 -9.26 33.48 -4.61
CA LEU E 176 -7.92 33.40 -4.03
C LEU E 176 -7.97 34.08 -2.67
N ALA E 177 -8.05 33.28 -1.61
CA ALA E 177 -8.11 33.82 -0.26
C ALA E 177 -7.40 32.91 0.73
N GLY E 178 -8.03 32.66 1.87
CA GLY E 178 -7.39 31.83 2.89
C GLY E 178 -7.45 30.35 2.56
N ARG E 179 -8.60 29.89 2.06
CA ARG E 179 -8.74 28.46 1.74
C ARG E 179 -7.98 28.10 0.48
N ASP E 180 -7.73 29.07 -0.41
CA ASP E 180 -7.02 28.80 -1.64
C ASP E 180 -5.52 28.67 -1.44
N LEU E 181 -5.00 29.15 -0.31
CA LEU E 181 -3.57 29.04 -0.03
C LEU E 181 -3.19 27.75 0.67
N THR E 182 -4.07 27.23 1.54
CA THR E 182 -3.78 25.98 2.22
C THR E 182 -3.89 24.77 1.28
N ASP E 183 -4.60 24.92 0.16
CA ASP E 183 -4.67 23.83 -0.81
C ASP E 183 -3.37 23.70 -1.59
N TYR E 184 -2.76 24.83 -1.96
CA TYR E 184 -1.47 24.79 -2.63
C TYR E 184 -0.36 24.39 -1.67
N LEU E 185 -0.53 24.65 -0.38
CA LEU E 185 0.45 24.23 0.61
C LEU E 185 0.47 22.72 0.81
N MET E 186 -0.64 22.04 0.51
CA MET E 186 -0.68 20.60 0.67
C MET E 186 0.21 19.89 -0.34
N LYS E 187 0.30 20.42 -1.56
CA LYS E 187 1.13 19.81 -2.60
C LYS E 187 2.55 20.34 -2.63
N ILE E 188 2.80 21.50 -2.03
CA ILE E 188 4.15 22.06 -2.00
C ILE E 188 4.95 21.64 -0.78
N LEU E 189 4.30 21.05 0.22
CA LEU E 189 4.99 20.59 1.42
C LEU E 189 5.53 19.17 1.29
N THR E 190 4.91 18.35 0.44
CA THR E 190 5.31 16.97 0.26
C THR E 190 6.57 16.80 -0.58
N GLU E 191 7.20 17.90 -0.99
CA GLU E 191 8.42 17.83 -1.79
C GLU E 191 9.67 17.65 -0.94
N ARG E 192 9.52 17.44 0.37
CA ARG E 192 10.65 17.22 1.27
C ARG E 192 10.53 15.94 2.08
N GLY E 193 9.61 15.05 1.71
CA GLY E 193 9.42 13.82 2.42
C GLY E 193 8.36 13.85 3.50
N TYR E 194 7.48 14.83 3.49
CA TYR E 194 6.42 14.98 4.49
C TYR E 194 5.08 14.79 3.78
N SER E 195 4.58 13.56 3.80
CA SER E 195 3.34 13.21 3.10
C SER E 195 2.15 13.56 3.97
N PHE E 196 1.17 14.24 3.37
CA PHE E 196 -0.07 14.60 4.05
C PHE E 196 -1.22 14.52 3.05
N VAL E 197 -2.33 13.93 3.50
CA VAL E 197 -3.51 13.78 2.65
C VAL E 197 -4.75 13.74 3.53
N THR E 198 -4.56 13.53 4.83
CA THR E 198 -5.69 13.47 5.75
C THR E 198 -6.26 14.86 5.97
N THR E 199 -7.60 14.94 6.05
CA THR E 199 -8.26 16.22 6.24
C THR E 199 -7.94 16.83 7.60
N ALA E 200 -7.66 15.99 8.60
CA ALA E 200 -7.35 16.50 9.93
C ALA E 200 -6.04 17.28 9.96
N GLU E 201 -5.11 16.94 9.06
CA GLU E 201 -3.83 17.64 8.99
C GLU E 201 -3.90 18.93 8.18
N ARG E 202 -5.08 19.29 7.64
CA ARG E 202 -5.20 20.54 6.89
C ARG E 202 -5.10 21.75 7.81
N GLU E 203 -5.63 21.65 9.03
CA GLU E 203 -5.53 22.75 9.98
C GLU E 203 -4.20 22.75 10.74
N ILE E 204 -3.48 21.63 10.74
CA ILE E 204 -2.19 21.58 11.40
C ILE E 204 -1.17 22.41 10.62
N VAL E 205 -1.12 22.22 9.30
CA VAL E 205 -0.23 23.01 8.46
C VAL E 205 -0.72 24.43 8.23
N ARG E 206 -1.99 24.71 8.57
CA ARG E 206 -2.51 26.07 8.41
C ARG E 206 -1.93 27.01 9.46
N ASP E 207 -1.69 26.50 10.67
CA ASP E 207 -1.12 27.34 11.72
C ASP E 207 0.30 27.76 11.39
N ILE E 208 1.04 26.93 10.65
CA ILE E 208 2.39 27.30 10.25
C ILE E 208 2.34 28.45 9.24
N LYS E 209 1.35 28.44 8.36
CA LYS E 209 1.23 29.50 7.36
C LYS E 209 0.84 30.83 7.99
N GLU E 210 0.06 30.79 9.08
CA GLU E 210 -0.40 32.01 9.72
C GLU E 210 0.68 32.68 10.58
N LYS E 211 1.84 32.04 10.77
CA LYS E 211 2.87 32.60 11.62
C LYS E 211 4.21 32.67 10.91
N LEU E 212 4.71 31.52 10.45
CA LEU E 212 6.03 31.49 9.82
C LEU E 212 5.98 32.01 8.40
N CYS E 213 5.00 31.59 7.61
CA CYS E 213 4.91 32.01 6.22
C CYS E 213 4.48 33.47 6.13
N TYR E 214 5.06 34.19 5.18
CA TYR E 214 4.73 35.59 4.95
C TYR E 214 4.98 35.91 3.48
N VAL E 215 4.67 37.15 3.10
CA VAL E 215 4.85 37.62 1.73
C VAL E 215 6.18 38.35 1.63
N ALA E 216 7.04 37.88 0.73
CA ALA E 216 8.36 38.49 0.54
C ALA E 216 8.23 39.76 -0.29
N LEU E 217 9.37 40.43 -0.51
CA LEU E 217 9.39 41.65 -1.30
C LEU E 217 9.50 41.40 -2.79
N ASP E 218 10.13 40.31 -3.20
CA ASP E 218 10.29 39.98 -4.61
C ASP E 218 10.25 38.47 -4.79
N PHE E 219 9.82 38.03 -5.97
CA PHE E 219 9.69 36.61 -6.25
C PHE E 219 11.01 36.01 -6.70
N GLU E 220 11.65 36.61 -7.70
CA GLU E 220 12.89 36.10 -8.26
C GLU E 220 14.13 36.58 -7.52
N ASN E 221 13.98 37.00 -6.26
CA ASN E 221 15.10 37.47 -5.45
C ASN E 221 15.50 36.47 -4.38
N GLU E 222 14.57 36.05 -3.53
CA GLU E 222 14.87 35.10 -2.47
C GLU E 222 14.93 33.66 -2.96
N MET E 223 14.50 33.39 -4.19
CA MET E 223 14.55 32.03 -4.71
C MET E 223 15.93 31.67 -5.25
N ALA E 224 16.64 32.64 -5.83
CA ALA E 224 17.97 32.36 -6.36
C ALA E 224 18.98 32.08 -5.26
N THR E 225 18.73 32.60 -4.06
CA THR E 225 19.61 32.40 -2.92
C THR E 225 19.11 31.30 -1.97
N ALA E 226 18.23 30.43 -2.46
CA ALA E 226 17.69 29.36 -1.64
C ALA E 226 18.69 28.22 -1.40
N ALA E 227 19.80 28.20 -2.13
CA ALA E 227 20.79 27.14 -1.93
C ALA E 227 21.52 27.30 -0.60
N SER E 228 21.88 28.54 -0.25
CA SER E 228 22.56 28.82 1.00
C SER E 228 21.57 29.43 2.00
N SER E 229 20.72 28.56 2.53
CA SER E 229 19.69 28.96 3.48
C SER E 229 20.35 29.28 4.82
N SER E 230 20.46 30.58 5.13
CA SER E 230 21.06 31.03 6.37
C SER E 230 20.05 31.62 7.36
N SER E 231 18.88 32.03 6.88
CA SER E 231 17.87 32.61 7.78
C SER E 231 16.45 32.36 7.33
N LEU E 232 16.22 31.64 6.23
CA LEU E 232 14.88 31.36 5.74
C LEU E 232 14.32 30.03 6.24
N GLU E 233 14.99 29.39 7.19
CA GLU E 233 14.55 28.12 7.75
C GLU E 233 14.34 28.26 9.25
N LYS E 234 13.34 27.54 9.76
CA LYS E 234 13.02 27.57 11.18
C LYS E 234 12.28 26.28 11.54
N SER E 235 12.69 25.67 12.65
CA SER E 235 12.07 24.42 13.10
C SER E 235 10.75 24.72 13.80
N TYR E 236 9.71 23.99 13.41
CA TYR E 236 8.39 24.13 13.99
C TYR E 236 8.08 22.93 14.88
N GLU E 237 7.43 23.19 16.01
CA GLU E 237 7.10 22.16 16.98
C GLU E 237 5.67 21.68 16.75
N LEU E 238 5.53 20.41 16.41
CA LEU E 238 4.23 19.79 16.18
C LEU E 238 3.69 19.21 17.48
N PRO E 239 2.36 19.09 17.60
CA PRO E 239 1.79 18.49 18.82
C PRO E 239 2.16 17.03 19.00
N ASP E 240 2.55 16.33 17.93
CA ASP E 240 2.98 14.95 18.06
C ASP E 240 4.41 14.86 18.58
N GLY E 241 5.32 15.66 18.03
CA GLY E 241 6.70 15.66 18.45
C GLY E 241 7.67 15.64 17.29
N GLN E 242 7.15 15.56 16.07
CA GLN E 242 8.00 15.54 14.89
C GLN E 242 8.60 16.91 14.63
N VAL E 243 9.71 16.92 13.89
CA VAL E 243 10.43 18.14 13.55
C VAL E 243 10.26 18.38 12.06
N ILE E 244 9.64 19.50 11.72
CA ILE E 244 9.41 19.89 10.33
C ILE E 244 10.11 21.21 10.08
N THR E 245 11.04 21.21 9.13
CA THR E 245 11.81 22.40 8.78
C THR E 245 11.64 22.67 7.29
N ILE E 246 11.16 23.85 6.95
CA ILE E 246 10.95 24.25 5.56
C ILE E 246 12.04 25.23 5.16
N GLY E 247 12.28 25.33 3.86
CA GLY E 247 13.29 26.22 3.34
C GLY E 247 12.71 27.35 2.50
N ASN E 248 12.56 27.11 1.20
CA ASN E 248 12.02 28.10 0.28
C ASN E 248 10.49 28.05 0.19
N GLU E 249 9.84 27.21 0.99
CA GLU E 249 8.39 27.10 0.98
C GLU E 249 7.71 28.12 1.89
N ARG E 250 8.45 29.10 2.38
CA ARG E 250 7.89 30.11 3.29
C ARG E 250 7.29 31.30 2.55
N PHE E 251 7.91 31.72 1.45
CA PHE E 251 7.43 32.87 0.69
C PHE E 251 6.73 32.49 -0.60
N ARG E 252 6.95 31.28 -1.12
CA ARG E 252 6.32 30.87 -2.37
C ARG E 252 4.87 30.45 -2.19
N CYS E 253 4.46 30.13 -0.95
CA CYS E 253 3.06 29.73 -0.74
C CYS E 253 2.12 30.93 -0.76
N PRO E 254 2.39 32.04 -0.06
CA PRO E 254 1.50 33.22 -0.19
C PRO E 254 1.59 33.92 -1.53
N GLU E 255 2.54 33.54 -2.39
CA GLU E 255 2.68 34.17 -3.70
C GLU E 255 1.53 33.83 -4.64
N THR E 256 0.72 32.82 -4.32
CA THR E 256 -0.39 32.45 -5.19
C THR E 256 -1.42 33.59 -5.30
N LEU E 257 -1.55 34.40 -4.24
CA LEU E 257 -2.46 35.54 -4.30
C LEU E 257 -2.02 36.55 -5.33
N PHE E 258 -0.71 36.64 -5.59
CA PHE E 258 -0.19 37.56 -6.61
C PHE E 258 0.01 36.87 -7.95
N GLN E 259 0.35 35.58 -7.95
CA GLN E 259 0.57 34.81 -9.18
C GLN E 259 -0.42 33.66 -9.20
N PRO E 260 -1.61 33.85 -9.80
CA PRO E 260 -2.60 32.76 -9.83
C PRO E 260 -2.23 31.60 -10.75
N SER E 261 -1.08 31.65 -11.43
CA SER E 261 -0.66 30.61 -12.35
C SER E 261 -0.15 29.36 -11.65
N PHE E 262 -0.15 29.34 -10.32
CA PHE E 262 0.33 28.18 -9.56
C PHE E 262 -0.67 27.04 -9.54
N ILE E 263 -1.96 27.32 -9.40
CA ILE E 263 -2.99 26.30 -9.36
C ILE E 263 -3.66 26.12 -10.73
N GLY E 264 -2.95 26.44 -11.82
CA GLY E 264 -3.50 26.27 -13.14
C GLY E 264 -4.64 27.20 -13.49
N MET E 265 -4.53 28.48 -13.10
CA MET E 265 -5.55 29.47 -13.40
C MET E 265 -4.88 30.68 -14.05
N GLU E 266 -5.48 31.18 -15.13
CA GLU E 266 -4.97 32.33 -15.86
C GLU E 266 -5.62 33.64 -15.42
N SER E 267 -6.18 33.68 -14.22
CA SER E 267 -6.83 34.90 -13.73
C SER E 267 -5.77 35.89 -13.25
N ALA E 268 -6.22 37.07 -12.82
CA ALA E 268 -5.34 38.11 -12.35
C ALA E 268 -5.17 38.03 -10.83
N GLY E 269 -4.01 38.47 -10.36
CA GLY E 269 -3.71 38.45 -8.95
C GLY E 269 -4.44 39.54 -8.18
N ILE E 270 -4.15 39.60 -6.88
CA ILE E 270 -4.79 40.60 -6.03
C ILE E 270 -4.29 42.00 -6.32
N HIS E 271 -3.13 42.14 -6.97
CA HIS E 271 -2.61 43.45 -7.33
C HIS E 271 -3.07 43.93 -8.70
N GLU E 272 -3.56 43.02 -9.54
CA GLU E 272 -4.05 43.38 -10.86
C GLU E 272 -5.56 43.57 -10.92
N THR E 273 -6.32 42.84 -10.09
CA THR E 273 -7.76 43.01 -10.07
C THR E 273 -8.16 44.35 -9.48
N THR E 274 -7.37 44.87 -8.53
CA THR E 274 -7.65 46.17 -7.94
C THR E 274 -7.31 47.33 -8.87
N TYR E 275 -6.56 47.08 -9.95
CA TYR E 275 -6.22 48.10 -10.91
C TYR E 275 -7.11 48.10 -12.15
N ASN E 276 -7.59 46.93 -12.57
CA ASN E 276 -8.45 46.87 -13.74
C ASN E 276 -9.85 47.40 -13.43
N SER E 277 -10.32 47.22 -12.19
CA SER E 277 -11.65 47.70 -11.83
C SER E 277 -11.70 49.22 -11.80
N ILE E 278 -10.59 49.87 -11.49
CA ILE E 278 -10.57 51.34 -11.47
C ILE E 278 -10.66 51.90 -12.88
N MET E 279 -10.04 51.23 -13.86
CA MET E 279 -10.10 51.72 -15.23
C MET E 279 -11.51 51.62 -15.80
N LYS E 280 -12.35 50.74 -15.26
CA LYS E 280 -13.72 50.59 -15.72
C LYS E 280 -14.67 51.64 -15.13
N CYS E 281 -14.20 52.44 -14.19
CA CYS E 281 -15.02 53.47 -13.56
C CYS E 281 -14.83 54.81 -14.31
N ASP E 282 -15.07 55.92 -13.62
CA ASP E 282 -14.92 57.23 -14.24
C ASP E 282 -13.47 57.68 -14.18
N ILE E 283 -13.21 58.84 -14.78
CA ILE E 283 -11.85 59.39 -14.83
C ILE E 283 -11.58 60.34 -13.66
N ASP E 284 -12.58 61.11 -13.23
CA ASP E 284 -12.36 62.07 -12.15
C ASP E 284 -12.21 61.37 -10.81
N ILE E 285 -12.66 60.12 -10.69
CA ILE E 285 -12.60 59.38 -9.43
C ILE E 285 -11.38 58.48 -9.42
N ARG E 286 -10.43 58.75 -10.32
CA ARG E 286 -9.21 57.95 -10.36
C ARG E 286 -8.17 58.40 -9.35
N LYS E 287 -8.26 59.64 -8.86
CA LYS E 287 -7.33 60.16 -7.88
C LYS E 287 -7.77 59.91 -6.44
N ASP E 288 -8.89 59.23 -6.24
CA ASP E 288 -9.40 58.95 -4.90
C ASP E 288 -9.42 57.46 -4.58
N LEU E 289 -8.76 56.64 -5.41
CA LEU E 289 -8.71 55.20 -5.18
C LEU E 289 -7.30 54.64 -5.03
N TYR E 290 -6.28 55.33 -5.53
CA TYR E 290 -4.92 54.84 -5.39
C TYR E 290 -4.36 55.09 -3.99
N ALA E 291 -4.50 56.32 -3.50
CA ALA E 291 -3.99 56.69 -2.18
C ALA E 291 -5.04 56.52 -1.08
N ASN E 292 -6.10 55.74 -1.34
CA ASN E 292 -7.14 55.51 -0.35
C ASN E 292 -7.57 54.05 -0.31
N ASN E 293 -6.68 53.15 -0.71
CA ASN E 293 -7.01 51.72 -0.70
C ASN E 293 -6.93 51.17 0.72
N VAL E 294 -7.94 50.40 1.10
CA VAL E 294 -8.02 49.80 2.42
C VAL E 294 -8.11 48.28 2.26
N LEU E 295 -7.23 47.57 2.95
CA LEU E 295 -7.18 46.12 2.91
C LEU E 295 -7.75 45.55 4.21
N SER E 296 -8.70 44.63 4.08
CA SER E 296 -9.33 44.00 5.23
C SER E 296 -9.42 42.50 4.99
N GLY E 297 -9.95 41.78 5.98
CA GLY E 297 -10.11 40.35 5.89
C GLY E 297 -9.15 39.62 6.82
N GLY E 298 -9.27 38.29 6.80
CA GLY E 298 -8.44 37.45 7.63
C GLY E 298 -7.20 36.94 6.92
N THR E 299 -7.25 36.91 5.58
CA THR E 299 -6.10 36.43 4.82
C THR E 299 -4.97 37.45 4.79
N THR E 300 -5.31 38.73 4.63
CA THR E 300 -4.32 39.80 4.57
C THR E 300 -3.75 40.03 5.98
N MET E 301 -2.86 39.12 6.39
CA MET E 301 -2.23 39.22 7.69
C MET E 301 -0.75 38.85 7.65
N TYR E 302 -0.16 38.66 6.48
CA TYR E 302 1.23 38.27 6.40
C TYR E 302 2.13 39.49 6.56
N PRO E 303 3.13 39.44 7.45
CA PRO E 303 4.03 40.58 7.61
C PRO E 303 4.86 40.85 6.37
N GLY E 304 4.34 41.67 5.46
CA GLY E 304 5.05 41.99 4.24
C GLY E 304 4.13 42.30 3.07
N ILE E 305 2.83 42.38 3.35
CA ILE E 305 1.86 42.66 2.30
C ILE E 305 1.82 44.15 1.99
N ALA E 306 1.85 45.00 3.03
CA ALA E 306 1.81 46.44 2.81
C ALA E 306 3.07 46.95 2.14
N ASP E 307 4.20 46.26 2.33
CA ASP E 307 5.45 46.67 1.71
C ASP E 307 5.54 46.27 0.24
N ARG E 308 4.67 45.38 -0.22
CA ARG E 308 4.68 44.93 -1.62
C ARG E 308 3.69 45.69 -2.49
N MET E 309 2.59 46.18 -1.92
CA MET E 309 1.59 46.90 -2.69
C MET E 309 2.09 48.25 -3.19
N GLN E 310 3.18 48.77 -2.64
CA GLN E 310 3.73 50.05 -3.05
C GLN E 310 4.72 49.94 -4.19
N LYS E 311 4.96 48.74 -4.72
CA LYS E 311 5.91 48.52 -5.80
C LYS E 311 5.25 48.02 -7.07
N GLU E 312 4.43 46.97 -6.97
CA GLU E 312 3.78 46.43 -8.16
C GLU E 312 2.70 47.36 -8.69
N ILE E 313 2.00 48.07 -7.80
CA ILE E 313 0.98 49.01 -8.24
C ILE E 313 1.62 50.28 -8.79
N THR E 314 2.67 50.77 -8.13
CA THR E 314 3.34 51.98 -8.60
C THR E 314 4.02 51.76 -9.94
N ALA E 315 4.46 50.53 -10.22
CA ALA E 315 5.10 50.24 -11.50
C ALA E 315 4.09 50.26 -12.64
N LEU E 316 2.85 49.86 -12.37
CA LEU E 316 1.83 49.85 -13.42
C LEU E 316 1.14 51.21 -13.53
N ALA E 317 0.68 51.75 -12.40
CA ALA E 317 0.02 53.04 -12.42
C ALA E 317 1.04 54.16 -12.65
N PRO E 318 0.60 55.27 -13.27
CA PRO E 318 1.53 56.39 -13.49
C PRO E 318 2.02 56.95 -12.17
N SER E 319 3.33 57.20 -12.10
CA SER E 319 3.97 57.73 -10.91
C SER E 319 3.93 59.25 -10.81
N THR E 320 2.92 59.88 -11.42
CA THR E 320 2.79 61.34 -11.36
C THR E 320 1.98 61.81 -10.16
N MET E 321 1.51 60.89 -9.32
CA MET E 321 0.73 61.26 -8.14
C MET E 321 1.30 60.49 -6.94
N LYS E 322 0.51 60.43 -5.86
CA LYS E 322 0.92 59.75 -4.65
C LYS E 322 0.02 58.54 -4.40
N ILE E 323 0.63 57.44 -3.97
CA ILE E 323 -0.07 56.20 -3.67
C ILE E 323 0.24 55.83 -2.23
N LYS E 324 -0.73 56.00 -1.35
CA LYS E 324 -0.58 55.70 0.08
C LYS E 324 -1.57 54.62 0.47
N ILE E 325 -1.07 53.56 1.09
CA ILE E 325 -1.89 52.44 1.55
C ILE E 325 -1.97 52.48 3.06
N ILE E 326 -3.19 52.31 3.58
CA ILE E 326 -3.46 52.33 5.02
C ILE E 326 -3.73 50.91 5.48
N ALA E 327 -3.07 50.50 6.57
CA ALA E 327 -3.23 49.16 7.12
C ALA E 327 -3.24 49.26 8.64
N PRO E 328 -4.40 49.50 9.24
CA PRO E 328 -4.47 49.61 10.69
C PRO E 328 -4.34 48.24 11.34
N PRO E 329 -3.84 48.16 12.56
CA PRO E 329 -3.72 46.87 13.24
C PRO E 329 -5.09 46.26 13.52
N GLU E 330 -5.07 44.94 13.73
CA GLU E 330 -6.29 44.16 13.99
C GLU E 330 -7.31 44.34 12.86
N ARG E 331 -6.84 44.21 11.63
CA ARG E 331 -7.69 44.37 10.46
C ARG E 331 -8.55 43.14 10.19
N LYS E 332 -8.34 42.04 10.91
CA LYS E 332 -9.15 40.84 10.69
C LYS E 332 -10.56 41.03 11.22
N TYR E 333 -10.70 41.67 12.38
CA TYR E 333 -11.99 41.90 13.00
C TYR E 333 -12.64 43.21 12.57
N SER E 334 -12.20 43.78 11.45
CA SER E 334 -12.76 45.05 10.99
C SER E 334 -14.21 44.91 10.53
N VAL E 335 -14.63 43.71 10.14
CA VAL E 335 -16.01 43.51 9.71
C VAL E 335 -16.95 43.55 10.90
N TRP E 336 -16.54 42.96 12.03
CA TRP E 336 -17.39 42.96 13.22
C TRP E 336 -17.39 44.31 13.92
N ILE E 337 -16.28 45.02 13.89
CA ILE E 337 -16.22 46.33 14.55
C ILE E 337 -17.06 47.34 13.79
N GLY E 338 -16.93 47.36 12.46
CA GLY E 338 -17.70 48.29 11.66
C GLY E 338 -19.19 47.98 11.64
N GLY E 339 -19.55 46.71 11.85
CA GLY E 339 -20.96 46.34 11.89
C GLY E 339 -21.66 46.73 13.16
N SER E 340 -20.91 46.89 14.26
CA SER E 340 -21.52 47.27 15.53
C SER E 340 -21.72 48.78 15.61
N ILE E 341 -20.77 49.56 15.08
CA ILE E 341 -20.89 51.01 15.12
C ILE E 341 -21.92 51.52 14.11
N LEU E 342 -22.20 50.75 13.05
CA LEU E 342 -23.18 51.18 12.07
C LEU E 342 -24.59 51.12 12.63
N ALA E 343 -24.87 50.12 13.47
CA ALA E 343 -26.20 49.96 14.06
C ALA E 343 -26.42 50.89 15.24
N SER E 344 -25.43 51.68 15.65
CA SER E 344 -25.57 52.58 16.78
C SER E 344 -26.16 53.92 16.37
N LEU E 345 -26.20 54.25 15.09
CA LEU E 345 -26.74 55.51 14.63
C LEU E 345 -28.27 55.45 14.56
N SER E 346 -28.87 56.57 14.19
CA SER E 346 -30.31 56.65 14.07
C SER E 346 -30.81 56.43 12.65
N THR E 347 -29.96 56.67 11.64
CA THR E 347 -30.35 56.48 10.25
C THR E 347 -30.34 55.02 9.84
N PHE E 348 -29.76 54.13 10.65
CA PHE E 348 -29.71 52.71 10.32
C PHE E 348 -30.83 51.91 10.99
N GLN E 349 -31.43 52.44 12.07
CA GLN E 349 -32.50 51.73 12.74
C GLN E 349 -33.75 51.64 11.87
N GLN E 350 -33.95 52.59 10.97
CA GLN E 350 -35.11 52.60 10.08
C GLN E 350 -34.88 51.77 8.82
N MET E 351 -33.87 50.90 8.81
CA MET E 351 -33.58 50.05 7.67
C MET E 351 -33.70 48.56 7.97
N TRP E 352 -34.09 48.20 9.19
CA TRP E 352 -34.22 46.79 9.53
C TRP E 352 -35.50 46.21 8.92
N ILE E 353 -35.42 44.93 8.55
CA ILE E 353 -36.58 44.24 7.97
C ILE E 353 -37.49 43.77 9.10
N SER E 354 -38.72 44.26 9.09
CA SER E 354 -39.68 43.90 10.13
C SER E 354 -40.16 42.46 9.93
N LYS E 355 -40.38 41.77 11.05
CA LYS E 355 -40.86 40.39 10.99
C LYS E 355 -42.24 40.32 10.34
N GLN E 356 -43.11 41.30 10.64
CA GLN E 356 -44.43 41.32 10.03
C GLN E 356 -44.39 41.75 8.57
N GLU E 357 -43.33 42.45 8.16
CA GLU E 357 -43.22 42.89 6.77
C GLU E 357 -42.80 41.75 5.85
N TYR E 358 -41.96 40.84 6.34
CA TYR E 358 -41.51 39.72 5.50
C TYR E 358 -42.64 38.75 5.22
N ASP E 359 -43.59 38.60 6.14
CA ASP E 359 -44.71 37.69 5.92
C ASP E 359 -45.72 38.25 4.93
N GLU E 360 -45.87 39.58 4.88
CA GLU E 360 -46.82 40.18 3.94
C GLU E 360 -46.20 40.32 2.55
N ALA E 361 -44.93 40.72 2.47
CA ALA E 361 -44.27 40.88 1.19
C ALA E 361 -43.78 39.54 0.66
N GLY E 362 -42.59 39.12 1.09
CA GLY E 362 -42.03 37.86 0.66
C GLY E 362 -40.52 37.86 0.70
N PRO E 363 -39.91 36.86 0.07
CA PRO E 363 -38.44 36.79 0.04
C PRO E 363 -37.82 37.67 -1.03
N SER E 364 -38.62 38.56 -1.62
CA SER E 364 -38.15 39.45 -2.68
C SER E 364 -37.72 40.81 -2.17
N ILE E 365 -38.13 41.21 -0.96
CA ILE E 365 -37.76 42.51 -0.42
C ILE E 365 -36.42 42.51 0.29
N VAL E 366 -35.73 41.36 0.33
CA VAL E 366 -34.43 41.30 0.99
C VAL E 366 -33.36 41.97 0.13
N HIS E 367 -33.44 41.80 -1.18
CA HIS E 367 -32.46 42.39 -2.09
C HIS E 367 -32.60 43.91 -2.12
N UNK F 1 53.69 -99.84 38.95
CA UNK F 1 53.86 -98.51 38.38
C UNK F 1 53.99 -98.57 36.86
N UNK F 2 54.57 -99.65 36.38
CA UNK F 2 54.75 -99.85 34.95
C UNK F 2 53.41 -99.93 34.23
N UNK F 3 52.46 -100.61 34.86
CA UNK F 3 51.12 -100.75 34.30
C UNK F 3 50.45 -99.40 34.16
N UNK F 4 50.64 -98.54 35.15
CA UNK F 4 50.09 -97.19 35.12
C UNK F 4 50.76 -96.35 34.04
N UNK F 5 52.07 -96.49 33.92
CA UNK F 5 52.83 -95.76 32.91
C UNK F 5 52.39 -96.17 31.51
N UNK F 6 52.21 -97.48 31.31
CA UNK F 6 51.75 -98.00 30.03
C UNK F 6 50.32 -97.55 29.74
N UNK F 7 49.51 -97.49 30.79
CA UNK F 7 48.12 -97.06 30.66
C UNK F 7 48.05 -95.61 30.23
N UNK F 8 48.88 -94.77 30.85
CA UNK F 8 48.93 -93.35 30.50
C UNK F 8 49.50 -93.15 29.10
N UNK F 9 50.41 -94.02 28.70
CA UNK F 9 50.98 -93.97 27.37
C UNK F 9 49.93 -94.25 26.30
N UNK F 10 49.01 -95.16 26.61
CA UNK F 10 47.96 -95.54 25.68
C UNK F 10 46.98 -94.39 25.47
N UNK F 11 46.50 -93.81 26.56
CA UNK F 11 45.52 -92.73 26.48
C UNK F 11 46.15 -91.44 25.94
N UNK F 12 47.45 -91.28 26.16
CA UNK F 12 48.16 -90.10 25.69
C UNK F 12 48.42 -90.19 24.19
N UNK F 13 48.91 -91.35 23.76
CA UNK F 13 49.20 -91.57 22.35
C UNK F 13 47.92 -91.48 21.51
N UNK F 14 46.82 -91.95 22.07
CA UNK F 14 45.53 -91.89 21.39
C UNK F 14 45.01 -90.47 21.33
N UNK F 15 45.06 -89.77 22.46
CA UNK F 15 44.59 -88.39 22.53
C UNK F 15 45.47 -87.49 21.66
N UNK F 16 46.75 -87.86 21.53
CA UNK F 16 47.68 -87.11 20.69
C UNK F 16 47.23 -87.17 19.24
N UNK F 17 46.80 -88.35 18.80
CA UNK F 17 46.33 -88.53 17.43
C UNK F 17 45.02 -87.76 17.21
N UNK F 18 44.16 -87.79 18.22
CA UNK F 18 42.88 -87.08 18.14
C UNK F 18 43.11 -85.57 18.10
N UNK F 19 44.03 -85.08 18.92
CA UNK F 19 44.36 -83.66 18.95
C UNK F 19 44.92 -83.20 17.61
N UNK F 20 45.81 -84.01 17.05
CA UNK F 20 46.39 -83.71 15.74
C UNK F 20 45.33 -83.79 14.65
N UNK F 21 44.44 -84.78 14.79
CA UNK F 21 43.36 -84.97 13.84
C UNK F 21 42.42 -83.76 13.85
N UNK F 22 42.08 -83.29 15.04
CA UNK F 22 41.19 -82.15 15.20
C UNK F 22 41.85 -80.89 14.65
N UNK F 23 43.16 -80.77 14.85
CA UNK F 23 43.91 -79.62 14.36
C UNK F 23 43.84 -79.51 12.85
N UNK F 24 43.88 -80.66 12.17
CA UNK F 24 43.82 -80.70 10.72
C UNK F 24 42.42 -80.39 10.23
N UNK F 25 41.42 -80.98 10.88
CA UNK F 25 40.03 -80.77 10.49
C UNK F 25 39.62 -79.32 10.74
N UNK F 26 40.06 -78.76 11.86
CA UNK F 26 39.76 -77.38 12.20
C UNK F 26 40.40 -76.43 11.19
N UNK F 27 41.63 -76.74 10.79
CA UNK F 27 42.33 -75.97 9.78
C UNK F 27 41.66 -76.16 8.42
N UNK F 28 41.18 -77.39 8.18
CA UNK F 28 40.48 -77.70 6.94
C UNK F 28 39.20 -76.89 6.84
N UNK F 29 38.46 -76.82 7.95
CA UNK F 29 37.23 -76.06 8.00
C UNK F 29 37.51 -74.57 7.92
N UNK F 30 38.65 -74.14 8.44
CA UNK F 30 39.05 -72.73 8.38
C UNK F 30 39.30 -72.30 6.94
N UNK F 31 39.93 -73.18 6.17
CA UNK F 31 40.32 -72.87 4.80
C UNK F 31 39.11 -72.68 3.90
N UNK F 32 38.17 -73.63 3.96
CA UNK F 32 36.99 -73.59 3.11
C UNK F 32 36.12 -72.37 3.41
N UNK F 33 36.09 -71.95 4.67
CA UNK F 33 35.32 -70.78 5.08
C UNK F 33 36.06 -69.50 4.72
N UNK F 34 37.36 -69.50 4.90
CA UNK F 34 38.19 -68.35 4.56
C UNK F 34 38.04 -67.99 3.09
N UNK F 35 38.09 -69.01 2.23
CA UNK F 35 37.94 -68.82 0.80
C UNK F 35 36.60 -68.17 0.47
N UNK F 36 35.53 -68.71 1.04
CA UNK F 36 34.19 -68.19 0.82
C UNK F 36 34.06 -66.76 1.36
N UNK F 37 34.73 -66.49 2.48
CA UNK F 37 34.70 -65.17 3.09
C UNK F 37 35.32 -64.14 2.16
N UNK F 38 36.41 -64.53 1.50
CA UNK F 38 37.11 -63.64 0.58
C UNK F 38 36.26 -63.39 -0.67
N UNK F 39 35.59 -64.44 -1.14
CA UNK F 39 34.74 -64.34 -2.32
C UNK F 39 33.56 -63.41 -2.03
N UNK F 40 32.97 -63.55 -0.84
CA UNK F 40 31.87 -62.70 -0.44
C UNK F 40 32.34 -61.26 -0.30
N UNK F 41 33.44 -61.05 0.40
CA UNK F 41 34.01 -59.73 0.59
C UNK F 41 34.19 -59.01 -0.75
N UNK F 42 34.77 -59.72 -1.72
CA UNK F 42 34.98 -59.16 -3.05
C UNK F 42 33.66 -58.83 -3.74
N UNK F 43 32.73 -59.79 -3.70
CA UNK F 43 31.43 -59.61 -4.33
C UNK F 43 30.68 -58.42 -3.72
N UNK F 44 30.77 -58.29 -2.41
CA UNK F 44 30.09 -57.20 -1.70
C UNK F 44 30.60 -55.84 -2.17
N UNK F 45 31.91 -55.73 -2.36
CA UNK F 45 32.52 -54.47 -2.78
C UNK F 45 32.06 -54.07 -4.18
N UNK F 46 31.99 -55.05 -5.08
CA UNK F 46 31.56 -54.81 -6.45
C UNK F 46 30.14 -54.26 -6.48
N UNK F 47 29.30 -54.76 -5.56
CA UNK F 47 27.92 -54.32 -5.48
C UNK F 47 27.83 -52.88 -4.96
N UNK F 48 28.70 -52.55 -4.01
CA UNK F 48 28.73 -51.21 -3.44
C UNK F 48 29.06 -50.18 -4.52
N UNK F 49 29.94 -50.55 -5.44
CA UNK F 49 30.31 -49.68 -6.54
C UNK F 49 29.10 -49.48 -7.45
N UNK F 50 28.37 -50.56 -7.70
CA UNK F 50 27.17 -50.51 -8.53
C UNK F 50 26.05 -49.79 -7.77
N UNK F 51 26.05 -49.92 -6.45
CA UNK F 51 25.05 -49.29 -5.61
C UNK F 51 25.14 -47.77 -5.73
N UNK F 52 26.37 -47.25 -5.66
CA UNK F 52 26.60 -45.82 -5.79
C UNK F 52 26.14 -45.32 -7.15
N UNK F 53 26.59 -46.00 -8.22
CA UNK F 53 26.21 -45.63 -9.58
C UNK F 53 24.70 -45.62 -9.73
N UNK F 54 24.04 -46.66 -9.24
CA UNK F 54 22.60 -46.78 -9.34
C UNK F 54 21.90 -45.58 -8.69
N UNK F 55 22.47 -45.12 -7.58
CA UNK F 55 21.91 -43.97 -6.88
C UNK F 55 22.16 -42.68 -7.65
N UNK F 56 23.39 -42.48 -8.10
CA UNK F 56 23.76 -41.29 -8.85
C UNK F 56 22.91 -41.15 -10.11
N UNK F 57 22.67 -42.28 -10.77
CA UNK F 57 21.83 -42.31 -11.96
C UNK F 57 20.39 -41.96 -11.61
N UNK F 58 19.93 -42.47 -10.47
CA UNK F 58 18.58 -42.20 -10.00
C UNK F 58 18.42 -40.71 -9.67
N UNK F 59 19.44 -40.15 -9.01
CA UNK F 59 19.42 -38.74 -8.65
C UNK F 59 19.52 -37.87 -9.89
N UNK F 60 20.41 -38.25 -10.80
CA UNK F 60 20.58 -37.52 -12.05
C UNK F 60 19.28 -37.44 -12.83
N UNK F 61 18.52 -38.54 -12.82
CA UNK F 61 17.23 -38.59 -13.48
C UNK F 61 16.25 -37.64 -12.82
N UNK F 62 16.33 -37.54 -11.49
CA UNK F 62 15.45 -36.65 -10.74
C UNK F 62 15.78 -35.19 -11.04
N UNK F 63 17.07 -34.87 -11.07
CA UNK F 63 17.51 -33.52 -11.38
C UNK F 63 17.15 -33.18 -12.83
N UNK F 64 17.26 -34.17 -13.71
CA UNK F 64 16.92 -33.99 -15.12
C UNK F 64 15.42 -33.82 -15.27
N UNK F 65 14.66 -34.42 -14.35
CA UNK F 65 13.21 -34.32 -14.36
C UNK F 65 12.77 -32.92 -13.94
N UNK F 66 13.37 -32.41 -12.87
CA UNK F 66 13.03 -31.09 -12.35
C UNK F 66 13.17 -30.02 -13.43
N UNK F 67 14.20 -30.16 -14.27
CA UNK F 67 14.43 -29.22 -15.36
C UNK F 67 13.24 -29.21 -16.32
N UNK F 68 12.86 -30.39 -16.81
CA UNK F 68 11.76 -30.51 -17.74
C UNK F 68 10.43 -30.19 -17.05
N UNK F 69 10.27 -30.67 -15.83
CA UNK F 69 9.05 -30.42 -15.06
C UNK F 69 8.82 -28.92 -14.87
N UNK F 70 9.91 -28.17 -14.67
CA UNK F 70 9.81 -26.74 -14.50
C UNK F 70 9.54 -26.05 -15.83
N UNK F 71 10.24 -26.50 -16.87
CA UNK F 71 10.04 -25.96 -18.21
C UNK F 71 8.58 -26.10 -18.63
N UNK F 72 7.97 -27.21 -18.20
CA UNK F 72 6.56 -27.46 -18.47
C UNK F 72 5.70 -26.36 -17.86
N UNK F 73 6.03 -25.98 -16.62
CA UNK F 73 5.30 -24.94 -15.93
C UNK F 73 5.40 -23.61 -16.65
N UNK F 74 6.60 -23.30 -17.15
CA UNK F 74 6.84 -22.05 -17.88
C UNK F 74 5.94 -21.98 -19.11
N UNK F 75 5.92 -23.04 -19.90
CA UNK F 75 5.12 -23.09 -21.10
C UNK F 75 3.63 -23.18 -20.77
N UNK F 76 3.31 -23.99 -19.76
CA UNK F 76 1.93 -24.15 -19.32
C UNK F 76 1.37 -22.81 -18.83
N UNK F 77 2.21 -22.03 -18.18
CA UNK F 77 1.82 -20.72 -17.69
C UNK F 77 1.59 -19.77 -18.86
N UNK F 78 2.43 -19.87 -19.88
CA UNK F 78 2.27 -19.06 -21.08
C UNK F 78 0.95 -19.38 -21.78
N UNK F 79 0.56 -20.65 -21.73
CA UNK F 79 -0.69 -21.08 -22.32
C UNK F 79 -1.87 -20.38 -21.64
N UNK F 80 -1.76 -20.20 -20.33
CA UNK F 80 -2.79 -19.52 -19.57
C UNK F 80 -2.85 -18.04 -19.94
N UNK F 81 -1.69 -17.44 -20.17
CA UNK F 81 -1.60 -16.04 -20.55
C UNK F 81 -2.13 -15.86 -21.98
N UNK F 82 -1.78 -16.79 -22.85
CA UNK F 82 -2.22 -16.73 -24.24
C UNK F 82 -3.72 -16.94 -24.34
N UNK F 83 -4.24 -17.93 -23.63
CA UNK F 83 -5.66 -18.24 -23.63
C UNK F 83 -6.46 -17.09 -23.04
N UNK F 84 -5.91 -16.44 -22.02
CA UNK F 84 -6.59 -15.34 -21.34
C UNK F 84 -6.72 -14.12 -22.25
N UNK F 85 -5.61 -13.75 -22.89
CA UNK F 85 -5.60 -12.57 -23.75
C UNK F 85 -6.33 -12.83 -25.06
N UNK F 86 -6.52 -14.10 -25.39
CA UNK F 86 -7.22 -14.48 -26.61
C UNK F 86 -8.72 -14.35 -26.44
N UNK F 87 -9.25 -14.97 -25.38
CA UNK F 87 -10.68 -14.92 -25.10
C UNK F 87 -11.12 -13.50 -24.76
N UNK F 88 -10.22 -12.73 -24.15
CA UNK F 88 -10.52 -11.35 -23.78
C UNK F 88 -10.57 -10.46 -25.01
N UNK F 89 -9.61 -10.66 -25.92
CA UNK F 89 -9.55 -9.88 -27.14
C UNK F 89 -10.72 -10.20 -28.06
N UNK F 90 -10.96 -11.49 -28.29
CA UNK F 90 -12.04 -11.94 -29.14
C UNK F 90 -13.39 -11.50 -28.59
N UNK F 91 -13.52 -11.53 -27.27
CA UNK F 91 -14.75 -11.14 -26.62
C UNK F 91 -15.07 -9.67 -26.86
N UNK F 92 -14.08 -8.82 -26.72
CA UNK F 92 -14.25 -7.38 -26.94
C UNK F 92 -14.33 -7.06 -28.42
N UNK F 93 -13.57 -7.79 -29.22
CA UNK F 93 -13.56 -7.59 -30.67
C UNK F 93 -14.93 -7.88 -31.26
N UNK F 94 -15.56 -8.95 -30.77
CA UNK F 94 -16.89 -9.32 -31.22
C UNK F 94 -17.90 -8.25 -30.79
N UNK F 95 -17.74 -7.75 -29.57
CA UNK F 95 -18.60 -6.69 -29.06
C UNK F 95 -18.40 -5.41 -29.86
N UNK F 96 -17.16 -5.13 -30.21
CA UNK F 96 -16.83 -3.95 -31.00
C UNK F 96 -17.40 -4.08 -32.41
N UNK F 97 -17.20 -5.23 -33.03
CA UNK F 97 -17.70 -5.48 -34.38
C UNK F 97 -19.21 -5.28 -34.44
N UNK F 98 -19.91 -5.76 -33.42
CA UNK F 98 -21.37 -5.62 -33.36
C UNK F 98 -21.75 -4.15 -33.15
N UNK F 99 -20.94 -3.43 -32.38
CA UNK F 99 -21.19 -2.03 -32.11
C UNK F 99 -21.01 -1.18 -33.37
N UNK F 100 -19.98 -1.49 -34.13
CA UNK F 100 -19.72 -0.78 -35.38
C UNK F 100 -20.93 -0.84 -36.32
N UNK F 101 -21.56 -2.01 -36.37
CA UNK F 101 -22.74 -2.19 -37.22
C UNK F 101 -23.87 -1.26 -36.78
N UNK F 102 -23.99 -1.08 -35.46
CA UNK F 102 -25.03 -0.21 -34.91
C UNK F 102 -24.70 1.25 -35.19
N UNK F 103 -23.43 1.61 -35.02
CA UNK F 103 -22.98 2.98 -35.28
C UNK F 103 -23.07 3.31 -36.76
N UNK F 104 -22.69 2.35 -37.60
CA UNK F 104 -22.76 2.53 -39.04
C UNK F 104 -24.20 2.77 -39.48
N UNK F 105 -25.12 2.01 -38.90
CA UNK F 105 -26.54 2.19 -39.19
C UNK F 105 -27.03 3.56 -38.76
N UNK F 106 -26.55 4.03 -37.62
CA UNK F 106 -26.89 5.36 -37.13
C UNK F 106 -26.32 6.45 -38.04
N UNK F 107 -25.13 6.19 -38.57
CA UNK F 107 -24.49 7.13 -39.49
C UNK F 107 -25.34 7.27 -40.75
N UNK F 108 -25.74 6.13 -41.31
CA UNK F 108 -26.56 6.10 -42.51
C UNK F 108 -27.91 6.77 -42.26
N UNK F 109 -28.44 6.58 -41.07
CA UNK F 109 -29.74 7.14 -40.70
C UNK F 109 -29.65 8.66 -40.55
N UNK F 110 -28.66 9.11 -39.78
CA UNK F 110 -28.46 10.53 -39.55
C UNK F 110 -28.15 11.25 -40.87
N UNK F 111 -27.29 10.63 -41.68
CA UNK F 111 -26.92 11.19 -42.97
C UNK F 111 -28.16 11.38 -43.85
N UNK F 112 -29.10 10.45 -43.76
CA UNK F 112 -30.33 10.52 -44.53
C UNK F 112 -31.18 11.69 -44.07
N UNK F 113 -31.27 11.88 -42.75
CA UNK F 113 -32.05 12.98 -42.19
C UNK F 113 -31.41 14.31 -42.55
N UNK F 114 -30.09 14.39 -42.48
CA UNK F 114 -29.36 15.60 -42.83
C UNK F 114 -29.62 15.99 -44.28
N UNK F 115 -29.74 14.98 -45.14
CA UNK F 115 -30.02 15.20 -46.56
C UNK F 115 -31.41 15.80 -46.73
N UNK F 116 -32.36 15.33 -45.94
CA UNK F 116 -33.73 15.82 -45.99
C UNK F 116 -33.83 17.23 -45.44
N UNK F 117 -33.00 17.53 -44.45
CA UNK F 117 -32.98 18.86 -43.84
C UNK F 117 -32.29 19.85 -44.77
N UNK F 118 -31.28 19.38 -45.50
CA UNK F 118 -30.53 20.24 -46.41
C UNK F 118 -31.39 20.64 -47.60
N UNK F 119 -32.08 19.66 -48.19
CA UNK F 119 -32.92 19.91 -49.35
C UNK F 119 -34.15 20.74 -48.98
N UNK F 120 -34.52 20.71 -47.70
CA UNK F 120 -35.69 21.43 -47.23
C UNK F 120 -35.37 22.91 -47.03
N UNK F 121 -34.27 23.19 -46.33
CA UNK F 121 -33.87 24.57 -46.07
C UNK F 121 -33.50 25.28 -47.38
N UNK F 122 -33.09 24.50 -48.37
CA UNK F 122 -32.79 25.03 -49.69
C UNK F 122 -34.07 25.42 -50.40
N UNK F 123 -35.13 24.65 -50.17
CA UNK F 123 -36.44 24.92 -50.77
C UNK F 123 -37.03 26.20 -50.18
N UNK F 124 -36.69 26.47 -48.92
CA UNK F 124 -37.13 27.69 -48.25
C UNK F 124 -36.35 28.90 -48.77
N UNK F 125 -35.10 28.67 -49.17
CA UNK F 125 -34.25 29.74 -49.69
C UNK F 125 -34.84 30.31 -50.99
N UNK F 126 -35.36 29.43 -51.83
CA UNK F 126 -35.96 29.85 -53.09
C UNK F 126 -37.40 30.31 -52.87
N UNK F 127 -37.99 29.87 -51.75
CA UNK F 127 -39.35 30.25 -51.41
C UNK F 127 -39.38 31.64 -50.78
N UNK F 128 -38.43 31.90 -49.88
CA UNK F 128 -38.33 33.20 -49.23
C UNK F 128 -37.89 34.27 -50.22
N UNK F 129 -37.26 33.84 -51.31
CA UNK F 129 -36.77 34.76 -52.32
C UNK F 129 -37.90 35.23 -53.23
N UNK F 130 -38.69 34.28 -53.72
CA UNK F 130 -39.80 34.59 -54.61
C UNK F 130 -40.88 35.40 -53.89
N UNK F 131 -41.03 35.15 -52.59
CA UNK F 131 -42.00 35.88 -51.78
C UNK F 131 -41.53 37.32 -51.56
N UNK F 132 -40.22 37.50 -51.44
CA UNK F 132 -39.65 38.83 -51.26
C UNK F 132 -39.87 39.67 -52.51
N UNK F 133 -39.88 39.03 -53.67
CA UNK F 133 -40.09 39.72 -54.93
C UNK F 133 -41.55 40.16 -55.07
N UNK F 134 -42.46 39.25 -54.73
CA UNK F 134 -43.89 39.55 -54.80
C UNK F 134 -44.26 40.65 -53.81
N UNK F 135 -43.59 40.66 -52.77
CA UNK F 135 -43.83 41.68 -51.75
C UNK F 135 -43.38 43.05 -52.24
N UNK G 1 62.26 -101.46 32.35
CA UNK G 1 61.21 -101.11 31.39
C UNK G 1 60.45 -99.88 31.86
N UNK G 2 60.30 -99.73 33.16
CA UNK G 2 59.60 -98.59 33.73
C UNK G 2 60.31 -97.28 33.39
N UNK G 3 61.63 -97.29 33.47
CA UNK G 3 62.43 -96.11 33.16
C UNK G 3 62.26 -95.72 31.70
N UNK G 4 62.19 -96.72 30.83
CA UNK G 4 62.02 -96.48 29.40
C UNK G 4 60.62 -95.96 29.10
N UNK G 5 59.63 -96.49 29.80
CA UNK G 5 58.25 -96.07 29.64
C UNK G 5 58.06 -94.64 30.13
N UNK G 6 58.70 -94.32 31.26
CA UNK G 6 58.62 -92.98 31.82
C UNK G 6 59.23 -91.95 30.86
N UNK G 7 60.32 -92.34 30.20
CA UNK G 7 60.98 -91.47 29.24
C UNK G 7 60.07 -91.22 28.04
N UNK G 8 59.40 -92.27 27.58
CA UNK G 8 58.48 -92.15 26.45
C UNK G 8 57.23 -91.37 26.84
N UNK G 9 56.84 -91.46 28.10
CA UNK G 9 55.66 -90.76 28.59
C UNK G 9 55.93 -89.26 28.71
N UNK G 10 57.16 -88.91 29.08
CA UNK G 10 57.54 -87.52 29.23
C UNK G 10 57.44 -86.78 27.90
N UNK G 11 58.01 -87.38 26.85
CA UNK G 11 57.98 -86.77 25.52
C UNK G 11 56.59 -86.86 24.89
N UNK G 12 55.82 -87.86 25.31
CA UNK G 12 54.48 -88.04 24.79
C UNK G 12 53.56 -86.91 25.24
N UNK G 13 53.64 -86.57 26.52
CA UNK G 13 52.83 -85.49 27.08
C UNK G 13 53.24 -84.15 26.48
N UNK G 14 54.52 -84.01 26.15
CA UNK G 14 55.02 -82.78 25.56
C UNK G 14 54.43 -82.58 24.17
N UNK G 15 54.37 -83.66 23.40
CA UNK G 15 53.78 -83.62 22.06
C UNK G 15 52.27 -83.42 22.15
N UNK G 16 51.66 -84.00 23.19
CA UNK G 16 50.23 -83.87 23.41
C UNK G 16 49.87 -82.41 23.69
N UNK G 17 50.66 -81.76 24.53
CA UNK G 17 50.43 -80.36 24.88
C UNK G 17 50.56 -79.47 23.64
N UNK G 18 51.52 -79.80 22.79
CA UNK G 18 51.75 -79.04 21.56
C UNK G 18 50.61 -79.25 20.57
N UNK G 19 50.11 -80.48 20.49
CA UNK G 19 49.03 -80.80 19.57
C UNK G 19 47.74 -80.10 19.97
N UNK G 20 47.43 -80.14 21.27
CA UNK G 20 46.22 -79.50 21.78
C UNK G 20 46.29 -78.00 21.60
N UNK G 21 47.48 -77.43 21.78
CA UNK G 21 47.69 -76.00 21.63
C UNK G 21 47.45 -75.58 20.18
N UNK G 22 47.95 -76.38 19.24
CA UNK G 22 47.77 -76.10 17.82
C UNK G 22 46.30 -76.20 17.44
N UNK G 23 45.59 -77.15 18.04
CA UNK G 23 44.18 -77.34 17.76
C UNK G 23 43.36 -76.22 18.38
N UNK G 24 43.78 -75.74 19.54
CA UNK G 24 43.07 -74.68 20.24
C UNK G 24 43.13 -73.37 19.45
N UNK G 25 44.28 -73.10 18.84
CA UNK G 25 44.46 -71.90 18.03
C UNK G 25 43.78 -72.04 16.67
N UNK G 26 43.70 -73.28 16.18
CA UNK G 26 43.08 -73.54 14.89
C UNK G 26 41.57 -73.43 14.98
N UNK G 27 40.99 -74.01 16.02
CA UNK G 27 39.54 -73.99 16.21
C UNK G 27 39.06 -72.55 16.47
N UNK G 28 39.92 -71.76 17.10
CA UNK G 28 39.60 -70.36 17.39
C UNK G 28 39.64 -69.53 16.10
N UNK G 29 40.66 -69.79 15.27
CA UNK G 29 40.78 -69.10 14.00
C UNK G 29 39.60 -69.38 13.10
N UNK G 30 39.16 -70.63 13.06
CA UNK G 30 38.01 -71.02 12.26
C UNK G 30 36.75 -70.38 12.82
N UNK G 31 36.70 -70.21 14.14
CA UNK G 31 35.55 -69.64 14.81
C UNK G 31 35.37 -68.16 14.46
N UNK G 32 36.44 -67.37 14.69
CA UNK G 32 36.38 -65.94 14.44
C UNK G 32 36.10 -65.63 12.97
N UNK G 33 36.64 -66.45 12.07
CA UNK G 33 36.41 -66.27 10.64
C UNK G 33 34.97 -66.62 10.27
N UNK G 34 34.45 -67.68 10.88
CA UNK G 34 33.07 -68.09 10.65
C UNK G 34 32.11 -66.97 11.04
N UNK G 35 32.40 -66.32 12.16
CA UNK G 35 31.58 -65.21 12.63
C UNK G 35 31.63 -64.04 11.66
N UNK G 36 32.84 -63.75 11.16
CA UNK G 36 33.03 -62.67 10.20
C UNK G 36 32.31 -63.00 8.89
N UNK G 37 32.33 -64.27 8.51
CA UNK G 37 31.67 -64.71 7.28
C UNK G 37 30.16 -64.47 7.37
N UNK G 38 29.60 -64.75 8.54
CA UNK G 38 28.18 -64.56 8.76
C UNK G 38 27.83 -63.07 8.74
N UNK G 39 28.68 -62.25 9.34
CA UNK G 39 28.48 -60.81 9.38
C UNK G 39 28.52 -60.24 7.96
N UNK G 40 29.41 -60.79 7.14
CA UNK G 40 29.53 -60.36 5.75
C UNK G 40 28.33 -60.86 4.94
N UNK G 41 27.85 -62.06 5.27
CA UNK G 41 26.70 -62.62 4.58
C UNK G 41 25.46 -61.77 4.80
N UNK G 42 25.23 -61.37 6.05
CA UNK G 42 24.08 -60.54 6.39
C UNK G 42 24.21 -59.16 5.74
N UNK G 43 25.45 -58.65 5.70
CA UNK G 43 25.71 -57.36 5.09
C UNK G 43 25.55 -57.43 3.57
N UNK G 44 25.76 -58.63 3.02
CA UNK G 44 25.61 -58.85 1.58
C UNK G 44 24.13 -58.91 1.20
N UNK G 45 23.33 -59.56 2.03
CA UNK G 45 21.91 -59.72 1.76
C UNK G 45 21.16 -58.39 1.89
N UNK G 46 21.47 -57.65 2.95
CA UNK G 46 20.80 -56.36 3.19
C UNK G 46 21.12 -55.36 2.08
N UNK G 47 22.33 -55.45 1.52
CA UNK G 47 22.73 -54.57 0.43
C UNK G 47 22.16 -55.06 -0.90
N UNK G 48 21.96 -56.38 -1.00
CA UNK G 48 21.37 -56.96 -2.20
C UNK G 48 19.99 -56.37 -2.46
N UNK G 49 19.28 -56.06 -1.37
CA UNK G 49 17.96 -55.45 -1.47
C UNK G 49 18.08 -53.98 -1.84
N UNK G 50 19.09 -53.31 -1.28
CA UNK G 50 19.33 -51.90 -1.56
C UNK G 50 19.72 -51.72 -3.03
N UNK G 51 20.56 -52.62 -3.53
CA UNK G 51 21.02 -52.57 -4.91
C UNK G 51 19.83 -52.64 -5.87
N UNK G 52 18.94 -53.60 -5.62
CA UNK G 52 17.74 -53.75 -6.43
C UNK G 52 16.88 -52.49 -6.34
N UNK G 53 16.66 -52.04 -5.12
CA UNK G 53 15.86 -50.83 -4.89
C UNK G 53 16.48 -49.63 -5.60
N UNK G 54 17.81 -49.57 -5.60
CA UNK G 54 18.52 -48.48 -6.24
C UNK G 54 18.39 -48.55 -7.76
N UNK G 55 18.21 -49.76 -8.28
CA UNK G 55 18.05 -49.96 -9.71
C UNK G 55 16.61 -49.66 -10.15
N UNK G 56 15.65 -50.14 -9.37
CA UNK G 56 14.24 -49.93 -9.69
C UNK G 56 13.88 -48.45 -9.63
N UNK G 57 14.29 -47.78 -8.55
CA UNK G 57 14.02 -46.36 -8.39
C UNK G 57 14.60 -45.56 -9.55
N UNK G 58 15.70 -46.05 -10.11
CA UNK G 58 16.34 -45.40 -11.25
C UNK G 58 15.52 -45.59 -12.51
N UNK G 59 15.02 -46.80 -12.71
CA UNK G 59 14.19 -47.12 -13.86
C UNK G 59 12.86 -46.39 -13.77
N UNK G 60 12.33 -46.28 -12.56
CA UNK G 60 11.07 -45.59 -12.33
C UNK G 60 11.24 -44.10 -12.62
N UNK G 61 12.39 -43.55 -12.25
CA UNK G 61 12.68 -42.15 -12.50
C UNK G 61 12.77 -41.88 -14.00
N UNK G 62 13.31 -42.85 -14.73
CA UNK G 62 13.41 -42.73 -16.19
C UNK G 62 12.03 -42.77 -16.83
N UNK G 63 11.19 -43.68 -16.36
CA UNK G 63 9.82 -43.77 -16.85
C UNK G 63 9.05 -42.51 -16.50
N UNK G 64 9.32 -41.97 -15.32
CA UNK G 64 8.69 -40.74 -14.86
C UNK G 64 9.14 -39.56 -15.73
N UNK G 65 10.40 -39.61 -16.15
CA UNK G 65 10.96 -38.56 -17.01
C UNK G 65 10.38 -38.64 -18.42
N UNK G 66 10.11 -39.85 -18.88
CA UNK G 66 9.55 -40.06 -20.22
C UNK G 66 8.14 -39.51 -20.31
N UNK G 67 7.38 -39.63 -19.22
CA UNK G 67 6.00 -39.15 -19.19
C UNK G 67 5.94 -37.63 -19.32
N UNK G 68 6.68 -36.94 -18.47
CA UNK G 68 6.71 -35.48 -18.48
C UNK G 68 7.33 -34.95 -19.77
N UNK G 69 8.20 -35.75 -20.38
CA UNK G 69 8.85 -35.37 -21.63
C UNK G 69 7.82 -35.26 -22.75
N UNK G 70 6.88 -36.20 -22.79
CA UNK G 70 5.83 -36.19 -23.79
C UNK G 70 4.87 -35.04 -23.57
N UNK G 71 4.55 -34.77 -22.30
CA UNK G 71 3.65 -33.69 -21.94
C UNK G 71 4.26 -32.34 -22.32
N UNK G 72 5.58 -32.27 -22.33
CA UNK G 72 6.28 -31.05 -22.71
C UNK G 72 6.07 -30.73 -24.18
N UNK G 73 5.80 -31.77 -24.97
CA UNK G 73 5.56 -31.61 -26.41
C UNK G 73 4.10 -31.26 -26.68
N UNK G 74 3.20 -31.84 -25.89
CA UNK G 74 1.77 -31.62 -26.08
C UNK G 74 1.36 -30.21 -25.67
N UNK G 75 1.94 -29.72 -24.57
CA UNK G 75 1.60 -28.40 -24.03
C UNK G 75 1.90 -27.28 -25.03
N UNK G 76 2.88 -27.51 -25.90
CA UNK G 76 3.27 -26.51 -26.89
C UNK G 76 2.27 -26.43 -28.04
N UNK G 77 1.59 -27.55 -28.31
CA UNK G 77 0.63 -27.61 -29.41
C UNK G 77 -0.56 -26.69 -29.18
N UNK G 78 -0.90 -26.46 -27.93
CA UNK G 78 -2.05 -25.64 -27.58
C UNK G 78 -1.68 -24.16 -27.47
N UNK G 79 -0.40 -23.88 -27.23
CA UNK G 79 0.07 -22.51 -27.04
C UNK G 79 -0.04 -21.71 -28.34
N UNK G 80 0.45 -22.29 -29.43
CA UNK G 80 0.47 -21.59 -30.72
C UNK G 80 -0.93 -21.28 -31.21
N UNK G 81 -1.91 -22.08 -30.80
CA UNK G 81 -3.28 -21.91 -31.25
C UNK G 81 -3.91 -20.64 -30.65
N UNK G 82 -3.60 -20.38 -29.38
CA UNK G 82 -4.16 -19.22 -28.68
C UNK G 82 -3.47 -17.94 -29.13
N UNK G 83 -2.19 -18.05 -29.46
CA UNK G 83 -1.41 -16.88 -29.89
C UNK G 83 -1.92 -16.36 -31.23
N UNK G 84 -2.22 -17.26 -32.15
CA UNK G 84 -2.70 -16.89 -33.47
C UNK G 84 -4.09 -16.28 -33.41
N UNK G 85 -4.96 -16.89 -32.61
CA UNK G 85 -6.33 -16.42 -32.46
C UNK G 85 -6.35 -15.04 -31.81
N UNK G 86 -5.37 -14.76 -30.97
CA UNK G 86 -5.26 -13.46 -30.31
C UNK G 86 -4.74 -12.40 -31.29
N UNK G 87 -3.78 -12.79 -32.11
CA UNK G 87 -3.21 -11.89 -33.10
C UNK G 87 -4.22 -11.58 -34.20
N UNK G 88 -4.95 -12.61 -34.63
CA UNK G 88 -5.96 -12.44 -35.67
C UNK G 88 -7.06 -11.49 -35.21
N UNK G 89 -7.42 -11.59 -33.93
CA UNK G 89 -8.45 -10.73 -33.37
C UNK G 89 -7.94 -9.29 -33.23
N UNK G 90 -6.70 -9.15 -32.75
CA UNK G 90 -6.10 -7.83 -32.57
C UNK G 90 -6.01 -7.10 -33.90
N UNK G 91 -5.78 -7.84 -34.98
CA UNK G 91 -5.67 -7.26 -36.30
C UNK G 91 -6.96 -6.61 -36.75
N UNK G 92 -8.08 -7.30 -36.53
CA UNK G 92 -9.39 -6.80 -36.90
C UNK G 92 -9.88 -5.76 -35.90
N UNK G 93 -9.60 -5.99 -34.63
CA UNK G 93 -10.01 -5.07 -33.58
C UNK G 93 -9.44 -3.67 -33.82
N UNK G 94 -8.18 -3.61 -34.22
CA UNK G 94 -7.53 -2.34 -34.52
C UNK G 94 -8.16 -1.69 -35.74
N UNK G 95 -8.53 -2.51 -36.72
CA UNK G 95 -9.15 -2.02 -37.94
C UNK G 95 -10.54 -1.44 -37.64
N UNK G 96 -11.28 -2.14 -36.79
CA UNK G 96 -12.61 -1.68 -36.39
C UNK G 96 -12.53 -0.38 -35.60
N UNK G 97 -11.52 -0.27 -34.75
CA UNK G 97 -11.32 0.94 -33.96
C UNK G 97 -10.99 2.13 -34.86
N UNK G 98 -10.16 1.87 -35.86
CA UNK G 98 -9.78 2.90 -36.83
C UNK G 98 -11.00 3.33 -37.65
N UNK G 99 -11.81 2.36 -38.04
CA UNK G 99 -13.02 2.62 -38.81
C UNK G 99 -14.00 3.42 -37.96
N UNK G 100 -14.14 3.02 -36.70
CA UNK G 100 -15.03 3.70 -35.77
C UNK G 100 -14.62 5.17 -35.60
N UNK G 101 -13.31 5.39 -35.54
CA UNK G 101 -12.77 6.74 -35.39
C UNK G 101 -13.16 7.62 -36.58
N UNK G 102 -13.23 7.02 -37.75
CA UNK G 102 -13.59 7.75 -38.97
C UNK G 102 -15.09 8.01 -39.04
N UNK G 103 -15.87 7.00 -38.64
CA UNK G 103 -17.32 7.10 -38.69
C UNK G 103 -17.83 8.11 -37.66
N UNK G 104 -17.33 8.02 -36.44
CA UNK G 104 -17.73 8.92 -35.37
C UNK G 104 -17.37 10.36 -35.70
N UNK G 105 -16.33 10.54 -36.50
CA UNK G 105 -15.89 11.87 -36.93
C UNK G 105 -16.92 12.50 -37.86
N UNK G 106 -17.46 11.70 -38.77
CA UNK G 106 -18.48 12.17 -39.70
C UNK G 106 -19.85 12.21 -39.04
N UNK G 107 -20.05 11.37 -38.03
CA UNK G 107 -21.31 11.33 -37.31
C UNK G 107 -21.60 12.69 -36.68
N UNK G 108 -20.67 13.18 -35.87
CA UNK G 108 -20.83 14.48 -35.23
C UNK G 108 -20.79 15.61 -36.25
N UNK G 109 -20.10 15.37 -37.37
CA UNK G 109 -20.02 16.35 -38.44
C UNK G 109 -21.39 16.54 -39.08
N UNK G 110 -22.06 15.44 -39.39
CA UNK G 110 -23.40 15.48 -39.97
C UNK G 110 -24.40 16.01 -38.96
N UNK G 111 -24.19 15.68 -37.69
CA UNK G 111 -25.06 16.14 -36.62
C UNK G 111 -24.99 17.66 -36.51
N UNK G 112 -23.78 18.20 -36.67
CA UNK G 112 -23.58 19.65 -36.62
C UNK G 112 -24.30 20.33 -37.77
N UNK G 113 -24.20 19.72 -38.95
CA UNK G 113 -24.88 20.25 -40.14
C UNK G 113 -26.39 20.14 -39.98
N UNK G 114 -26.85 19.01 -39.44
CA UNK G 114 -28.27 18.79 -39.21
C UNK G 114 -28.84 19.85 -38.27
N UNK G 115 -28.08 20.16 -37.23
CA UNK G 115 -28.49 21.18 -36.27
C UNK G 115 -28.50 22.56 -36.94
N UNK G 116 -27.55 22.79 -37.83
CA UNK G 116 -27.46 24.05 -38.54
C UNK G 116 -28.64 24.20 -39.50
N UNK G 117 -28.93 23.13 -40.24
CA UNK G 117 -30.05 23.13 -41.17
C UNK G 117 -31.36 23.38 -40.43
N UNK G 118 -31.48 22.79 -39.25
CA UNK G 118 -32.67 22.96 -38.42
C UNK G 118 -32.79 24.41 -37.97
N UNK G 119 -31.66 25.05 -37.71
CA UNK G 119 -31.65 26.45 -37.30
C UNK G 119 -32.03 27.37 -38.46
N UNK G 120 -31.64 26.98 -39.67
CA UNK G 120 -31.94 27.76 -40.86
C UNK G 120 -33.43 27.79 -41.15
N UNK G 121 -34.04 26.60 -41.22
CA UNK G 121 -35.46 26.49 -41.53
C UNK G 121 -36.32 27.22 -40.50
N UNK G 122 -35.88 27.22 -39.25
CA UNK G 122 -36.62 27.91 -38.20
C UNK G 122 -36.63 29.42 -38.44
N UNK G 123 -35.50 29.95 -38.89
CA UNK G 123 -35.39 31.38 -39.17
C UNK G 123 -36.13 31.73 -40.45
N UNK G 124 -36.07 30.83 -41.43
CA UNK G 124 -36.76 31.03 -42.70
C UNK G 124 -38.28 31.12 -42.48
N UNK G 125 -38.83 30.10 -41.83
CA UNK G 125 -40.27 30.06 -41.56
C UNK G 125 -40.72 31.29 -40.79
N UNK G 126 -39.86 31.79 -39.91
CA UNK G 126 -40.18 32.97 -39.12
C UNK G 126 -40.23 34.21 -40.01
N UNK G 127 -39.26 34.34 -40.90
CA UNK G 127 -39.21 35.47 -41.82
C UNK G 127 -40.34 35.38 -42.84
N UNK G 128 -40.55 34.18 -43.39
CA UNK G 128 -41.63 33.95 -44.34
C UNK G 128 -42.98 34.35 -43.74
N UNK G 129 -43.17 34.02 -42.47
CA UNK G 129 -44.40 34.36 -41.77
C UNK G 129 -44.61 35.87 -41.78
N UNK G 130 -43.53 36.62 -41.61
CA UNK G 130 -43.58 38.08 -41.62
C UNK G 130 -43.88 38.60 -43.02
N UNK G 131 -43.24 38.00 -44.02
CA UNK G 131 -43.44 38.40 -45.41
C UNK G 131 -44.90 38.22 -45.82
N UNK G 132 -45.52 37.14 -45.34
CA UNK G 132 -46.91 36.87 -45.64
C UNK G 132 -47.82 37.95 -45.05
N UNK G 133 -47.52 38.37 -43.82
CA UNK G 133 -48.31 39.41 -43.16
C UNK G 133 -48.20 40.73 -43.91
N UNK G 134 -46.99 41.09 -44.31
CA UNK G 134 -46.76 42.33 -45.04
C UNK G 134 -47.39 42.27 -46.42
N UNK G 135 -47.45 41.07 -47.13
CA UNK G 135 -48.03 40.88 -48.45
C UNK G 135 -49.54 41.12 -48.41
PB ADP H . 5.45 -1.07 -11.38
O1B ADP H . 6.74 -0.96 -10.60
O2B ADP H . 5.55 -1.94 -12.61
O3B ADP H . 4.72 0.23 -11.60
PA ADP H . 4.83 -3.41 -9.96
O1A ADP H . 6.16 -3.39 -9.23
O2A ADP H . 4.62 -4.32 -11.15
O3A ADP H . 4.48 -1.90 -10.40
O5' ADP H . 3.67 -3.73 -8.88
C5' ADP H . 3.76 -4.88 -8.03
C4' ADP H . 2.47 -5.02 -7.23
O4' ADP H . 1.37 -5.22 -8.13
C3' ADP H . 2.52 -6.21 -6.29
O3' ADP H . 2.61 -5.75 -4.94
C2' ADP H . 1.21 -6.94 -6.51
O2' ADP H . 0.45 -6.96 -5.29
C1' ADP H . 0.46 -6.17 -7.57
N9 ADP H . 0.00 -7.11 -8.64
C8 ADP H . 0.75 -7.60 -9.63
N7 ADP H . 0.03 -8.42 -10.43
C5 ADP H . -1.22 -8.47 -9.94
C6 ADP H . -2.49 -9.15 -10.30
N6 ADP H . -2.56 -9.97 -11.38
N1 ADP H . -3.57 -8.93 -9.52
C2 ADP H . -3.52 -8.11 -8.45
N3 ADP H . -2.40 -7.46 -8.06
C4 ADP H . -1.24 -7.60 -8.75
MG MG I . 4.29 2.09 -12.62
PB ADP J . 27.64 -42.85 18.12
O1B ADP J . 28.45 -42.59 19.37
O2B ADP J . 28.43 -43.48 16.99
O3B ADP J . 26.77 -41.69 17.69
PA ADP J . 27.10 -45.44 19.01
O1A ADP J . 27.96 -45.26 20.24
O2A ADP J . 27.63 -46.17 17.81
O3A ADP J . 26.59 -43.98 18.55
O5' ADP J . 25.72 -46.16 19.47
C5' ADP J . 25.75 -47.37 20.22
C4' ADP J . 24.33 -47.92 20.32
O4' ADP J . 23.80 -48.19 19.02
C3' ADP J . 24.27 -49.21 21.11
O3' ADP J . 23.65 -48.99 22.39
C2' ADP J . 23.44 -50.17 20.28
O2' ADP J . 22.27 -50.54 21.02
C1' ADP J . 23.04 -49.40 19.04
N9 ADP J . 23.35 -50.21 17.83
C8 ADP J . 24.58 -50.37 17.29
N7 ADP J . 24.53 -51.17 16.19
C5 ADP J . 23.25 -51.54 16.02
C6 ADP J . 22.50 -52.39 15.06
N6 ADP J . 23.13 -53.00 14.03
N1 ADP J . 21.17 -52.52 15.25
C2 ADP J . 20.53 -51.90 16.26
N3 ADP J . 21.14 -51.13 17.16
C4 ADP J . 22.48 -50.91 17.10
MG MG K . 26.00 -39.46 17.67
PB ADP L . -18.12 42.50 -37.51
O1B ADP L . -16.64 42.32 -37.23
O2B ADP L . -18.67 41.59 -38.57
O3B ADP L . -18.55 43.95 -37.65
PA ADP L . -18.71 40.49 -35.65
O1A ADP L . -17.25 40.20 -35.41
O2A ADP L . -19.52 39.62 -36.58
O3A ADP L . -18.85 42.01 -36.15
O5' ADP L . -19.45 40.54 -34.23
C5' ADP L . -19.29 39.48 -33.29
C4' ADP L . -20.25 39.69 -32.11
O4' ADP L . -21.60 39.62 -32.57
C3' ADP L . -20.07 38.62 -31.04
O3' ADP L . -19.47 39.19 -29.88
C2' ADP L . -21.47 38.13 -30.72
O2' ADP L . -21.78 38.40 -29.35
C1' ADP L . -22.41 38.91 -31.63
N9 ADP L . -23.32 37.97 -32.34
C8 ADP L . -22.99 37.21 -33.39
N7 ADP L . -24.03 36.45 -33.81
C5 ADP L . -25.08 36.75 -33.00
C6 ADP L . -26.49 36.31 -32.89
N6 ADP L . -27.01 35.40 -33.74
N1 ADP L . -27.24 36.86 -31.91
C2 ADP L . -26.74 37.77 -31.06
N3 ADP L . -25.46 38.21 -31.10
C4 ADP L . -24.60 37.74 -32.04
MG MG M . -19.36 45.84 -38.46
PB ADP N . -5.54 -13.56 31.92
O1B ADP N . -6.27 -14.81 31.50
O2B ADP N . -5.89 -13.07 33.30
O3B ADP N . -5.49 -12.48 30.86
PA ADP N . -3.57 -15.14 33.14
O1A ADP N . -4.33 -16.42 32.84
O2A ADP N . -3.65 -14.52 34.51
O3A ADP N . -4.00 -14.03 32.05
O5' ADP N . -2.02 -15.38 32.78
C5' ADP N . -1.32 -16.50 33.33
C4' ADP N . 0.16 -16.39 32.94
O4' ADP N . 0.72 -15.20 33.51
C3' ADP N . 0.97 -17.57 33.46
O3' ADP N . 1.35 -18.42 32.38
C2' ADP N . 2.20 -16.96 34.11
O2' ADP N . 3.38 -17.41 33.44
C1' ADP N . 2.05 -15.46 33.97
N9 ADP N . 2.28 -14.80 35.28
C8 ADP N . 1.37 -14.72 36.28
N7 ADP N . 1.88 -14.06 37.35
C5 ADP N . 3.15 -13.70 37.04
C6 ADP N . 4.25 -12.98 37.72
N6 ADP N . 4.11 -12.49 38.97
N1 ADP N . 5.40 -12.82 37.03
C2 ADP N . 5.56 -13.30 35.78
N3 ADP N . 4.61 -13.96 35.11
C4 ADP N . 3.40 -14.19 35.68
MG MG O . -6.24 -10.89 29.58
PB ADP P . -13.58 36.36 8.24
O1B ADP P . -14.58 35.24 8.34
O2B ADP P . -13.21 36.97 9.57
O3B ADP P . -13.88 37.37 7.16
PA ADP P . -11.50 34.53 8.64
O1A ADP P . -12.46 33.39 8.85
O2A ADP P . -10.87 35.21 9.83
O3A ADP P . -12.24 35.65 7.74
O5' ADP P . -10.33 34.02 7.67
C5' ADP P . -9.64 32.80 7.94
C4' ADP P . -8.43 32.68 7.01
O4' ADP P . -7.51 33.74 7.27
C3' ADP P . -7.70 31.37 7.19
O3' ADP P . -7.90 30.52 6.06
C2' ADP P . -6.23 31.73 7.31
O2' ADP P . -5.49 31.14 6.24
C1' ADP P . -6.17 33.25 7.21
N9 ADP P . -5.37 33.79 8.35
C8 ADP P . -5.83 33.99 9.59
N7 ADP P . -4.86 34.50 10.40
C5 ADP P . -3.75 34.63 9.65
C6 ADP P . -2.36 35.10 9.87
N6 ADP P . -1.96 35.55 11.09
N1 ADP P . -1.52 35.08 8.83
C2 ADP P . -1.90 34.64 7.61
N3 ADP P . -3.14 34.19 7.34
C4 ADP P . -4.09 34.16 8.30
MG MG Q . -14.56 39.11 5.92
#